data_9V27
#
_entry.id   9V27
#
_cell.length_a   1.00
_cell.length_b   1.00
_cell.length_c   1.00
_cell.angle_alpha   90.00
_cell.angle_beta   90.00
_cell.angle_gamma   90.00
#
_symmetry.space_group_name_H-M   'P 1'
#
loop_
_entity.id
_entity.type
_entity.pdbx_description
1 polymer '40S ribosomal protein S26'
2 polymer 'Small ribosomal subunit protein eS27'
3 polymer 'Unknown peptide'
4 polymer A/P-tRNA
5 polymer P/E-tRNA
6 polymer mRNA
7 polymer '17S rRNA'
8 polymer 'Small ribosomal subunit protein uS2'
9 polymer 'Small ribosomal subunit protein uS5'
10 polymer 'Small ribosomal subunit protein eS1'
11 polymer '40S ribosomal protein S4, putative'
12 polymer '40S ribosomal protein S6'
13 polymer '40S ribosomal protein S7'
14 polymer '40S ribosomal protein S8'
15 polymer 'Small ribosomal subunit protein uS4'
16 polymer '40S ribosomal protein S11, putative'
17 polymer '40S ribosomal protein S13, putative'
18 polymer 'Ribosomal protein S14, putative'
19 polymer '40S ribosomal protein S15a, putative'
20 polymer '40S ribosomal protein S21'
21 polymer '40S ribosomal protein S23, putative'
22 polymer '40S ribosomal protein S24, putative'
#
loop_
_entity_poly.entity_id
_entity_poly.type
_entity_poly.pdbx_seq_one_letter_code
_entity_poly.pdbx_strand_id
1 'polypeptide(L)'
;MTSKRRNNGRSKKGRGHTQNVRCSHCGRCVPKDKAIKRYQIKNIVEAAAVRDISDNSALTKYKLPKTYMKLEYCVSCGIH
GRVVRVRSRTDRRNRLPPKRVVKKTNKQQAVKPSTEAVKVEIPADVVTAPKVAAQKERPFKYLQ
;
sB
2 'polypeptide(L)'
;MPLIEVDLLNPTAASEAKAHKMKRLVPTPNSYFLEIKCPKCGATTTTFSHAHRQILCQKCGQPLGQPTGGKLKLTQQCKF
RIKK
;
sC
3 'polypeptide(L)' (UNK)(UNK)(UNK)(UNK)(UNK)(UNK) sH
4 'polyribonucleotide' GGCCCCAUAGCUCAGGGAUGAGAGCACGCGACUCUUAAUCGCGUGGUCGCAGGUUCAAGUCCUGCUGGGGCCACCA sI
5 'polyribonucleotide' CUCUUCAUGGUGCAGCCCGUUAGCUCGUCGGGCUUUUAACCCGAAGGUCUUCGGUUCAAAUCCGGCCGAAGAAACCA sJ
6 'polyribonucleotide' UUGAAAAAAU sK
7 'polyribonucleotide'
;UAUCUGGUUGAUCCUGCCAGUAUUAUAUGCUGAUGUUAAAGAUUAAGCCAUGCAUGUGUAAGUAUAAAGACCAAGUAGGA
UGAAACUGCGGACGGCUCAUUAUAACAGUAAUAGUUUCUUUGGUUAGUAAAAUACAAGGAUAGCUUUGUGAAUGAUAAAG
AUAAUACUUGAGACGAUCCAGUUUGUAUUAGUACAAAAUGGCCAAUUCAUUCAAUGAAUUGAGAAAUGACAUUCUAAGUG
AGUUAGGAUGCCACGACAAUUGUAGAACACACAGUGUUUAACAAGUAACCAAUGAGAAUUUCUGAUCUAUCAAUCAGUUG
GUAGUAUCGAGGACUACCAAGAUUAUAACGGAUAACGAGGAAUUGGGGUUCGACAUCGGAGAGGGAGCUUUACAGAUGGC
UACCACUUCUAAGGAAGGCAGCAGGCGCGUAAAUUACCCACUUUCGAAUUGAAGAGGUAGUGACGACACAUAACUCUAGA
GUUGAGUAAAAUCAAUUCUUGAAGGAAUGAGUAGGAGGUAAAUUCUCCUACGAAAUCAAUUGGAGGGCAAGUCUGGUGCC
AGCAGCCGCGGUAAUUCCAGCUCCAAUAGUGUAUAUUAAAGUUGCUGUGAUUAAAACGCUCGUAGUUGAAUUAAAAUGUG
GUUUUAUACAUUUUGAAGACUUUAUGUAAGUAAAGUUUCUAGAAAUGUUAAAUUAAAAUCAAAGAAGGAAACAAUUCAAG
UAAUUGAGUUGUUAUUACUUUGAAUAAAAUAAGGUGUUUAAAGCAAAACAUUAUGUUAAUGAAUAUUCAAGCAUGGGACA
AUGCUGAGGGGAUGUCAAUAAGACAUUUCGAGAGAAGGAUUAAAAGGAACAAUUGGGGUGAUUCAGAAAAUAACGGGAGA
GGUGAAAAUCCAUGAUCGCUAUAAGAUGCACGAGAGCGAAAGCAUUUCACUCAACUGUGUCCAUUAAUCAAGAACGAAAG
UUAGGGGAUCGAAGACGAUCAGAUACCGUCGUAGUCCUAACUAUAAACGAUGUCAACCAAGGAUUGGAUGAAAUUCAGAU
GUACAAAGAUAGAGAAGCAUUGUUUCUAGAUCUGAGUAUAUCAAUAUUACCUUGUUCAGAACUUAAAGAGAAAUCUUGAG
UUUAUGGACUUCAGGGGGAGUAUGGUCACAAGGCUGAAACUUAAAGGAAUUGACGGAAGGGCACACCAGGAGUGGAGCCU
GCGGCUUAAUUUGACUCAACACGGGAAAACUUACCAAGACCGAACAGUAGAAGGAAUGACAGAUUAAGAGUUCUUUCAUG
AUUUAUUGGGUAGUGGUGCAUGGCCGUUCUUAGUUGGUGGAGUGAUUUGUCAGGUUAAUUCCGGUAACGAACGAGACUGA
AACCUAUUAAUUAGUUUUCUGCCUAUAAGACAGAAAUGUUCGCAAGAACAGGUGCGUAAGUACCACUUCUUAAAGGGACA
CAUUUCAAUUGUCCUAUUUUAAUUGUAGUUAUCUAAUUUCGGUUAGACCUCUUUUAACGUGGGAAAAAGAAAAAGGAAGC
AUUCAGCAAUAACAGGUCUGUGAUGCCCUUAGACAUCUUGGGCCGCACGCGCGCUACAAUGGAGUUACUAGAGAGUAUUU
UAUCAUUUACACCUUAUUUAUUAGGCUUUGUCUAAUAAUUAAGGAUAGUAAGUGGUGUACCGAGAUUGAAAUAGUUAAGG
AAAACUCAAAAGAACGUACAUGACAGGGAUAAAUGAUUGGAAUUAUUUGUUUUGAACGAGGAAUUCCUUGUAAUAUCGAG
UCAUUAACUCGAGAUGAAUACGUCCCUGCCCUUUGUACACACCGCCCGUCGCUCCUACCGAUUGAAUAAAGAGGUGAAAU
UCUAGGAUUCUGUCUUAUAGAUAGAAAAAUGGAUUUAAAUCUCCUUAUUUAGAGGAAGGAGAAGUCGUAACAAGGUUUCC
GUAGGUGAACCUGCGGAAGGAUCAUUA
;
sa
8 'polypeptide(L)'
;MSKNVKTNFPDILKPSAEDIKMMVACRVHIGATNLNFAMEEYVYERGNNNECIFNLMKTWEKLSLAARVIAGISNETPSD
VVAVAGREMAHRASLKFMKYTGCTAVAGRFTPGSFTNQIQKKFMEPRLIIVSDPSVDHQALRESGYINVPTIAFCNSDNS
LKNVDIAIPCNNRSRLSIGLMWWMLTREILRYQGKLARDEKWDVMVDLFLHRELDAKKDAPVIAGEEKVAKVEDKKAASD
ATVASTEWDDQKKN
;
sb
9 'polypeptide(L)'
;MDAKQQRGEKRQFGNRRGGRGAPRGRGARKDGASDGWTPVTKLGRLVKDGKVKSIDQIFEFGIKIKEYQIVDHLLPGLKE
EVMTMQSVQKQTSAGQRTRLKAYVAIGDHNGHAGLGVKCAKEVAEAIKGAMIQAKLAMVPVRRGYWGATIGEVHTVPCKL
TGACGSVRVRLVPAPRGTGIVAAPTPKKFLILAGIEDVFTQTTGHTKTLGNFVKATYDAVRQSYGFQTKDLWKVGGVKQS
PMDKYAKILAESKKN
;
sc
10 'polypeptide(L)'
;MATGKNKKYKAGNVKKGSKRKIAEPFSKKEWYNVKVPKNFKRRTVGQIVVNKTAGTRIASEQLKGRVVEVNLADLMENEK
FGAYNYKFKCEDVNGKDCLMIFHGLKLTTDKLRSIVKKWCTLIETSVDVKTTDGHLIRIFCIGFTSRKSNQIKKTSYAKS
AQIKKIRKIMNNLITKEAASRELTQFVDYLRENKLPKEIVAKCSKVFSMDNVYIRKVKILKAGKIDSLKLLDQHQDTSAP
VEAAPVAEEKGEVVEA
;
se
11 'polypeptide(L)'
;MARGPRHHLKRLNAPHHWMLSKLGGTFAPKPSHGPHGMKECLPLILILRNRLNYALNGREVTMIVKNRTIKIDGKIRTDT
RYPVGFMDVLSIPRTKENFRLMYNTKRRFCLVPLTAEQAKFKLCKIEKRVLGTGAIPYIVTHDGRTIRYPHPELQANDTI
KLNLETGKIVDFVKFDIGNTAMMIGGNGMGRVGVIVKREVHPGSFEIVHIKDAKGNTFTTRLNNVFVIGKGTETLVNLPL
DKGIKKPLLQQVNETIKKNKMQKAGIQKASKKSKTTTEKKVTPKAAVEKKEEQVEKIYKKYPKKQAAPKKSKGNKKVVPG
KKIGKK
;
sf
12 'polypeptide(L)'
;MKINVANPATGRIKKFDFEEEKNYRPFLDKRIGQEVDASSLGDEFKGYILKITGGCDKDGFPMMTGVATNNRVRLLLDGR
NGCYKPLRNGERRRKTVRGAIVAGDISVLNTIVVKKGEGEIEGVTNDALPMRAGPKRASHIRKLFNLSQKDDVKKFVIRR
EVAKKHPKEGKSTKRSKAPKIQRLVTPRRLQHKAQKLEAKKLHKIAMLKEAKRYAAILNRYKVLKAHGMKVVSFADTDAV
FKQNKAGSKKAASKGKKVGSKKTGKK
;
sh
13 'polypeptide(L)'
;MSGKMTAAKSAARAQVSTEVVVKKPGFDAYSKLVKEAVAGIPELKGVKVISAKKVTISKDKKATVIFIPLRMMRICRASF
EKVIEALEKKLNGPVFIIGKRVVAHTKKVGQSGKTDYKPRSRTSKAVHEAYLNEMLYPVEVAGQRVHATLVHKKVANSKT
VFVAVDDAKLKNSVKAKLPIYSAVYKNITGEKVKFAFPVVA
;
si
14 'polypeptide(L)'
;MGITRDSRHKRRATGGKKNSMQKKKKNTMGRQPANTRLGAIRVHDVRCRYGIIKRRALRLENGNFSWASQSITKGTKILN
VVYNASDNDFVRTNTLVKGAIIEIDPAPFRLWFLKFYGKDIASTDYYKSLESATFKTEKKVVLPKEEENKEKTIAQQIAE
TQVALMNPSKTMQKKYAKKLEVLKNMKFDEALLEGFQSGRVLACISSRPGQTGSVEGYILEGKELDFYSKKISDKKK
;
sj
15 'polypeptide(L)'
;MGRCLRNHSITYKTPKVPYERERFDAELKLVGQFGLKNKKEIQRVHYMLGHMRTIAKVMLMKDAKDPKRLLEGAALLRRL
HNLGILPRDQNKLEFVLALKEENLLERRLQTLVYRKGFAKSIHHARVLIRGKMIKVGKQVVDVPSFLVRVESEPLIQLAD
NTPLTNPEINGRRKRKNNHAGKEDN
;
sk
16 'polypeptide(L)'
;MAEQTERAYQKQVFHHHSRNEKGEIDFGNVKRYHKQIGMGFVTPAEAIKGTYIDKKCPFTSDVSIRGRTLSGIVKSCHMK
RTIIVRRDYFHYVSKYQRYEKRHKNIAVHCSPAFRQLKEGDHVVIGQCRPLSKTVRFNVLKFTSRGTGDKKQFAIF
;
sm
17 'polypeptide(L)'
;MGRMYNPGRGISRRCIPYRRSAPSWLKTSTLEVIDEMCKLAKKGIAPSQIGAIMRDTHGVGLVKSVTGSKVLRILKLAGL
APKIPEDLYFLMKRAVSVRKHLEKNKKDKDAKYHLILIESKIHRLTRYYKSAKVLEASFKYDANTASAIVS
;
so
18 'polypeptide(L)'
;MSKKVAAKSNVPEVIPGSTKDAFGVAHIYATFNDTFVHVTDISGKETIIRITGGMRVKADRDESSPYAAMTAAQDVAKRC
KDLGVTSLHIKMRGEGGVYSKTPGPGAQAALRALARANMKIGRIEDVTPIPTDCTKRKGGRRGRRL
;
sp
19 'polypeptide(L)'
;MVRVNVLADALKSITNAEKQGKRQVMIRPASKVICEFLNVMMKHQYITDYTVVDTHRSGKIVVNLNGRLNKCAVISPRFN
VTLSEFDKWEANLLPSRHFGALVLTTSYGILDNTEARAKHTGGRILGFFY
;
sr
20 'polypeptide(L)'
;MASNKKIELYIPRHCSVTHTLIAADDHAAVQILVPHVNENGVILPESTVYTVKGSVRKDGISDHSLNRQFQKDGFLKTVV
PKNMMI
;
sx
21 'polypeptide(L)'
;MARGLHAARKMLAQRRANKWADKEWKKGKLVTRYKCNPLGTASHAKGLVQEKLGIETKQPNSGIRKCVRVRLLKNGKKIT
AFVPRDGSLNYVNENDEVLISGFGRRGHAVGDIPGVRFKVVCVAGVSLWGLWTNKKQKPHA
;
sy
22 'polypeptide(L)'
;MATQKSEVTIRTRNLIVNPLLCRKQVVVDIYHPGIVQPKFTEIKEKLAKMYKVKDVQTIVLNGFVTKYGGGKTSGFALIY
DTLSALKKFVPKHQLIRAGLDKKTKAPRKARKEHKKKWRMCHSFKDYKKKEMKKASRKKK
;
sz
#
# COMPACT_ATOMS: atom_id res chain seq x y z
N THR A 2 -30.05 4.69 -17.57
CA THR A 2 -29.69 3.56 -18.42
C THR A 2 -30.69 2.43 -18.25
N SER A 3 -30.51 1.68 -17.17
CA SER A 3 -31.33 0.49 -16.95
C SER A 3 -32.78 0.88 -16.76
N LYS A 4 -33.60 0.61 -17.76
CA LYS A 4 -35.03 0.86 -17.65
C LYS A 4 -35.73 -0.17 -16.79
N ARG A 5 -35.15 -1.37 -16.67
CA ARG A 5 -35.77 -2.44 -15.90
C ARG A 5 -34.70 -3.19 -15.12
N ARG A 6 -35.09 -3.70 -13.95
CA ARG A 6 -34.16 -4.48 -13.14
C ARG A 6 -33.98 -5.88 -13.69
N ASN A 7 -35.05 -6.48 -14.21
CA ASN A 7 -34.98 -7.79 -14.84
C ASN A 7 -34.71 -7.70 -16.32
N ASN A 8 -34.43 -6.51 -16.84
CA ASN A 8 -34.11 -6.27 -18.24
C ASN A 8 -35.28 -6.61 -19.16
N GLY A 9 -36.50 -6.64 -18.62
CA GLY A 9 -37.68 -6.88 -19.40
C GLY A 9 -38.06 -8.34 -19.57
N ARG A 10 -37.15 -9.26 -19.27
CA ARG A 10 -37.42 -10.68 -19.39
C ARG A 10 -37.93 -11.20 -18.05
N SER A 11 -37.97 -12.53 -17.92
CA SER A 11 -38.27 -13.16 -16.64
C SER A 11 -37.31 -14.30 -16.33
N LYS A 12 -36.10 -14.24 -16.90
CA LYS A 12 -35.12 -15.30 -16.77
C LYS A 12 -34.06 -14.87 -15.76
N LYS A 13 -33.79 -15.73 -14.77
CA LYS A 13 -32.87 -15.39 -13.70
C LYS A 13 -31.67 -16.31 -13.61
N GLY A 14 -31.88 -17.62 -13.51
CA GLY A 14 -30.77 -18.52 -13.27
C GLY A 14 -30.44 -19.45 -14.41
N ARG A 15 -30.70 -19.01 -15.63
CA ARG A 15 -30.41 -19.79 -16.82
C ARG A 15 -29.62 -18.92 -17.78
N GLY A 16 -29.22 -19.50 -18.91
CA GLY A 16 -28.44 -18.77 -19.88
C GLY A 16 -29.14 -18.62 -21.22
N HIS A 17 -30.05 -19.54 -21.53
CA HIS A 17 -30.68 -19.56 -22.83
C HIS A 17 -32.09 -20.12 -22.70
N THR A 18 -32.98 -19.66 -23.58
CA THR A 18 -34.34 -20.16 -23.66
C THR A 18 -34.75 -20.23 -25.12
N GLN A 19 -35.65 -21.15 -25.43
CA GLN A 19 -36.09 -21.33 -26.80
C GLN A 19 -36.90 -20.14 -27.28
N ASN A 20 -36.76 -19.82 -28.55
CA ASN A 20 -37.59 -18.79 -29.15
C ASN A 20 -39.01 -19.29 -29.38
N VAL A 21 -39.93 -18.35 -29.47
CA VAL A 21 -41.28 -18.59 -29.93
C VAL A 21 -41.59 -17.55 -31.01
N ARG A 22 -42.82 -17.58 -31.51
CA ARG A 22 -43.21 -16.73 -32.63
C ARG A 22 -44.31 -15.78 -32.19
N CYS A 23 -44.10 -14.48 -32.44
CA CYS A 23 -45.13 -13.50 -32.17
C CYS A 23 -46.39 -13.84 -32.95
N SER A 24 -47.54 -13.77 -32.29
CA SER A 24 -48.78 -14.26 -32.88
C SER A 24 -49.26 -13.39 -34.03
N HIS A 25 -48.87 -12.12 -34.07
CA HIS A 25 -49.32 -11.21 -35.11
C HIS A 25 -48.26 -10.92 -36.15
N CYS A 26 -46.98 -11.14 -35.84
CA CYS A 26 -45.88 -10.80 -36.73
C CYS A 26 -45.03 -12.00 -37.14
N GLY A 27 -44.97 -13.04 -36.32
CA GLY A 27 -44.07 -14.14 -36.60
C GLY A 27 -42.62 -13.88 -36.22
N ARG A 28 -42.35 -12.80 -35.49
CA ARG A 28 -41.00 -12.50 -35.09
C ARG A 28 -40.52 -13.48 -34.03
N CYS A 29 -39.26 -13.91 -34.15
CA CYS A 29 -38.67 -14.80 -33.17
C CYS A 29 -38.41 -14.04 -31.88
N VAL A 30 -39.10 -14.43 -30.80
CA VAL A 30 -38.92 -13.77 -29.51
C VAL A 30 -38.61 -14.84 -28.48
N PRO A 31 -37.76 -14.56 -27.48
CA PRO A 31 -37.47 -15.58 -26.47
C PRO A 31 -38.71 -15.93 -25.68
N LYS A 32 -38.73 -17.16 -25.16
CA LYS A 32 -39.92 -17.64 -24.46
C LYS A 32 -40.21 -16.80 -23.22
N ASP A 33 -39.17 -16.45 -22.45
CA ASP A 33 -39.39 -15.73 -21.21
C ASP A 33 -39.69 -14.26 -21.43
N LYS A 34 -39.21 -13.68 -22.53
CA LYS A 34 -39.47 -12.28 -22.82
C LYS A 34 -40.80 -12.06 -23.53
N ALA A 35 -41.45 -13.12 -23.98
CA ALA A 35 -42.69 -12.98 -24.73
C ALA A 35 -43.81 -12.47 -23.84
N ILE A 36 -44.73 -11.72 -24.43
CA ILE A 36 -45.93 -11.26 -23.75
C ILE A 36 -46.99 -12.34 -23.90
N LYS A 37 -47.32 -13.00 -22.79
CA LYS A 37 -48.17 -14.18 -22.81
C LYS A 37 -49.59 -13.82 -22.40
N ARG A 38 -50.56 -14.19 -23.23
CA ARG A 38 -51.97 -13.97 -22.93
C ARG A 38 -52.76 -15.22 -23.25
N TYR A 39 -53.72 -15.53 -22.40
CA TYR A 39 -54.56 -16.72 -22.54
C TYR A 39 -55.99 -16.28 -22.80
N GLN A 40 -56.60 -16.84 -23.86
CA GLN A 40 -57.93 -16.46 -24.29
C GLN A 40 -58.85 -17.66 -24.26
N ILE A 41 -60.00 -17.51 -23.62
CA ILE A 41 -61.05 -18.51 -23.62
C ILE A 41 -62.29 -17.85 -24.19
N LYS A 42 -62.73 -18.30 -25.35
CA LYS A 42 -63.84 -17.70 -26.07
C LYS A 42 -64.82 -18.77 -26.49
N ASN A 43 -66.10 -18.41 -26.49
CA ASN A 43 -67.11 -19.31 -27.05
C ASN A 43 -66.99 -19.33 -28.56
N ILE A 44 -67.22 -20.52 -29.14
CA ILE A 44 -67.19 -20.62 -30.60
C ILE A 44 -68.34 -19.84 -31.21
N VAL A 45 -69.47 -19.75 -30.51
CA VAL A 45 -70.64 -19.03 -30.98
C VAL A 45 -70.79 -17.77 -30.13
N GLU A 46 -70.85 -16.63 -30.80
CA GLU A 46 -70.92 -15.36 -30.08
C GLU A 46 -72.31 -15.15 -29.49
N ALA A 47 -72.40 -14.16 -28.61
CA ALA A 47 -73.66 -13.93 -27.89
C ALA A 47 -74.78 -13.50 -28.83
N ALA A 48 -74.45 -12.87 -29.95
CA ALA A 48 -75.46 -12.42 -30.89
C ALA A 48 -76.09 -13.57 -31.69
N ALA A 49 -75.49 -14.75 -31.66
CA ALA A 49 -75.97 -15.87 -32.44
C ALA A 49 -76.40 -17.06 -31.60
N VAL A 50 -76.04 -17.11 -30.31
CA VAL A 50 -76.34 -18.27 -29.49
C VAL A 50 -77.84 -18.49 -29.35
N ARG A 51 -78.65 -17.45 -29.57
CA ARG A 51 -80.09 -17.63 -29.54
C ARG A 51 -80.57 -18.45 -30.72
N ASP A 52 -80.10 -18.13 -31.93
CA ASP A 52 -80.51 -18.87 -33.11
C ASP A 52 -80.05 -20.32 -33.06
N ILE A 53 -78.81 -20.54 -32.61
CA ILE A 53 -78.26 -21.90 -32.57
C ILE A 53 -79.07 -22.77 -31.62
N SER A 54 -79.38 -22.24 -30.43
CA SER A 54 -80.18 -23.01 -29.48
C SER A 54 -81.61 -23.16 -29.97
N ASP A 55 -82.10 -22.23 -30.77
CA ASP A 55 -83.48 -22.25 -31.25
C ASP A 55 -83.74 -23.48 -32.12
N ASN A 56 -83.08 -23.55 -33.27
CA ASN A 56 -83.18 -24.71 -34.16
C ASN A 56 -81.94 -25.58 -33.98
N SER A 57 -81.93 -26.32 -32.87
CA SER A 57 -80.84 -27.21 -32.52
C SER A 57 -81.29 -28.65 -32.65
N ALA A 58 -80.42 -29.50 -33.19
CA ALA A 58 -80.75 -30.89 -33.45
C ALA A 58 -80.55 -31.78 -32.23
N LEU A 59 -80.06 -31.24 -31.11
CA LEU A 59 -79.78 -32.02 -29.92
C LEU A 59 -80.73 -31.61 -28.80
N THR A 60 -80.61 -32.29 -27.67
CA THR A 60 -81.52 -32.09 -26.54
C THR A 60 -80.97 -31.09 -25.53
N LYS A 61 -79.79 -31.36 -24.99
CA LYS A 61 -79.17 -30.53 -23.95
C LYS A 61 -77.70 -30.30 -24.25
N TYR A 62 -77.40 -29.94 -25.49
CA TYR A 62 -76.03 -29.68 -25.88
C TYR A 62 -75.49 -28.46 -25.16
N LYS A 63 -74.29 -28.59 -24.61
CA LYS A 63 -73.59 -27.48 -23.95
C LYS A 63 -72.50 -26.98 -24.89
N LEU A 64 -72.64 -25.75 -25.37
CA LEU A 64 -71.75 -25.24 -26.39
C LEU A 64 -70.32 -25.15 -25.87
N PRO A 65 -69.32 -25.43 -26.70
CA PRO A 65 -67.94 -25.43 -26.24
C PRO A 65 -67.29 -24.05 -26.32
N LYS A 66 -66.06 -23.98 -25.80
CA LYS A 66 -65.26 -22.77 -25.82
C LYS A 66 -63.87 -23.12 -26.33
N THR A 67 -63.23 -22.16 -26.98
CA THR A 67 -61.87 -22.34 -27.46
C THR A 67 -60.87 -22.03 -26.36
N TYR A 68 -59.63 -22.49 -26.56
CA TYR A 68 -58.56 -22.24 -25.61
C TYR A 68 -57.26 -22.10 -26.41
N MET A 69 -56.81 -20.87 -26.59
CA MET A 69 -55.57 -20.60 -27.30
C MET A 69 -54.70 -19.66 -26.49
N LYS A 70 -53.41 -19.95 -26.44
CA LYS A 70 -52.44 -19.12 -25.73
C LYS A 70 -51.66 -18.29 -26.75
N LEU A 71 -51.69 -16.98 -26.60
CA LEU A 71 -51.09 -16.05 -27.55
C LEU A 71 -49.84 -15.43 -26.97
N GLU A 72 -48.79 -15.34 -27.79
CA GLU A 72 -47.54 -14.71 -27.40
C GLU A 72 -47.20 -13.62 -28.41
N TYR A 73 -46.87 -12.44 -27.92
CA TYR A 73 -46.55 -11.31 -28.77
C TYR A 73 -45.15 -10.80 -28.46
N CYS A 74 -44.51 -10.25 -29.48
CA CYS A 74 -43.33 -9.45 -29.22
C CYS A 74 -43.75 -8.12 -28.60
N VAL A 75 -42.75 -7.40 -28.07
CA VAL A 75 -43.05 -6.14 -27.39
C VAL A 75 -43.66 -5.14 -28.36
N SER A 76 -43.08 -5.01 -29.55
CA SER A 76 -43.56 -4.02 -30.50
C SER A 76 -45.00 -4.32 -30.93
N CYS A 77 -45.33 -5.59 -31.14
CA CYS A 77 -46.69 -5.95 -31.50
C CYS A 77 -47.62 -5.86 -30.31
N GLY A 78 -47.11 -6.09 -29.10
CA GLY A 78 -47.93 -5.96 -27.91
C GLY A 78 -48.41 -4.54 -27.69
N ILE A 79 -47.49 -3.58 -27.79
CA ILE A 79 -47.84 -2.18 -27.57
C ILE A 79 -48.77 -1.68 -28.67
N HIS A 80 -48.41 -1.96 -29.93
CA HIS A 80 -49.23 -1.50 -31.04
C HIS A 80 -50.62 -2.14 -31.02
N GLY A 81 -50.69 -3.41 -30.65
CA GLY A 81 -51.97 -4.07 -30.53
C GLY A 81 -52.76 -3.70 -29.31
N ARG A 82 -52.23 -2.79 -28.49
CA ARG A 82 -52.86 -2.31 -27.27
C ARG A 82 -53.06 -3.42 -26.26
N VAL A 83 -52.30 -4.51 -26.38
CA VAL A 83 -52.30 -5.54 -25.34
C VAL A 83 -51.72 -4.96 -24.06
N VAL A 84 -50.61 -4.23 -24.16
CA VAL A 84 -49.98 -3.57 -23.02
C VAL A 84 -49.72 -2.13 -23.41
N ARG A 85 -49.56 -1.29 -22.38
CA ARG A 85 -49.37 0.14 -22.57
C ARG A 85 -48.07 0.59 -21.92
N VAL A 86 -47.62 1.78 -22.31
CA VAL A 86 -46.46 2.40 -21.68
C VAL A 86 -46.91 3.01 -20.36
N ARG A 87 -46.52 2.38 -19.25
CA ARG A 87 -46.99 2.83 -17.95
C ARG A 87 -46.11 3.96 -17.42
N SER A 88 -46.55 4.54 -16.31
CA SER A 88 -45.80 5.59 -15.66
C SER A 88 -44.48 5.04 -15.13
N ARG A 89 -43.56 5.96 -14.83
CA ARG A 89 -42.25 5.55 -14.35
C ARG A 89 -42.35 4.81 -13.03
N THR A 90 -43.21 5.29 -12.13
CA THR A 90 -43.45 4.58 -10.87
C THR A 90 -44.35 3.38 -11.06
N ASP A 91 -45.29 3.44 -12.02
CA ASP A 91 -46.19 2.32 -12.26
C ASP A 91 -45.50 1.15 -12.94
N ARG A 92 -44.27 1.32 -13.43
CA ARG A 92 -43.56 0.22 -14.06
C ARG A 92 -43.36 -0.93 -13.08
N ARG A 93 -43.00 -0.61 -11.83
CA ARG A 93 -42.73 -1.63 -10.84
C ARG A 93 -43.94 -2.48 -10.51
N ASN A 94 -45.15 -1.94 -10.68
CA ASN A 94 -46.36 -2.69 -10.39
C ASN A 94 -46.44 -3.94 -11.24
N ARG A 95 -46.76 -5.07 -10.60
CA ARG A 95 -46.64 -6.39 -11.23
C ARG A 95 -47.90 -7.21 -10.97
N LEU A 96 -49.06 -6.61 -11.16
CA LEU A 96 -50.32 -7.29 -10.85
C LEU A 96 -51.26 -7.23 -12.03
N PRO A 97 -52.15 -8.23 -12.14
CA PRO A 97 -53.22 -8.13 -13.14
C PRO A 97 -54.17 -7.00 -12.78
N PRO A 98 -54.81 -6.39 -13.78
CA PRO A 98 -55.75 -5.28 -13.49
C PRO A 98 -57.11 -5.76 -13.00
N LYS A 99 -57.18 -6.02 -11.70
CA LYS A 99 -58.44 -6.43 -11.07
C LYS A 99 -58.63 -5.69 -9.74
N PRO B 2 -29.15 -9.96 14.15
CA PRO B 2 -30.46 -9.35 14.41
C PRO B 2 -30.35 -7.93 14.93
N LEU B 3 -31.50 -7.27 15.10
CA LEU B 3 -31.53 -5.92 15.63
C LEU B 3 -31.85 -5.88 17.12
N ILE B 4 -32.65 -6.83 17.60
CA ILE B 4 -32.96 -6.95 19.02
C ILE B 4 -31.87 -7.82 19.64
N GLU B 5 -30.94 -7.20 20.36
CA GLU B 5 -29.73 -7.88 20.80
C GLU B 5 -29.98 -8.72 22.04
N VAL B 6 -29.42 -9.92 22.04
CA VAL B 6 -29.55 -10.86 23.14
C VAL B 6 -28.16 -11.20 23.68
N ASP B 7 -28.14 -11.86 24.83
CA ASP B 7 -26.87 -12.30 25.41
C ASP B 7 -26.26 -13.41 24.57
N LEU B 8 -24.94 -13.35 24.40
CA LEU B 8 -24.21 -14.35 23.63
C LEU B 8 -23.48 -15.36 24.51
N LEU B 9 -22.94 -14.92 25.64
CA LEU B 9 -22.17 -15.82 26.50
C LEU B 9 -23.03 -16.92 27.08
N ASN B 10 -24.27 -16.60 27.46
CA ASN B 10 -25.17 -17.54 28.12
C ASN B 10 -26.42 -17.68 27.27
N PRO B 11 -26.38 -18.53 26.24
CA PRO B 11 -27.58 -18.73 25.43
C PRO B 11 -28.65 -19.47 26.20
N THR B 12 -29.90 -19.23 25.82
CA THR B 12 -31.01 -19.90 26.46
C THR B 12 -31.00 -21.39 26.13
N ALA B 13 -31.63 -22.18 26.99
CA ALA B 13 -31.67 -23.63 26.78
C ALA B 13 -32.39 -23.98 25.49
N ALA B 14 -33.50 -23.29 25.20
CA ALA B 14 -34.26 -23.58 23.99
C ALA B 14 -33.51 -23.13 22.75
N SER B 15 -32.84 -21.98 22.81
CA SER B 15 -32.23 -21.41 21.61
C SER B 15 -31.14 -22.31 21.05
N GLU B 16 -30.32 -22.91 21.93
CA GLU B 16 -29.26 -23.79 21.44
C GLU B 16 -29.80 -25.09 20.89
N ALA B 17 -31.05 -25.45 21.20
CA ALA B 17 -31.67 -26.61 20.59
C ALA B 17 -32.10 -26.34 19.15
N LYS B 18 -32.51 -25.11 18.86
CA LYS B 18 -32.97 -24.77 17.52
C LYS B 18 -31.82 -24.65 16.53
N ALA B 19 -30.72 -24.03 16.94
CA ALA B 19 -29.67 -23.63 16.02
C ALA B 19 -28.99 -24.85 15.41
N HIS B 20 -28.25 -24.60 14.33
CA HIS B 20 -27.50 -25.65 13.65
C HIS B 20 -26.42 -26.19 14.57
N LYS B 21 -26.11 -27.48 14.41
CA LYS B 21 -25.23 -28.15 15.36
C LYS B 21 -23.85 -27.51 15.40
N MET B 22 -23.35 -27.06 14.26
CA MET B 22 -22.05 -26.39 14.25
C MET B 22 -22.14 -24.92 14.62
N LYS B 23 -23.35 -24.36 14.65
CA LYS B 23 -23.52 -22.94 14.96
C LYS B 23 -23.89 -22.69 16.41
N ARG B 24 -23.90 -23.72 17.24
CA ARG B 24 -24.10 -23.52 18.66
C ARG B 24 -22.85 -22.88 19.27
N LEU B 25 -22.98 -22.42 20.52
CA LEU B 25 -21.84 -21.79 21.18
C LEU B 25 -20.68 -22.77 21.30
N VAL B 26 -20.96 -24.00 21.70
CA VAL B 26 -19.98 -25.08 21.63
C VAL B 26 -20.61 -26.19 20.80
N PRO B 27 -20.12 -26.45 19.59
CA PRO B 27 -20.78 -27.40 18.69
C PRO B 27 -20.83 -28.81 19.29
N THR B 28 -22.03 -29.36 19.37
CA THR B 28 -22.29 -30.69 19.87
C THR B 28 -23.19 -31.44 18.90
N PRO B 29 -23.00 -32.75 18.76
CA PRO B 29 -23.79 -33.52 17.79
C PRO B 29 -25.22 -33.74 18.27
N ASN B 30 -26.04 -34.19 17.34
CA ASN B 30 -27.44 -34.54 17.60
C ASN B 30 -27.65 -36.04 17.53
N SER B 31 -26.68 -36.82 18.00
CA SER B 31 -26.71 -38.27 17.90
C SER B 31 -26.37 -38.88 19.26
N TYR B 32 -26.46 -40.20 19.33
CA TYR B 32 -26.20 -40.91 20.58
C TYR B 32 -25.89 -42.38 20.33
N UNK C 1 7.10 -13.16 -103.27
CA UNK C 1 7.44 -14.48 -102.77
C UNK C 1 8.44 -15.17 -103.70
N UNK C 2 9.56 -14.51 -103.95
CA UNK C 2 10.62 -15.09 -104.77
C UNK C 2 11.42 -16.10 -103.97
N THR H 7 -39.47 2.20 46.29
CA THR H 7 -38.38 2.45 45.36
C THR H 7 -38.90 3.11 44.09
N ASN H 8 -38.80 2.39 42.97
CA ASN H 8 -39.22 2.93 41.68
C ASN H 8 -40.56 2.39 41.21
N PHE H 9 -40.92 1.16 41.61
CA PHE H 9 -42.21 0.56 41.30
C PHE H 9 -42.80 0.07 42.60
N PRO H 10 -43.38 0.96 43.40
CA PRO H 10 -43.88 0.57 44.72
C PRO H 10 -45.03 -0.43 44.65
N ASP H 11 -45.49 -0.87 45.82
CA ASP H 11 -46.48 -1.93 45.89
C ASP H 11 -47.90 -1.44 45.60
N ILE H 12 -48.11 -0.14 45.48
CA ILE H 12 -49.43 0.43 45.24
C ILE H 12 -49.72 0.37 43.76
N LEU H 13 -48.85 -0.26 42.99
CA LEU H 13 -48.92 -0.20 41.53
C LEU H 13 -49.21 -1.54 40.86
N LYS H 14 -49.55 -2.59 41.61
CA LYS H 14 -50.06 -3.78 40.95
C LYS H 14 -51.39 -3.46 40.28
N PRO H 15 -51.68 -4.11 39.15
CA PRO H 15 -53.00 -3.92 38.52
C PRO H 15 -54.06 -4.67 39.33
N SER H 16 -55.00 -3.91 39.89
CA SER H 16 -56.06 -4.52 40.67
C SER H 16 -56.91 -5.43 39.80
N ALA H 17 -57.54 -6.42 40.43
CA ALA H 17 -58.28 -7.43 39.69
C ALA H 17 -59.39 -6.86 38.83
N GLU H 18 -59.89 -5.66 39.17
CA GLU H 18 -60.87 -5.02 38.31
C GLU H 18 -60.29 -4.70 36.95
N ASP H 19 -59.08 -4.15 36.92
CA ASP H 19 -58.46 -3.75 35.66
C ASP H 19 -58.17 -4.96 34.77
N ILE H 20 -57.65 -6.04 35.35
CA ILE H 20 -57.37 -7.24 34.55
C ILE H 20 -58.67 -7.86 34.06
N LYS H 21 -59.74 -7.79 34.87
CA LYS H 21 -61.00 -8.40 34.49
C LYS H 21 -61.57 -7.75 33.23
N MET H 22 -61.44 -6.43 33.13
CA MET H 22 -61.98 -5.73 31.97
C MET H 22 -61.11 -5.89 30.73
N MET H 23 -59.79 -5.96 30.89
CA MET H 23 -58.92 -6.08 29.72
C MET H 23 -59.16 -7.39 28.99
N VAL H 24 -59.30 -8.50 29.72
CA VAL H 24 -59.63 -9.76 29.07
C VAL H 24 -61.03 -9.71 28.47
N ALA H 25 -61.95 -9.01 29.15
CA ALA H 25 -63.30 -8.87 28.62
C ALA H 25 -63.30 -8.09 27.31
N CYS H 26 -62.51 -7.02 27.23
CA CYS H 26 -62.39 -6.24 26.02
C CYS H 26 -61.35 -6.80 25.06
N ARG H 27 -60.92 -8.05 25.28
CA ARG H 27 -59.89 -8.74 24.50
C ARG H 27 -58.77 -7.79 24.09
N VAL H 28 -58.25 -7.06 25.07
CA VAL H 28 -57.08 -6.22 24.85
C VAL H 28 -55.87 -7.08 24.46
N HIS H 29 -55.70 -8.20 25.14
CA HIS H 29 -54.57 -9.08 24.89
C HIS H 29 -54.57 -9.65 23.48
N ILE H 30 -55.70 -9.62 22.80
CA ILE H 30 -55.81 -10.23 21.47
C ILE H 30 -55.24 -9.24 20.45
N GLY H 31 -54.24 -9.69 19.69
CA GLY H 31 -53.59 -8.87 18.70
C GLY H 31 -53.81 -9.37 17.29
N ALA H 32 -52.95 -8.92 16.38
CA ALA H 32 -53.06 -9.28 14.97
C ALA H 32 -52.37 -10.63 14.73
N THR H 33 -52.19 -10.98 13.46
CA THR H 33 -51.54 -12.23 13.06
C THR H 33 -50.07 -12.03 12.74
N ASN H 34 -49.75 -11.07 11.87
CA ASN H 34 -48.35 -10.79 11.56
C ASN H 34 -47.70 -10.10 12.74
N LEU H 35 -46.55 -10.61 13.16
CA LEU H 35 -45.87 -10.15 14.37
C LEU H 35 -44.62 -9.37 13.98
N ASN H 36 -44.55 -8.12 14.43
CA ASN H 36 -43.33 -7.34 14.27
C ASN H 36 -42.24 -7.92 15.15
N PHE H 37 -40.99 -7.82 14.68
CA PHE H 37 -39.88 -8.35 15.46
C PHE H 37 -39.71 -7.59 16.77
N ALA H 38 -39.96 -6.28 16.76
CA ALA H 38 -39.76 -5.48 17.96
C ALA H 38 -40.80 -5.75 19.03
N MET H 39 -41.91 -6.39 18.69
CA MET H 39 -42.98 -6.67 19.63
C MET H 39 -42.98 -8.12 20.12
N GLU H 40 -41.90 -8.86 19.89
CA GLU H 40 -41.87 -10.25 20.32
C GLU H 40 -41.80 -10.36 21.84
N GLU H 41 -41.17 -9.40 22.51
CA GLU H 41 -41.03 -9.48 23.96
C GLU H 41 -42.39 -9.41 24.66
N TYR H 42 -43.27 -8.52 24.18
CA TYR H 42 -44.57 -8.38 24.83
C TYR H 42 -45.49 -9.57 24.53
N VAL H 43 -45.28 -10.23 23.39
CA VAL H 43 -46.11 -11.36 23.03
C VAL H 43 -45.77 -12.54 23.93
N TYR H 44 -46.78 -13.17 24.50
CA TYR H 44 -46.58 -14.31 25.38
C TYR H 44 -46.65 -15.63 24.63
N GLU H 45 -47.68 -15.81 23.81
CA GLU H 45 -47.84 -17.03 23.04
C GLU H 45 -48.80 -16.76 21.90
N ARG H 46 -48.81 -17.66 20.92
CA ARG H 46 -49.69 -17.55 19.77
C ARG H 46 -51.01 -18.26 20.04
N GLY H 47 -52.10 -17.66 19.57
CA GLY H 47 -53.42 -18.19 19.80
C GLY H 47 -53.75 -19.36 18.90
N ASN H 48 -54.98 -19.85 19.03
CA ASN H 48 -55.39 -21.06 18.33
C ASN H 48 -55.44 -20.89 16.83
N ASN H 49 -55.71 -19.68 16.33
CA ASN H 49 -55.69 -19.42 14.89
C ASN H 49 -54.52 -18.52 14.50
N ASN H 50 -53.37 -18.72 15.14
CA ASN H 50 -52.13 -18.03 14.79
C ASN H 50 -52.27 -16.52 14.92
N GLU H 51 -52.64 -16.08 16.12
CA GLU H 51 -52.67 -14.66 16.44
C GLU H 51 -51.93 -14.44 17.75
N CYS H 52 -51.35 -13.25 17.87
CA CYS H 52 -50.51 -12.93 19.02
C CYS H 52 -51.37 -12.61 20.24
N ILE H 53 -50.90 -13.04 21.40
CA ILE H 53 -51.58 -12.79 22.66
C ILE H 53 -50.61 -12.03 23.56
N PHE H 54 -50.87 -10.74 23.76
CA PHE H 54 -49.97 -9.91 24.55
C PHE H 54 -49.99 -10.33 26.01
N ASN H 55 -48.85 -10.14 26.66
CA ASN H 55 -48.77 -10.39 28.10
C ASN H 55 -49.46 -9.26 28.85
N LEU H 56 -50.47 -9.62 29.65
CA LEU H 56 -51.27 -8.60 30.33
C LEU H 56 -50.42 -7.81 31.31
N MET H 57 -49.52 -8.48 32.03
CA MET H 57 -48.64 -7.76 32.95
C MET H 57 -47.74 -6.79 32.19
N LYS H 58 -47.16 -7.25 31.07
CA LYS H 58 -46.32 -6.37 30.27
C LYS H 58 -47.11 -5.21 29.69
N THR H 59 -48.40 -5.42 29.42
CA THR H 59 -49.25 -4.31 28.98
C THR H 59 -49.42 -3.29 30.09
N TRP H 60 -49.65 -3.74 31.32
CA TRP H 60 -49.91 -2.79 32.40
C TRP H 60 -48.64 -2.05 32.80
N GLU H 61 -47.51 -2.75 32.87
CA GLU H 61 -46.27 -2.12 33.30
C GLU H 61 -45.88 -1.00 32.36
N LYS H 62 -46.04 -1.22 31.06
CA LYS H 62 -45.79 -0.15 30.09
C LYS H 62 -46.89 0.91 30.15
N LEU H 63 -48.11 0.51 30.48
CA LEU H 63 -49.21 1.46 30.58
C LEU H 63 -48.94 2.48 31.67
N SER H 64 -48.59 2.02 32.87
CA SER H 64 -48.32 2.93 33.96
C SER H 64 -47.11 3.80 33.66
N LEU H 65 -46.06 3.21 33.10
CA LEU H 65 -44.85 3.97 32.81
C LEU H 65 -45.12 5.10 31.83
N ALA H 66 -45.95 4.84 30.81
CA ALA H 66 -46.34 5.91 29.91
C ALA H 66 -47.13 6.98 30.65
N ALA H 67 -48.04 6.57 31.53
CA ALA H 67 -48.85 7.53 32.27
C ALA H 67 -47.97 8.37 33.20
N ARG H 68 -46.95 7.76 33.79
CA ARG H 68 -46.05 8.49 34.67
C ARG H 68 -45.32 9.60 33.91
N VAL H 69 -44.86 9.30 32.70
CA VAL H 69 -44.18 10.30 31.89
C VAL H 69 -45.14 11.43 31.51
N ILE H 70 -46.35 11.09 31.11
CA ILE H 70 -47.34 12.11 30.77
C ILE H 70 -47.68 12.94 31.99
N ALA H 71 -47.87 12.30 33.14
CA ALA H 71 -48.28 13.01 34.35
C ALA H 71 -47.24 14.06 34.74
N GLY H 72 -45.95 13.71 34.67
CA GLY H 72 -44.93 14.68 35.01
C GLY H 72 -44.93 15.88 34.08
N ILE H 73 -45.03 15.63 32.79
CA ILE H 73 -45.00 16.73 31.82
C ILE H 73 -46.28 17.55 31.91
N SER H 74 -47.42 16.89 32.10
CA SER H 74 -48.71 17.56 32.10
C SER H 74 -49.13 18.09 33.46
N ASN H 75 -48.28 17.98 34.48
CA ASN H 75 -48.70 18.44 35.80
C ASN H 75 -48.50 19.94 35.99
N GLU H 76 -47.88 20.62 35.03
CA GLU H 76 -47.74 22.08 35.12
C GLU H 76 -48.16 22.74 33.82
N THR H 77 -47.99 22.04 32.69
CA THR H 77 -48.32 22.57 31.38
C THR H 77 -49.18 21.54 30.65
N PRO H 78 -50.48 21.49 30.97
CA PRO H 78 -51.35 20.50 30.33
C PRO H 78 -51.40 20.62 28.81
N SER H 79 -51.28 21.83 28.28
CA SER H 79 -51.38 22.02 26.83
C SER H 79 -50.17 21.51 26.07
N ASP H 80 -49.09 21.13 26.76
CA ASP H 80 -47.88 20.67 26.10
C ASP H 80 -47.93 19.20 25.72
N VAL H 81 -49.05 18.52 25.96
CA VAL H 81 -49.26 17.14 25.53
C VAL H 81 -50.28 17.16 24.41
N VAL H 82 -49.96 16.45 23.33
CA VAL H 82 -50.84 16.34 22.16
C VAL H 82 -51.19 14.88 21.97
N ALA H 83 -52.49 14.59 21.85
CA ALA H 83 -52.97 13.23 21.67
C ALA H 83 -53.67 13.15 20.32
N VAL H 84 -52.99 12.55 19.34
CA VAL H 84 -53.55 12.43 18.00
C VAL H 84 -54.17 11.04 17.86
N ALA H 85 -55.25 10.97 17.06
CA ALA H 85 -55.99 9.73 16.89
C ALA H 85 -56.61 9.76 15.50
N GLY H 86 -56.02 9.01 14.57
CA GLY H 86 -56.51 9.05 13.20
C GLY H 86 -57.78 8.25 13.00
N ARG H 87 -57.75 6.97 13.38
CA ARG H 87 -58.86 6.06 13.10
C ARG H 87 -60.16 6.60 13.67
N GLU H 88 -61.25 6.50 12.89
CA GLU H 88 -62.53 7.02 13.31
C GLU H 88 -63.01 6.38 14.60
N MET H 89 -62.55 5.17 14.90
CA MET H 89 -62.99 4.48 16.10
C MET H 89 -62.52 5.22 17.36
N ALA H 90 -61.29 5.71 17.34
CA ALA H 90 -60.65 6.28 18.52
C ALA H 90 -60.85 7.78 18.65
N HIS H 91 -61.82 8.35 17.94
CA HIS H 91 -62.00 9.80 18.01
C HIS H 91 -62.63 10.22 19.32
N ARG H 92 -63.64 9.48 19.78
CA ARG H 92 -64.32 9.86 21.02
C ARG H 92 -63.40 9.72 22.22
N ALA H 93 -62.70 8.59 22.31
CA ALA H 93 -61.83 8.35 23.47
C ALA H 93 -60.71 9.38 23.53
N SER H 94 -60.14 9.73 22.38
CA SER H 94 -59.12 10.78 22.37
C SER H 94 -59.69 12.12 22.78
N LEU H 95 -60.98 12.35 22.53
CA LEU H 95 -61.59 13.62 22.89
C LEU H 95 -61.86 13.71 24.39
N LYS H 96 -62.24 12.59 25.01
CA LYS H 96 -62.45 12.58 26.45
C LYS H 96 -61.14 12.70 27.21
N PHE H 97 -60.07 12.10 26.69
CA PHE H 97 -58.75 12.26 27.28
C PHE H 97 -58.36 13.72 27.37
N MET H 98 -58.72 14.51 26.35
CA MET H 98 -58.47 15.95 26.39
C MET H 98 -59.29 16.60 27.49
N LYS H 99 -60.53 16.17 27.68
CA LYS H 99 -61.43 16.84 28.61
C LYS H 99 -60.91 16.76 30.04
N TYR H 100 -60.46 15.57 30.46
CA TYR H 100 -60.17 15.33 31.87
C TYR H 100 -58.72 15.58 32.26
N THR H 101 -57.87 15.97 31.31
CA THR H 101 -56.49 16.31 31.63
C THR H 101 -56.04 17.65 31.09
N GLY H 102 -56.80 18.27 30.19
CA GLY H 102 -56.38 19.51 29.57
C GLY H 102 -55.41 19.34 28.43
N CYS H 103 -55.03 18.11 28.09
CA CYS H 103 -54.10 17.87 27.01
C CYS H 103 -54.78 18.11 25.67
N THR H 104 -54.13 18.86 24.79
CA THR H 104 -54.66 19.08 23.46
C THR H 104 -54.76 17.76 22.71
N ALA H 105 -55.78 17.63 21.88
CA ALA H 105 -56.04 16.37 21.19
C ALA H 105 -56.56 16.67 19.79
N VAL H 106 -55.75 16.36 18.77
CA VAL H 106 -56.17 16.51 17.40
C VAL H 106 -57.15 15.39 17.06
N ALA H 107 -58.36 15.75 16.66
CA ALA H 107 -59.43 14.77 16.55
C ALA H 107 -59.30 13.92 15.29
N GLY H 108 -59.40 14.57 14.12
CA GLY H 108 -59.47 13.81 12.88
C GLY H 108 -58.17 13.76 12.11
N ARG H 109 -58.19 14.26 10.88
CA ARG H 109 -57.00 14.24 10.05
C ARG H 109 -55.95 15.20 10.59
N PHE H 110 -54.70 14.77 10.55
CA PHE H 110 -53.57 15.56 11.04
C PHE H 110 -52.93 16.26 9.86
N THR H 111 -53.06 17.59 9.82
CA THR H 111 -52.54 18.37 8.71
C THR H 111 -51.02 18.36 8.73
N PRO H 112 -50.36 17.87 7.69
CA PRO H 112 -48.88 17.82 7.72
C PRO H 112 -48.30 19.21 7.84
N GLY H 113 -47.21 19.31 8.60
CA GLY H 113 -46.58 20.57 8.86
C GLY H 113 -47.14 21.34 10.03
N SER H 114 -47.98 20.73 10.85
CA SER H 114 -48.53 21.40 12.02
C SER H 114 -47.58 21.39 13.20
N PHE H 115 -46.42 20.73 13.07
CA PHE H 115 -45.37 20.83 14.06
C PHE H 115 -44.12 21.53 13.53
N THR H 116 -44.02 21.72 12.22
CA THR H 116 -42.82 22.30 11.61
C THR H 116 -43.02 23.70 11.06
N ASN H 117 -44.20 24.01 10.55
CA ASN H 117 -44.47 25.32 9.93
C ASN H 117 -44.93 26.28 11.02
N GLN H 118 -44.03 27.17 11.44
CA GLN H 118 -44.39 28.15 12.46
C GLN H 118 -45.40 29.17 11.93
N ILE H 119 -45.31 29.51 10.65
CA ILE H 119 -46.19 30.51 10.06
C ILE H 119 -47.64 30.07 10.05
N GLN H 120 -47.91 28.79 10.30
CA GLN H 120 -49.27 28.30 10.33
C GLN H 120 -50.03 28.91 11.50
N LYS H 121 -51.34 29.07 11.30
CA LYS H 121 -52.19 29.58 12.38
C LYS H 121 -52.45 28.51 13.43
N LYS H 122 -52.52 27.24 13.02
CA LYS H 122 -52.74 26.12 13.93
C LYS H 122 -51.43 25.41 14.25
N PHE H 123 -50.35 26.16 14.41
CA PHE H 123 -49.03 25.60 14.69
C PHE H 123 -48.87 25.42 16.19
N MET H 124 -48.80 24.17 16.64
CA MET H 124 -48.58 23.84 18.03
C MET H 124 -47.19 23.23 18.20
N GLU H 125 -46.53 23.57 19.30
CA GLU H 125 -45.19 23.07 19.60
C GLU H 125 -45.24 22.35 20.95
N PRO H 126 -45.53 21.05 20.95
CA PRO H 126 -45.65 20.33 22.22
C PRO H 126 -44.32 19.78 22.70
N ARG H 127 -44.34 19.10 23.83
CA ARG H 127 -43.18 18.38 24.34
C ARG H 127 -43.43 16.89 24.47
N LEU H 128 -44.66 16.44 24.24
CA LEU H 128 -44.97 15.02 24.23
C LEU H 128 -46.14 14.78 23.29
N ILE H 129 -46.12 13.64 22.61
CA ILE H 129 -47.15 13.28 21.64
C ILE H 129 -47.62 11.87 21.94
N ILE H 130 -48.94 11.69 22.00
CA ILE H 130 -49.55 10.38 22.17
C ILE H 130 -50.39 10.10 20.93
N VAL H 131 -50.13 8.97 20.28
CA VAL H 131 -50.82 8.60 19.06
C VAL H 131 -51.66 7.37 19.35
N SER H 132 -52.85 7.32 18.74
CA SER H 132 -53.74 6.18 18.94
C SER H 132 -53.27 4.96 18.14
N ASP H 133 -52.77 5.17 16.94
CA ASP H 133 -52.33 4.06 16.09
C ASP H 133 -51.15 4.49 15.25
N PRO H 134 -49.97 3.90 15.46
CA PRO H 134 -48.81 4.26 14.63
C PRO H 134 -49.00 3.97 13.16
N SER H 135 -49.82 2.99 12.81
CA SER H 135 -50.05 2.70 11.39
C SER H 135 -50.88 3.78 10.73
N VAL H 136 -51.91 4.26 11.41
CA VAL H 136 -52.75 5.30 10.84
C VAL H 136 -52.11 6.67 11.02
N ASP H 137 -51.45 6.90 12.16
CA ASP H 137 -50.88 8.19 12.51
C ASP H 137 -49.37 8.21 12.29
N HIS H 138 -48.90 7.58 11.22
CA HIS H 138 -47.49 7.63 10.88
C HIS H 138 -47.02 9.05 10.60
N GLN H 139 -47.91 9.90 10.09
CA GLN H 139 -47.52 11.27 9.78
C GLN H 139 -47.11 12.03 11.03
N ALA H 140 -47.87 11.89 12.11
CA ALA H 140 -47.54 12.57 13.35
C ALA H 140 -46.22 12.07 13.91
N LEU H 141 -45.97 10.76 13.84
CA LEU H 141 -44.73 10.21 14.34
C LEU H 141 -43.54 10.73 13.55
N ARG H 142 -43.69 10.85 12.23
CA ARG H 142 -42.58 11.30 11.40
C ARG H 142 -42.22 12.76 11.66
N GLU H 143 -43.21 13.59 11.98
CA GLU H 143 -42.94 14.99 12.26
C GLU H 143 -42.22 15.18 13.59
N SER H 144 -42.32 14.20 14.50
CA SER H 144 -41.58 14.29 15.75
C SER H 144 -40.08 14.31 15.51
N GLY H 145 -39.62 13.53 14.54
CA GLY H 145 -38.21 13.46 14.23
C GLY H 145 -37.63 14.74 13.69
N TYR H 146 -38.43 15.81 13.65
CA TYR H 146 -37.96 17.13 13.27
C TYR H 146 -37.99 18.13 14.42
N ILE H 147 -38.58 17.78 15.55
CA ILE H 147 -38.80 18.73 16.63
C ILE H 147 -38.33 18.18 17.97
N ASN H 148 -37.60 17.07 17.94
CA ASN H 148 -36.98 16.49 19.13
C ASN H 148 -38.01 16.18 20.22
N VAL H 149 -39.16 15.66 19.82
CA VAL H 149 -40.28 15.46 20.73
C VAL H 149 -40.49 13.95 20.90
N PRO H 150 -40.41 13.41 22.11
CA PRO H 150 -40.66 11.98 22.30
C PRO H 150 -42.13 11.63 22.09
N THR H 151 -42.36 10.39 21.69
CA THR H 151 -43.69 9.94 21.31
C THR H 151 -44.08 8.68 22.09
N ILE H 152 -45.38 8.48 22.26
CA ILE H 152 -45.95 7.33 22.93
C ILE H 152 -47.07 6.78 22.06
N ALA H 153 -47.07 5.46 21.84
CA ALA H 153 -48.01 4.84 20.91
C ALA H 153 -48.66 3.63 21.56
N PHE H 154 -49.93 3.40 21.17
CA PHE H 154 -50.64 2.18 21.54
C PHE H 154 -50.40 1.13 20.45
N CYS H 155 -49.16 0.67 20.39
CA CYS H 155 -48.72 -0.18 19.30
C CYS H 155 -49.39 -1.55 19.36
N ASN H 156 -49.56 -2.16 18.20
CA ASN H 156 -50.08 -3.52 18.05
C ASN H 156 -48.99 -4.42 17.48
N SER H 157 -49.28 -5.72 17.45
CA SER H 157 -48.26 -6.71 17.13
C SER H 157 -47.73 -6.61 15.71
N ASP H 158 -48.38 -5.85 14.83
CA ASP H 158 -47.95 -5.75 13.45
C ASP H 158 -47.36 -4.40 13.08
N ASN H 159 -47.56 -3.37 13.89
CA ASN H 159 -47.14 -2.03 13.54
C ASN H 159 -45.62 -1.89 13.60
N SER H 160 -45.10 -0.89 12.90
CA SER H 160 -43.67 -0.62 12.87
C SER H 160 -43.33 0.37 13.98
N LEU H 161 -42.34 0.02 14.79
CA LEU H 161 -41.97 0.84 15.95
C LEU H 161 -40.91 1.85 15.60
N LYS H 162 -41.12 2.61 14.52
CA LYS H 162 -40.20 3.66 14.13
C LYS H 162 -40.67 4.97 14.74
N ASN H 163 -39.78 5.65 15.46
CA ASN H 163 -40.06 6.92 16.10
C ASN H 163 -41.09 6.80 17.22
N VAL H 164 -41.14 5.66 17.90
CA VAL H 164 -41.92 5.50 19.12
C VAL H 164 -40.97 5.09 20.24
N ASP H 165 -41.10 5.75 21.39
CA ASP H 165 -40.24 5.50 22.53
C ASP H 165 -40.89 4.61 23.57
N ILE H 166 -42.15 4.88 23.92
CA ILE H 166 -42.91 4.04 24.82
C ILE H 166 -44.07 3.46 24.05
N ALA H 167 -44.09 2.13 23.91
CA ALA H 167 -45.11 1.42 23.17
C ALA H 167 -45.94 0.58 24.12
N ILE H 168 -47.26 0.74 24.07
CA ILE H 168 -48.18 0.01 24.92
C ILE H 168 -48.78 -1.13 24.10
N PRO H 169 -48.42 -2.38 24.36
CA PRO H 169 -48.98 -3.48 23.57
C PRO H 169 -50.44 -3.74 23.91
N CYS H 170 -51.34 -3.34 23.03
CA CYS H 170 -52.76 -3.52 23.26
C CYS H 170 -53.48 -3.54 21.92
N ASN H 171 -54.69 -4.07 21.92
CA ASN H 171 -55.49 -4.10 20.69
C ASN H 171 -55.98 -2.70 20.37
N ASN H 172 -55.53 -2.15 19.25
CA ASN H 172 -55.89 -0.80 18.85
C ASN H 172 -56.83 -0.77 17.66
N ARG H 173 -57.56 -1.86 17.41
CA ARG H 173 -58.55 -1.91 16.34
C ARG H 173 -59.97 -2.10 16.83
N SER H 174 -60.18 -2.86 17.90
CA SER H 174 -61.53 -3.09 18.40
C SER H 174 -62.08 -1.83 19.07
N ARG H 175 -63.40 -1.70 19.06
CA ARG H 175 -64.04 -0.54 19.69
C ARG H 175 -63.86 -0.56 21.20
N LEU H 176 -63.99 -1.73 21.82
CA LEU H 176 -63.92 -1.81 23.28
C LEU H 176 -62.50 -1.54 23.77
N SER H 177 -61.51 -2.20 23.17
CA SER H 177 -60.14 -2.05 23.64
C SER H 177 -59.64 -0.63 23.44
N ILE H 178 -59.98 -0.02 22.30
CA ILE H 178 -59.55 1.36 22.05
C ILE H 178 -60.09 2.29 23.13
N GLY H 179 -61.37 2.16 23.44
CA GLY H 179 -61.95 2.99 24.49
C GLY H 179 -61.41 2.65 25.87
N LEU H 180 -61.18 1.36 26.13
CA LEU H 180 -60.77 0.94 27.46
C LEU H 180 -59.36 1.42 27.77
N MET H 181 -58.41 1.19 26.86
CA MET H 181 -57.02 1.55 27.13
C MET H 181 -56.87 3.05 27.34
N TRP H 182 -57.53 3.85 26.51
CA TRP H 182 -57.52 5.30 26.75
C TRP H 182 -58.17 5.64 28.08
N TRP H 183 -59.18 4.86 28.49
CA TRP H 183 -59.80 5.08 29.79
C TRP H 183 -58.83 4.77 30.92
N MET H 184 -58.05 3.69 30.79
CA MET H 184 -57.07 3.37 31.82
C MET H 184 -55.96 4.41 31.87
N LEU H 185 -55.50 4.86 30.71
CA LEU H 185 -54.43 5.86 30.68
C LEU H 185 -54.86 7.15 31.36
N THR H 186 -56.09 7.59 31.09
CA THR H 186 -56.58 8.81 31.73
C THR H 186 -56.71 8.60 33.24
N ARG H 187 -57.23 7.45 33.67
CA ARG H 187 -57.37 7.21 35.10
C ARG H 187 -56.02 7.11 35.78
N GLU H 188 -55.07 6.41 35.15
CA GLU H 188 -53.74 6.28 35.75
C GLU H 188 -53.05 7.63 35.85
N ILE H 189 -53.22 8.47 34.84
CA ILE H 189 -52.61 9.80 34.88
C ILE H 189 -53.16 10.59 36.05
N LEU H 190 -54.47 10.56 36.26
CA LEU H 190 -55.08 11.27 37.37
C LEU H 190 -54.59 10.74 38.70
N ARG H 191 -54.41 9.42 38.80
CA ARG H 191 -53.91 8.84 40.04
C ARG H 191 -52.51 9.36 40.36
N TYR H 192 -51.64 9.44 39.35
CA TYR H 192 -50.31 10.01 39.57
C TYR H 192 -50.39 11.48 39.93
N GLN H 193 -51.31 12.21 39.31
CA GLN H 193 -51.45 13.63 39.60
C GLN H 193 -51.87 13.90 41.05
N GLY H 194 -52.43 12.90 41.74
CA GLY H 194 -52.97 13.10 43.06
C GLY H 194 -54.38 13.61 43.09
N LYS H 195 -54.97 13.90 41.93
CA LYS H 195 -56.34 14.38 41.84
C LYS H 195 -57.36 13.25 41.89
N LEU H 196 -56.91 12.00 41.95
CA LEU H 196 -57.82 10.86 42.09
C LEU H 196 -57.16 9.84 43.00
N ALA H 197 -57.78 9.57 44.13
CA ALA H 197 -57.22 8.63 45.08
C ALA H 197 -57.12 7.25 44.47
N ARG H 198 -56.06 6.52 44.83
CA ARG H 198 -55.89 5.16 44.32
C ARG H 198 -56.84 4.17 44.97
N ASP H 199 -57.37 4.51 46.14
CA ASP H 199 -58.19 3.58 46.92
C ASP H 199 -59.68 3.72 46.65
N GLU H 200 -60.09 4.59 45.72
CA GLU H 200 -61.48 4.79 45.41
C GLU H 200 -61.78 4.25 44.01
N LYS H 201 -63.02 4.48 43.55
CA LYS H 201 -63.45 4.06 42.23
C LYS H 201 -63.73 5.30 41.37
N TRP H 202 -63.28 5.26 40.12
CA TRP H 202 -63.51 6.38 39.22
C TRP H 202 -64.98 6.46 38.84
N ASP H 203 -65.55 7.66 38.95
CA ASP H 203 -66.98 7.84 38.72
C ASP H 203 -67.34 7.57 37.26
N VAL H 204 -66.57 8.09 36.31
CA VAL H 204 -66.93 7.98 34.91
C VAL H 204 -66.71 6.54 34.43
N MET H 205 -67.74 5.96 33.83
CA MET H 205 -67.67 4.60 33.34
C MET H 205 -67.01 4.56 31.97
N VAL H 206 -66.62 3.34 31.57
CA VAL H 206 -65.92 3.16 30.30
C VAL H 206 -66.83 3.52 29.13
N ASP H 207 -68.15 3.35 29.30
CA ASP H 207 -69.07 3.58 28.20
C ASP H 207 -69.01 5.01 27.68
N LEU H 208 -68.54 5.95 28.49
CA LEU H 208 -68.37 7.31 27.99
C LEU H 208 -67.31 7.36 26.90
N PHE H 209 -66.20 6.63 27.09
CA PHE H 209 -65.12 6.62 26.11
C PHE H 209 -65.49 5.86 24.85
N LEU H 210 -66.44 4.93 24.94
CA LEU H 210 -66.76 4.06 23.81
C LEU H 210 -67.33 4.86 22.64
N HIS H 211 -66.99 4.45 21.44
CA HIS H 211 -67.37 5.15 20.22
C HIS H 211 -68.85 4.98 19.90
N TRP I 37 -38.72 40.52 16.68
CA TRP I 37 -39.76 41.00 17.57
C TRP I 37 -41.04 40.21 17.40
N THR I 38 -41.76 40.00 18.51
CA THR I 38 -42.96 39.18 18.58
C THR I 38 -42.70 37.80 17.98
N PRO I 39 -41.93 36.96 18.67
CA PRO I 39 -41.62 35.64 18.12
C PRO I 39 -42.84 34.73 18.13
N VAL I 40 -42.74 33.66 17.34
CA VAL I 40 -43.81 32.69 17.17
C VAL I 40 -43.41 31.29 17.61
N THR I 41 -42.34 31.17 18.40
CA THR I 41 -41.86 29.87 18.85
C THR I 41 -41.66 29.91 20.36
N LYS I 42 -41.71 28.73 20.97
CA LYS I 42 -41.48 28.63 22.41
C LYS I 42 -40.07 29.09 22.77
N LEU I 43 -39.06 28.57 22.07
CA LEU I 43 -37.69 29.01 22.30
C LEU I 43 -37.53 30.49 21.96
N GLY I 44 -38.14 30.93 20.86
CA GLY I 44 -38.05 32.33 20.49
C GLY I 44 -38.64 33.24 21.54
N ARG I 45 -39.68 32.79 22.23
CA ARG I 45 -40.24 33.57 23.32
C ARG I 45 -39.25 33.73 24.46
N LEU I 46 -38.51 32.66 24.79
CA LEU I 46 -37.57 32.72 25.91
C LEU I 46 -36.47 33.73 25.64
N VAL I 47 -35.98 33.80 24.41
CA VAL I 47 -34.85 34.67 24.10
C VAL I 47 -35.24 36.14 24.24
N LYS I 48 -36.45 36.51 23.79
CA LYS I 48 -36.83 37.91 23.77
C LYS I 48 -36.88 38.51 25.16
N ASP I 49 -37.42 37.78 26.13
CA ASP I 49 -37.43 38.23 27.51
C ASP I 49 -36.13 37.91 28.24
N GLY I 50 -35.05 37.65 27.52
CA GLY I 50 -33.74 37.50 28.14
C GLY I 50 -33.62 36.36 29.11
N LYS I 51 -34.30 35.24 28.84
CA LYS I 51 -34.19 34.08 29.70
C LYS I 51 -33.08 33.13 29.26
N VAL I 52 -32.84 33.03 27.96
CA VAL I 52 -31.71 32.26 27.43
C VAL I 52 -30.60 33.24 27.11
N LYS I 53 -29.46 33.08 27.76
CA LYS I 53 -28.36 34.04 27.62
C LYS I 53 -27.41 33.64 26.50
N SER I 54 -26.81 32.47 26.61
CA SER I 54 -25.79 32.04 25.66
C SER I 54 -26.42 31.29 24.50
N ILE I 55 -25.76 31.39 23.33
CA ILE I 55 -26.22 30.65 22.16
C ILE I 55 -26.02 29.15 22.37
N ASP I 56 -24.90 28.77 23.00
CA ASP I 56 -24.59 27.36 23.21
C ASP I 56 -25.60 26.69 24.14
N GLN I 57 -26.32 27.46 24.95
CA GLN I 57 -27.40 26.88 25.73
C GLN I 57 -28.45 26.26 24.83
N ILE I 58 -28.64 26.82 23.64
CA ILE I 58 -29.51 26.20 22.64
C ILE I 58 -28.85 24.95 22.07
N PHE I 59 -27.54 25.02 21.81
CA PHE I 59 -26.88 23.94 21.09
C PHE I 59 -26.75 22.67 21.92
N GLU I 60 -26.68 22.79 23.25
CA GLU I 60 -26.54 21.60 24.08
C GLU I 60 -27.73 20.66 23.90
N PHE I 61 -28.94 21.22 23.85
CA PHE I 61 -30.16 20.44 23.88
C PHE I 61 -30.79 20.25 22.51
N GLY I 62 -30.09 20.63 21.45
CA GLY I 62 -30.57 20.35 20.11
C GLY I 62 -31.80 21.12 19.70
N ILE I 63 -32.11 22.22 20.39
CA ILE I 63 -33.28 23.02 20.03
C ILE I 63 -33.05 23.67 18.68
N LYS I 64 -33.95 23.44 17.74
CA LYS I 64 -33.81 24.03 16.42
C LYS I 64 -34.08 25.52 16.47
N ILE I 65 -33.27 26.29 15.75
CA ILE I 65 -33.47 27.72 15.62
C ILE I 65 -34.37 27.94 14.41
N LYS I 66 -35.61 28.38 14.65
CA LYS I 66 -36.58 28.58 13.58
C LYS I 66 -36.83 30.04 13.27
N GLU I 67 -36.20 30.97 13.98
CA GLU I 67 -36.30 32.39 13.69
C GLU I 67 -34.90 32.98 13.65
N TYR I 68 -34.60 33.74 12.60
CA TYR I 68 -33.27 34.30 12.48
C TYR I 68 -33.05 35.44 13.46
N GLN I 69 -34.12 36.10 13.89
CA GLN I 69 -33.96 37.19 14.85
C GLN I 69 -33.41 36.71 16.17
N ILE I 70 -33.52 35.40 16.46
CA ILE I 70 -32.93 34.85 17.67
C ILE I 70 -31.41 34.91 17.60
N VAL I 71 -30.84 34.56 16.45
CA VAL I 71 -29.37 34.57 16.31
C VAL I 71 -28.85 35.99 16.45
N ASP I 72 -29.55 36.96 15.86
CA ASP I 72 -29.15 38.35 15.96
C ASP I 72 -29.21 38.88 17.38
N HIS I 73 -29.87 38.17 18.29
CA HIS I 73 -29.96 38.60 19.68
C HIS I 73 -28.81 38.05 20.52
N LEU I 74 -28.54 36.76 20.40
CA LEU I 74 -27.49 36.12 21.18
C LEU I 74 -26.13 36.13 20.50
N LEU I 75 -26.05 36.58 19.26
CA LEU I 75 -24.78 36.67 18.52
C LEU I 75 -24.70 38.05 17.87
N PRO I 76 -24.41 39.08 18.65
CA PRO I 76 -24.28 40.42 18.07
C PRO I 76 -23.01 40.54 17.24
N GLY I 77 -23.04 41.45 16.28
CA GLY I 77 -21.87 41.74 15.47
C GLY I 77 -21.37 40.58 14.63
N LEU I 78 -22.29 39.92 13.94
CA LEU I 78 -21.91 38.82 13.04
C LEU I 78 -21.28 39.39 11.78
N LYS I 79 -20.03 39.03 11.53
CA LYS I 79 -19.36 39.48 10.32
C LYS I 79 -20.04 38.88 9.10
N GLU I 80 -19.89 39.55 7.96
CA GLU I 80 -20.61 39.19 6.75
C GLU I 80 -19.68 38.85 5.61
N GLU I 81 -20.04 37.80 4.86
CA GLU I 81 -19.30 37.41 3.68
C GLU I 81 -20.26 36.83 2.65
N VAL I 82 -20.07 37.22 1.39
CA VAL I 82 -20.85 36.71 0.27
C VAL I 82 -19.91 35.92 -0.62
N MET I 83 -20.21 34.64 -0.84
CA MET I 83 -19.26 33.77 -1.52
C MET I 83 -19.39 33.90 -3.04
N THR I 84 -20.58 33.63 -3.58
CA THR I 84 -20.77 33.74 -5.02
C THR I 84 -22.21 34.13 -5.31
N MET I 85 -22.41 34.65 -6.52
CA MET I 85 -23.72 35.10 -6.99
C MET I 85 -23.95 34.40 -8.34
N GLN I 86 -24.46 33.19 -8.29
CA GLN I 86 -24.62 32.34 -9.47
C GLN I 86 -26.06 32.38 -9.95
N SER I 87 -26.24 32.43 -11.26
CA SER I 87 -27.56 32.51 -11.86
C SER I 87 -27.95 31.16 -12.43
N VAL I 88 -29.11 30.67 -12.03
CA VAL I 88 -29.70 29.47 -12.60
C VAL I 88 -30.71 29.91 -13.64
N GLN I 89 -31.13 28.97 -14.49
CA GLN I 89 -32.08 29.27 -15.55
C GLN I 89 -33.06 28.11 -15.71
N LYS I 90 -34.25 28.43 -16.18
CA LYS I 90 -35.29 27.45 -16.45
C LYS I 90 -35.88 27.73 -17.81
N GLN I 91 -35.78 26.77 -18.73
CA GLN I 91 -36.30 26.97 -20.07
C GLN I 91 -37.81 26.88 -20.07
N THR I 92 -38.46 27.88 -20.66
CA THR I 92 -39.90 27.92 -20.79
C THR I 92 -40.28 28.05 -22.26
N SER I 93 -41.58 27.99 -22.52
CA SER I 93 -42.06 28.13 -23.89
C SER I 93 -41.69 29.50 -24.46
N ALA I 94 -41.89 30.54 -23.68
CA ALA I 94 -41.59 31.89 -24.16
C ALA I 94 -40.10 32.15 -24.20
N GLY I 95 -39.37 31.73 -23.18
CA GLY I 95 -37.95 31.97 -23.11
C GLY I 95 -37.29 31.31 -21.92
N GLN I 96 -36.39 32.03 -21.25
CA GLN I 96 -35.67 31.51 -20.10
C GLN I 96 -36.01 32.34 -18.88
N ARG I 97 -36.36 31.67 -17.79
CA ARG I 97 -36.70 32.33 -16.53
C ARG I 97 -35.48 32.26 -15.62
N THR I 98 -34.70 33.33 -15.59
CA THR I 98 -33.46 33.37 -14.84
C THR I 98 -33.70 33.84 -13.42
N ARG I 99 -33.06 33.15 -12.47
CA ARG I 99 -33.06 33.54 -11.07
C ARG I 99 -31.63 33.52 -10.55
N LEU I 100 -31.35 34.40 -9.60
CA LEU I 100 -30.01 34.58 -9.08
C LEU I 100 -29.89 33.89 -7.72
N LYS I 101 -28.98 32.91 -7.64
CA LYS I 101 -28.76 32.15 -6.43
C LYS I 101 -27.56 32.71 -5.69
N ALA I 102 -27.72 33.00 -4.40
CA ALA I 102 -26.70 33.65 -3.61
C ALA I 102 -26.30 32.76 -2.44
N TYR I 103 -25.01 32.51 -2.30
CA TYR I 103 -24.45 31.85 -1.14
C TYR I 103 -23.86 32.91 -0.22
N VAL I 104 -24.27 32.90 1.05
CA VAL I 104 -23.66 33.76 2.05
C VAL I 104 -23.22 32.90 3.23
N ALA I 105 -22.04 33.21 3.76
CA ALA I 105 -21.50 32.57 4.94
C ALA I 105 -21.47 33.58 6.06
N ILE I 106 -21.95 33.19 7.24
CA ILE I 106 -22.03 34.09 8.38
C ILE I 106 -21.43 33.39 9.59
N GLY I 107 -21.03 34.19 10.57
CA GLY I 107 -20.53 33.66 11.81
C GLY I 107 -19.51 34.54 12.48
N ASP I 108 -19.54 34.59 13.81
CA ASP I 108 -18.49 35.29 14.53
C ASP I 108 -17.27 34.40 14.69
N HIS I 109 -16.13 35.03 14.93
CA HIS I 109 -14.86 34.33 14.94
C HIS I 109 -14.60 33.58 16.22
N ASN I 110 -15.63 33.32 17.02
CA ASN I 110 -15.48 32.62 18.29
C ASN I 110 -16.12 31.24 18.25
N GLY I 111 -15.99 30.56 17.11
CA GLY I 111 -16.43 29.19 17.01
C GLY I 111 -17.85 28.98 16.55
N HIS I 112 -18.49 29.98 15.96
CA HIS I 112 -19.83 29.85 15.40
C HIS I 112 -19.82 30.26 13.95
N ALA I 113 -20.51 29.48 13.11
CA ALA I 113 -20.56 29.78 11.69
C ALA I 113 -21.83 29.16 11.11
N GLY I 114 -22.17 29.61 9.90
CA GLY I 114 -23.33 29.09 9.20
C GLY I 114 -23.28 29.48 7.74
N LEU I 115 -23.95 28.68 6.92
CA LEU I 115 -23.99 28.88 5.48
C LEU I 115 -25.44 28.79 5.01
N GLY I 116 -25.86 29.76 4.22
CA GLY I 116 -27.22 29.79 3.72
C GLY I 116 -27.24 30.04 2.22
N VAL I 117 -28.29 29.52 1.59
CA VAL I 117 -28.46 29.61 0.13
C VAL I 117 -29.87 30.09 -0.15
N LYS I 118 -30.00 31.00 -1.11
CA LYS I 118 -31.31 31.49 -1.53
C LYS I 118 -31.22 31.99 -2.96
N CYS I 119 -32.22 31.65 -3.77
CA CYS I 119 -32.32 32.10 -5.15
C CYS I 119 -33.59 32.91 -5.33
N ALA I 120 -33.47 34.06 -5.97
CA ALA I 120 -34.60 34.95 -6.19
C ALA I 120 -34.36 35.76 -7.45
N LYS I 121 -35.38 36.50 -7.86
CA LYS I 121 -35.33 37.26 -9.10
C LYS I 121 -34.46 38.50 -9.00
N GLU I 122 -34.05 38.91 -7.79
CA GLU I 122 -33.27 40.12 -7.61
C GLU I 122 -32.04 39.84 -6.75
N VAL I 123 -30.97 40.58 -7.02
CA VAL I 123 -29.73 40.37 -6.27
C VAL I 123 -29.90 40.83 -4.83
N ALA I 124 -30.55 41.97 -4.61
CA ALA I 124 -30.75 42.47 -3.25
C ALA I 124 -31.58 41.50 -2.43
N GLU I 125 -32.65 40.96 -3.02
CA GLU I 125 -33.49 40.01 -2.30
C GLU I 125 -32.77 38.69 -2.07
N ALA I 126 -31.90 38.29 -3.01
CA ALA I 126 -31.20 37.02 -2.87
C ALA I 126 -30.25 37.03 -1.68
N ILE I 127 -29.52 38.14 -1.47
CA ILE I 127 -28.61 38.21 -0.33
C ILE I 127 -29.40 38.31 0.96
N LYS I 128 -30.49 39.08 0.96
CA LYS I 128 -31.32 39.17 2.16
C LYS I 128 -31.96 37.83 2.49
N GLY I 129 -32.42 37.10 1.48
CA GLY I 129 -32.99 35.79 1.72
C GLY I 129 -31.96 34.79 2.21
N ALA I 130 -30.74 34.85 1.66
CA ALA I 130 -29.68 33.96 2.13
C ALA I 130 -29.18 34.37 3.51
N MET I 131 -29.28 35.65 3.84
CA MET I 131 -28.93 36.12 5.17
C MET I 131 -29.67 35.33 6.24
N ILE I 132 -30.98 35.22 6.06
CA ILE I 132 -31.83 34.55 7.05
C ILE I 132 -31.48 33.08 7.15
N GLN I 133 -31.30 32.40 6.01
CA GLN I 133 -30.99 30.98 6.06
C GLN I 133 -29.63 30.74 6.70
N ALA I 134 -28.67 31.64 6.47
CA ALA I 134 -27.37 31.49 7.08
C ALA I 134 -27.46 31.55 8.60
N LYS I 135 -28.21 32.51 9.13
CA LYS I 135 -28.37 32.63 10.57
C LYS I 135 -29.08 31.43 11.16
N LEU I 136 -30.13 30.94 10.48
CA LEU I 136 -30.84 29.77 10.96
C LEU I 136 -29.97 28.51 10.91
N ALA I 137 -28.96 28.50 10.05
CA ALA I 137 -28.06 27.35 9.90
C ALA I 137 -26.77 27.52 10.70
N MET I 138 -26.84 28.21 11.83
CA MET I 138 -25.67 28.34 12.68
C MET I 138 -25.30 27.00 13.30
N VAL I 139 -24.00 26.76 13.44
CA VAL I 139 -23.51 25.49 13.97
C VAL I 139 -22.25 25.75 14.80
N PRO I 140 -22.13 25.21 16.00
CA PRO I 140 -20.92 25.41 16.78
C PRO I 140 -19.73 24.73 16.13
N VAL I 141 -18.56 25.34 16.30
CA VAL I 141 -17.31 24.82 15.75
C VAL I 141 -16.41 24.43 16.91
N ARG I 142 -16.07 23.15 16.99
CA ARG I 142 -15.16 22.68 18.03
C ARG I 142 -13.73 22.83 17.55
N ARG I 143 -12.92 23.52 18.35
CA ARG I 143 -11.51 23.69 18.06
C ARG I 143 -10.70 23.37 19.30
N GLY I 144 -9.51 22.82 19.10
CA GLY I 144 -8.63 22.45 20.17
C GLY I 144 -7.23 22.99 19.92
N TYR I 145 -6.25 22.24 20.42
CA TYR I 145 -4.85 22.60 20.29
C TYR I 145 -4.13 21.56 19.44
N TRP I 146 -2.94 21.92 18.98
CA TRP I 146 -2.15 20.98 18.20
C TRP I 146 -1.38 20.03 19.12
N GLY I 147 -0.47 20.56 19.93
CA GLY I 147 0.32 19.70 20.78
C GLY I 147 0.40 20.10 22.24
N ALA I 148 0.13 21.35 22.55
CA ALA I 148 0.27 21.85 23.91
C ALA I 148 -0.92 22.69 24.28
N THR I 149 -1.38 22.55 25.52
CA THR I 149 -2.58 23.24 25.98
C THR I 149 -2.28 24.67 26.42
N ILE I 150 -1.56 25.41 25.59
CA ILE I 150 -1.23 26.81 25.87
C ILE I 150 -2.27 27.67 25.16
N GLY I 151 -3.03 28.43 25.94
CA GLY I 151 -4.14 29.17 25.36
C GLY I 151 -3.68 30.15 24.30
N GLU I 152 -4.56 30.43 23.35
CA GLU I 152 -5.91 29.86 23.33
C GLU I 152 -6.11 28.95 22.12
N VAL I 153 -7.34 28.44 21.95
CA VAL I 153 -7.60 27.48 20.89
C VAL I 153 -7.37 28.13 19.53
N HIS I 154 -6.72 27.38 18.64
CA HIS I 154 -6.38 27.89 17.32
C HIS I 154 -6.81 26.98 16.19
N THR I 155 -6.72 25.66 16.37
CA THR I 155 -6.87 24.71 15.28
C THR I 155 -7.93 23.67 15.64
N VAL I 156 -8.32 22.89 14.65
CA VAL I 156 -9.36 21.88 14.80
C VAL I 156 -8.85 20.80 15.76
N PRO I 157 -9.72 20.08 16.46
CA PRO I 157 -9.24 19.13 17.47
C PRO I 157 -8.75 17.82 16.87
N CYS I 158 -9.39 17.36 15.80
CA CYS I 158 -9.05 16.09 15.18
C CYS I 158 -9.21 16.24 13.67
N LYS I 159 -9.18 15.12 12.97
CA LYS I 159 -9.30 15.11 11.51
C LYS I 159 -10.76 14.97 11.12
N LEU I 160 -11.28 15.94 10.38
CA LEU I 160 -12.67 15.98 9.96
C LEU I 160 -12.75 16.00 8.45
N THR I 161 -13.77 15.34 7.90
CA THR I 161 -14.03 15.35 6.47
C THR I 161 -15.50 15.61 6.22
N GLY I 162 -15.78 16.58 5.36
CA GLY I 162 -17.14 16.93 5.00
C GLY I 162 -17.44 16.46 3.58
N ALA I 163 -18.60 15.82 3.44
CA ALA I 163 -19.01 15.21 2.17
C ALA I 163 -20.24 15.94 1.65
N CYS I 164 -20.02 16.86 0.73
CA CYS I 164 -21.03 17.34 -0.20
C CYS I 164 -21.12 16.31 -1.31
N GLY I 165 -21.48 16.72 -2.51
CA GLY I 165 -21.50 15.77 -3.60
C GLY I 165 -20.07 15.40 -3.97
N SER I 166 -19.72 15.41 -5.25
CA SER I 166 -18.39 14.94 -5.63
C SER I 166 -17.25 15.60 -4.87
N VAL I 167 -17.48 16.71 -4.18
CA VAL I 167 -16.42 17.45 -3.50
C VAL I 167 -16.29 16.94 -2.08
N ARG I 168 -15.07 16.60 -1.69
CA ARG I 168 -14.74 16.18 -0.33
C ARG I 168 -13.63 17.06 0.21
N VAL I 169 -13.83 17.60 1.41
CA VAL I 169 -12.86 18.48 2.05
C VAL I 169 -12.44 17.86 3.37
N ARG I 170 -11.14 17.80 3.61
CA ARG I 170 -10.58 17.20 4.81
C ARG I 170 -9.77 18.23 5.55
N LEU I 171 -10.04 18.36 6.85
CA LEU I 171 -9.38 19.35 7.70
C LEU I 171 -8.43 18.65 8.66
N VAL I 172 -7.19 19.12 8.69
CA VAL I 172 -6.13 18.51 9.49
C VAL I 172 -5.62 19.57 10.46
N PRO I 173 -5.47 19.26 11.75
CA PRO I 173 -4.91 20.24 12.68
C PRO I 173 -3.47 20.58 12.32
N ALA I 174 -3.09 21.82 12.59
CA ALA I 174 -1.80 22.35 12.19
C ALA I 174 -1.17 23.11 13.33
N PRO I 175 0.16 23.26 13.33
CA PRO I 175 0.83 24.03 14.38
C PRO I 175 0.44 25.50 14.39
N ARG I 176 1.01 26.25 15.33
CA ARG I 176 0.51 27.59 15.64
C ARG I 176 0.73 28.55 14.48
N GLY I 177 1.94 28.57 13.91
CA GLY I 177 2.27 29.60 12.93
C GLY I 177 1.50 29.45 11.63
N THR I 178 1.28 28.22 11.18
CA THR I 178 0.65 27.97 9.90
C THR I 178 -0.73 28.61 9.84
N GLY I 179 -1.00 29.32 8.76
CA GLY I 179 -2.29 29.96 8.57
C GLY I 179 -3.36 28.97 8.17
N ILE I 180 -4.35 29.46 7.44
CA ILE I 180 -5.36 28.59 6.84
C ILE I 180 -4.83 28.20 5.47
N VAL I 181 -4.19 27.04 5.39
CA VAL I 181 -3.71 26.55 4.11
C VAL I 181 -4.88 25.89 3.38
N ALA I 182 -5.57 26.68 2.56
CA ALA I 182 -6.74 26.19 1.86
C ALA I 182 -7.01 27.11 0.68
N ALA I 183 -7.93 26.68 -0.18
CA ALA I 183 -8.30 27.44 -1.35
C ALA I 183 -9.00 28.73 -0.93
N PRO I 184 -9.07 29.72 -1.82
CA PRO I 184 -9.73 30.98 -1.44
C PRO I 184 -11.18 30.82 -1.02
N THR I 185 -11.86 29.77 -1.48
CA THR I 185 -13.28 29.63 -1.19
C THR I 185 -13.55 29.14 0.23
N PRO I 186 -12.93 28.05 0.71
CA PRO I 186 -13.14 27.68 2.10
C PRO I 186 -12.33 28.51 3.08
N LYS I 187 -11.26 29.16 2.64
CA LYS I 187 -10.50 30.02 3.55
C LYS I 187 -11.33 31.20 4.00
N LYS I 188 -12.19 31.74 3.14
CA LYS I 188 -13.09 32.80 3.56
C LYS I 188 -14.06 32.30 4.61
N PHE I 189 -14.59 31.09 4.44
CA PHE I 189 -15.50 30.53 5.43
C PHE I 189 -14.78 30.21 6.73
N LEU I 190 -13.60 29.59 6.64
CA LEU I 190 -12.87 29.20 7.84
C LEU I 190 -12.42 30.40 8.65
N ILE I 191 -12.24 31.55 8.02
CA ILE I 191 -11.94 32.76 8.77
C ILE I 191 -13.12 33.13 9.67
N LEU I 192 -14.33 33.05 9.14
CA LEU I 192 -15.52 33.40 9.92
C LEU I 192 -15.71 32.46 11.09
N ALA I 193 -15.47 31.16 10.88
CA ALA I 193 -15.62 30.21 11.96
C ALA I 193 -14.59 30.39 13.06
N GLY I 194 -13.56 31.20 12.83
CA GLY I 194 -12.57 31.45 13.86
C GLY I 194 -11.46 30.41 13.94
N ILE I 195 -11.18 29.71 12.85
CA ILE I 195 -10.11 28.71 12.81
C ILE I 195 -8.93 29.35 12.10
N GLU I 196 -7.83 29.54 12.82
CA GLU I 196 -6.69 30.26 12.28
C GLU I 196 -5.64 29.34 11.66
N ASP I 197 -5.48 28.13 12.18
CA ASP I 197 -4.51 27.17 11.68
C ASP I 197 -5.22 25.90 11.27
N VAL I 198 -5.00 25.47 10.03
CA VAL I 198 -5.62 24.24 9.53
C VAL I 198 -4.90 23.83 8.26
N PHE I 199 -4.90 22.52 8.00
CA PHE I 199 -4.34 21.93 6.78
C PHE I 199 -5.48 21.23 6.04
N THR I 200 -5.64 21.56 4.76
CA THR I 200 -6.78 21.08 3.98
C THR I 200 -6.33 20.28 2.77
N GLN I 201 -7.08 19.22 2.47
CA GLN I 201 -6.85 18.39 1.30
C GLN I 201 -8.19 18.16 0.62
N THR I 202 -8.31 18.54 -0.64
CA THR I 202 -9.59 18.55 -1.33
C THR I 202 -9.60 17.52 -2.45
N THR I 203 -10.78 16.94 -2.67
CA THR I 203 -10.99 15.95 -3.71
C THR I 203 -12.34 16.17 -4.37
N GLY I 204 -12.38 16.12 -5.69
CA GLY I 204 -13.63 16.26 -6.41
C GLY I 204 -13.64 17.46 -7.32
N HIS I 205 -14.82 17.86 -7.78
CA HIS I 205 -14.95 19.01 -8.67
C HIS I 205 -15.06 20.27 -7.82
N THR I 206 -13.90 20.77 -7.40
CA THR I 206 -13.86 21.97 -6.59
C THR I 206 -14.21 23.23 -7.37
N LYS I 207 -14.27 23.16 -8.70
CA LYS I 207 -14.61 24.35 -9.48
C LYS I 207 -16.08 24.74 -9.36
N THR I 208 -16.93 23.87 -8.83
CA THR I 208 -18.30 24.24 -8.50
C THR I 208 -18.30 24.72 -7.06
N LEU I 209 -18.66 25.97 -6.85
CA LEU I 209 -18.44 26.58 -5.55
C LEU I 209 -19.52 26.20 -4.56
N GLY I 210 -20.72 25.90 -5.03
CA GLY I 210 -21.80 25.55 -4.13
C GLY I 210 -21.46 24.35 -3.27
N ASN I 211 -20.90 23.31 -3.88
CA ASN I 211 -20.52 22.13 -3.12
C ASN I 211 -19.26 22.35 -2.30
N PHE I 212 -18.38 23.24 -2.74
CA PHE I 212 -17.13 23.46 -2.01
C PHE I 212 -17.40 24.05 -0.63
N VAL I 213 -18.25 25.07 -0.55
CA VAL I 213 -18.56 25.65 0.75
C VAL I 213 -19.42 24.70 1.57
N LYS I 214 -20.37 24.02 0.93
CA LYS I 214 -21.21 23.09 1.66
C LYS I 214 -20.38 21.94 2.23
N ALA I 215 -19.38 21.47 1.49
CA ALA I 215 -18.50 20.43 2.01
C ALA I 215 -17.62 20.95 3.13
N THR I 216 -17.23 22.23 3.08
CA THR I 216 -16.49 22.83 4.19
C THR I 216 -17.38 22.92 5.41
N TYR I 217 -18.59 23.45 5.25
CA TYR I 217 -19.52 23.56 6.34
C TYR I 217 -19.93 22.19 6.88
N ASP I 218 -19.96 21.18 6.01
CA ASP I 218 -20.30 19.83 6.45
C ASP I 218 -19.17 19.22 7.26
N ALA I 219 -17.92 19.60 7.00
CA ALA I 219 -16.80 19.11 7.78
C ALA I 219 -16.85 19.67 9.19
N VAL I 220 -17.04 20.99 9.32
CA VAL I 220 -17.11 21.64 10.61
C VAL I 220 -18.36 21.22 11.36
N ARG I 221 -19.47 20.99 10.65
CA ARG I 221 -20.75 20.73 11.30
C ARG I 221 -20.71 19.50 12.19
N GLN I 222 -19.85 18.53 11.87
CA GLN I 222 -19.77 17.29 12.64
C GLN I 222 -18.56 17.27 13.57
N SER I 223 -17.95 18.42 13.83
CA SER I 223 -16.80 18.47 14.71
C SER I 223 -17.16 18.08 16.14
N TYR I 224 -18.41 18.27 16.54
CA TYR I 224 -18.86 17.97 17.88
C TYR I 224 -19.49 16.59 18.02
N GLY I 225 -19.51 15.81 16.95
CA GLY I 225 -20.07 14.47 17.03
C GLY I 225 -19.02 13.39 17.19
N PHE I 226 -17.75 13.77 17.04
CA PHE I 226 -16.65 12.82 17.12
C PHE I 226 -16.24 12.69 18.58
N GLN I 227 -16.67 11.60 19.23
CA GLN I 227 -16.42 11.39 20.65
C GLN I 227 -14.97 11.00 20.86
N THR I 228 -14.14 11.98 21.21
CA THR I 228 -12.73 11.75 21.48
C THR I 228 -12.58 11.11 22.86
N LYS I 229 -11.34 10.98 23.33
CA LYS I 229 -11.12 10.38 24.64
C LYS I 229 -11.52 11.33 25.77
N ASP I 230 -11.29 12.62 25.58
CA ASP I 230 -11.58 13.60 26.63
C ASP I 230 -13.07 13.84 26.82
N LEU I 231 -13.92 13.39 25.89
CA LEU I 231 -15.35 13.55 26.01
C LEU I 231 -16.04 12.30 26.55
N TRP I 232 -15.27 11.35 27.09
CA TRP I 232 -15.86 10.13 27.63
C TRP I 232 -16.76 10.45 28.82
N LYS I 233 -16.36 11.40 29.66
CA LYS I 233 -17.07 11.67 30.89
C LYS I 233 -18.52 12.05 30.60
N VAL I 234 -19.44 11.45 31.37
CA VAL I 234 -20.86 11.63 31.10
C VAL I 234 -21.27 13.08 31.26
N GLY I 235 -20.82 13.72 32.33
CA GLY I 235 -21.22 15.08 32.64
C GLY I 235 -22.33 15.11 33.67
N GLY I 236 -22.54 16.30 34.23
CA GLY I 236 -23.54 16.47 35.26
C GLY I 236 -24.95 16.47 34.70
N VAL I 237 -25.91 16.52 35.61
CA VAL I 237 -27.32 16.54 35.26
C VAL I 237 -27.72 17.99 34.98
N LYS I 238 -28.18 18.25 33.77
CA LYS I 238 -28.64 19.56 33.36
C LYS I 238 -30.11 19.50 33.02
N GLN I 239 -30.69 20.66 32.69
CA GLN I 239 -32.11 20.78 32.42
C GLN I 239 -32.30 21.60 31.15
N SER I 240 -33.19 21.12 30.28
CA SER I 240 -33.48 21.84 29.05
C SER I 240 -34.13 23.18 29.37
N PRO I 241 -33.74 24.26 28.71
CA PRO I 241 -34.40 25.55 28.95
C PRO I 241 -35.89 25.51 28.67
N MET I 242 -36.31 24.73 27.67
CA MET I 242 -37.73 24.58 27.38
C MET I 242 -38.46 23.78 28.43
N ASP I 243 -37.74 23.15 29.36
CA ASP I 243 -38.34 22.48 30.51
C ASP I 243 -38.19 23.28 31.80
N LYS I 244 -37.08 24.00 31.97
CA LYS I 244 -36.92 24.83 33.15
C LYS I 244 -37.98 25.92 33.21
N TYR I 245 -38.24 26.58 32.09
CA TYR I 245 -39.16 27.70 32.03
C TYR I 245 -40.46 27.32 31.34
N ALA I 246 -40.80 26.03 31.33
CA ALA I 246 -42.01 25.58 30.65
C ALA I 246 -43.25 26.19 31.28
N LYS I 247 -43.29 26.26 32.61
CA LYS I 247 -44.43 26.85 33.28
C LYS I 247 -44.51 28.35 33.04
N ILE I 248 -43.36 29.00 32.90
CA ILE I 248 -43.33 30.46 32.79
C ILE I 248 -43.93 30.91 31.46
N LEU I 249 -43.54 30.26 30.35
CA LEU I 249 -44.05 30.67 29.05
C LEU I 249 -45.50 30.28 28.82
N ALA I 250 -46.09 29.47 29.70
CA ALA I 250 -47.47 29.06 29.54
C ALA I 250 -48.46 30.20 29.69
N GLU I 251 -48.03 31.36 30.16
CA GLU I 251 -48.90 32.52 30.30
C GLU I 251 -48.14 33.82 30.04
N GLU J 24 -77.49 -33.29 -64.77
CA GLU J 24 -77.84 -33.39 -63.35
C GLU J 24 -76.72 -34.07 -62.57
N PRO J 25 -76.26 -33.42 -61.50
CA PRO J 25 -75.09 -33.93 -60.79
C PRO J 25 -75.40 -35.02 -59.77
N PHE J 26 -76.60 -34.99 -59.20
CA PHE J 26 -76.96 -35.90 -58.12
C PHE J 26 -77.83 -37.06 -58.58
N SER J 27 -78.16 -37.14 -59.87
CA SER J 27 -79.02 -38.21 -60.35
C SER J 27 -78.36 -39.57 -60.31
N LYS J 28 -77.03 -39.63 -60.14
CA LYS J 28 -76.32 -40.90 -60.09
C LYS J 28 -76.09 -41.40 -58.67
N LYS J 29 -76.54 -40.66 -57.66
CA LYS J 29 -76.20 -40.97 -56.28
C LYS J 29 -77.18 -41.96 -55.67
N GLU J 30 -76.65 -42.85 -54.85
CA GLU J 30 -77.45 -43.80 -54.08
C GLU J 30 -77.05 -43.70 -52.62
N TRP J 31 -77.99 -43.99 -51.73
CA TRP J 31 -77.80 -43.82 -50.31
C TRP J 31 -77.86 -45.17 -49.60
N TYR J 32 -77.04 -45.30 -48.55
CA TYR J 32 -76.97 -46.54 -47.78
C TYR J 32 -77.22 -46.25 -46.30
N ASN J 33 -77.09 -47.26 -45.46
CA ASN J 33 -77.25 -47.12 -44.02
C ASN J 33 -76.09 -47.81 -43.32
N VAL J 34 -75.90 -47.46 -42.05
CA VAL J 34 -74.80 -48.04 -41.27
C VAL J 34 -75.34 -48.90 -40.14
N ARG J 42 -78.36 -47.25 -30.48
CA ARG J 42 -78.35 -46.99 -31.92
C ARG J 42 -77.76 -48.17 -32.69
N THR J 44 -77.73 -48.23 -36.19
CA THR J 44 -77.75 -47.40 -37.40
C THR J 44 -77.73 -45.92 -37.01
N VAL J 45 -76.66 -45.23 -37.38
CA VAL J 45 -76.45 -43.85 -36.95
C VAL J 45 -76.65 -42.84 -38.07
N GLY J 46 -76.59 -43.24 -39.33
CA GLY J 46 -76.74 -42.29 -40.40
C GLY J 46 -76.63 -42.95 -41.76
N GLN J 47 -76.58 -42.12 -42.79
CA GLN J 47 -76.56 -42.57 -44.18
C GLN J 47 -75.34 -42.01 -44.89
N ILE J 48 -74.86 -42.75 -45.87
CA ILE J 48 -73.68 -42.38 -46.65
C ILE J 48 -74.04 -42.47 -48.14
N VAL J 49 -73.73 -41.42 -48.88
CA VAL J 49 -74.00 -41.40 -50.31
C VAL J 49 -72.94 -42.21 -51.03
N VAL J 50 -73.29 -42.74 -52.19
CA VAL J 50 -72.32 -43.44 -53.03
C VAL J 50 -72.81 -43.38 -54.47
N ASN J 51 -71.87 -43.28 -55.40
CA ASN J 51 -72.21 -43.31 -56.81
C ASN J 51 -72.80 -44.67 -57.17
N LYS J 52 -73.84 -44.66 -57.99
CA LYS J 52 -74.46 -45.91 -58.40
C LYS J 52 -73.48 -46.73 -59.24
N THR J 53 -73.58 -48.05 -59.11
CA THR J 53 -72.61 -48.95 -59.71
C THR J 53 -72.65 -48.86 -61.24
N ALA J 54 -71.49 -49.02 -61.85
CA ALA J 54 -71.33 -48.98 -63.30
C ALA J 54 -70.20 -49.91 -63.68
N GLY J 55 -69.68 -49.77 -64.89
CA GLY J 55 -68.59 -50.61 -65.37
C GLY J 55 -67.33 -50.50 -64.54
N ALA J 59 -69.74 -50.67 -55.65
CA ALA J 59 -70.23 -50.28 -54.33
C ALA J 59 -70.20 -51.46 -53.36
N GLN J 62 -66.65 -51.14 -52.76
CA GLN J 62 -66.03 -49.84 -52.54
C GLN J 62 -66.22 -49.35 -51.10
N LEU J 63 -67.41 -49.59 -50.56
CA LEU J 63 -67.74 -49.13 -49.22
C LEU J 63 -67.10 -50.00 -48.16
N GLY J 65 -64.12 -49.15 -47.74
CA GLY J 65 -63.62 -48.96 -46.40
C GLY J 65 -63.78 -47.53 -45.91
N ARG J 66 -65.03 -47.09 -45.79
CA ARG J 66 -65.31 -45.75 -45.34
C ARG J 66 -65.17 -45.64 -43.83
N VAL J 67 -64.70 -44.48 -43.38
CA VAL J 67 -64.54 -44.19 -41.95
C VAL J 67 -65.58 -43.15 -41.56
N VAL J 68 -66.32 -43.43 -40.49
CA VAL J 68 -67.38 -42.55 -40.01
C VAL J 68 -67.06 -42.15 -38.59
N GLU J 69 -67.00 -40.84 -38.33
CA GLU J 69 -66.71 -40.32 -37.00
C GLU J 69 -68.01 -39.88 -36.35
N VAL J 70 -68.33 -40.49 -35.21
CA VAL J 70 -69.55 -40.21 -34.49
C VAL J 70 -69.23 -39.93 -33.02
N ASN J 71 -70.17 -39.27 -32.36
CA ASN J 71 -70.02 -38.91 -30.96
C ASN J 71 -70.57 -40.01 -30.07
N LEU J 72 -69.87 -40.29 -28.98
CA LEU J 72 -70.33 -41.32 -28.04
C LEU J 72 -71.67 -40.94 -27.42
N ALA J 73 -71.95 -39.64 -27.31
CA ALA J 73 -73.26 -39.23 -26.79
C ALA J 73 -74.38 -39.67 -27.72
N ASP J 74 -74.17 -39.56 -29.04
CA ASP J 74 -75.19 -39.99 -29.97
C ASP J 74 -75.36 -41.51 -29.94
N LEU J 75 -74.26 -42.24 -29.83
CA LEU J 75 -74.34 -43.71 -29.81
C LEU J 75 -75.10 -44.21 -28.58
N MET J 76 -74.80 -43.67 -27.42
CA MET J 76 -75.45 -44.09 -26.19
C MET J 76 -76.67 -43.27 -25.82
N GLU J 77 -77.00 -42.25 -26.61
CA GLU J 77 -78.18 -41.40 -26.38
C GLU J 77 -78.15 -40.74 -25.02
N ASN J 78 -76.95 -40.52 -24.47
CA ASN J 78 -76.77 -39.87 -23.17
C ASN J 78 -75.73 -38.78 -23.30
N GLU J 79 -76.03 -37.60 -22.75
CA GLU J 79 -75.11 -36.48 -22.84
C GLU J 79 -73.91 -36.61 -21.92
N LYS J 80 -73.92 -37.57 -20.99
CA LYS J 80 -72.77 -37.77 -20.12
C LYS J 80 -71.57 -38.33 -20.88
N PHE J 81 -71.76 -38.81 -22.10
CA PHE J 81 -70.67 -39.30 -22.94
C PHE J 81 -70.31 -38.32 -24.05
N GLY J 82 -70.73 -37.07 -23.94
CA GLY J 82 -70.58 -36.13 -25.03
C GLY J 82 -69.16 -35.76 -25.36
N ALA J 83 -68.23 -35.95 -24.43
CA ALA J 83 -66.84 -35.57 -24.65
C ALA J 83 -66.02 -36.71 -25.23
N TYR J 84 -66.50 -37.31 -26.31
CA TYR J 84 -65.79 -38.41 -26.94
C TYR J 84 -66.21 -38.50 -28.40
N ASN J 85 -65.32 -39.03 -29.22
CA ASN J 85 -65.58 -39.24 -30.63
C ASN J 85 -65.14 -40.64 -31.01
N TYR J 86 -65.98 -41.34 -31.77
CA TYR J 86 -65.71 -42.71 -32.17
C TYR J 86 -65.58 -42.78 -33.69
N LYS J 87 -64.75 -43.72 -34.15
CA LYS J 87 -64.53 -43.94 -35.57
C LYS J 87 -64.85 -45.39 -35.91
N PHE J 88 -65.60 -45.58 -36.99
CA PHE J 88 -65.99 -46.90 -37.45
C PHE J 88 -65.64 -47.06 -38.92
N LYS J 89 -65.13 -48.23 -39.28
CA LYS J 89 -64.69 -48.53 -40.64
C LYS J 89 -65.58 -49.61 -41.23
N CYS J 90 -66.07 -49.38 -42.45
CA CYS J 90 -66.93 -50.35 -43.12
C CYS J 90 -66.19 -51.64 -43.44
N HIS J 103 -63.03 -49.29 -34.92
CA HIS J 103 -61.78 -48.74 -35.45
C HIS J 103 -60.96 -48.09 -34.35
N GLY J 104 -61.27 -46.82 -34.05
CA GLY J 104 -60.59 -46.10 -33.00
C GLY J 104 -61.48 -45.04 -32.41
N LEU J 105 -61.01 -44.45 -31.32
CA LEU J 105 -61.71 -43.38 -30.62
C LEU J 105 -60.75 -42.23 -30.38
N LYS J 106 -61.28 -41.12 -29.87
CA LYS J 106 -60.47 -39.95 -29.59
C LYS J 106 -61.28 -38.96 -28.77
N LEU J 107 -60.63 -38.35 -27.79
CA LEU J 107 -61.26 -37.27 -27.03
C LEU J 107 -61.56 -36.10 -27.96
N THR J 108 -62.66 -35.41 -27.69
CA THR J 108 -63.00 -34.24 -28.48
C THR J 108 -61.98 -33.13 -28.24
N THR J 109 -61.83 -32.27 -29.25
CA THR J 109 -60.82 -31.21 -29.15
C THR J 109 -61.17 -30.20 -28.06
N ASP J 110 -62.46 -29.98 -27.81
CA ASP J 110 -62.85 -29.07 -26.74
C ASP J 110 -62.34 -29.55 -25.40
N LYS J 111 -62.62 -30.81 -25.07
CA LYS J 111 -62.31 -31.32 -23.74
C LYS J 111 -60.81 -31.33 -23.48
N LEU J 112 -60.01 -31.72 -24.48
CA LEU J 112 -58.58 -31.87 -24.27
C LEU J 112 -57.93 -30.53 -23.91
N ARG J 113 -58.34 -29.45 -24.57
CA ARG J 113 -57.79 -28.14 -24.22
C ARG J 113 -58.30 -27.68 -22.86
N SER J 114 -59.54 -28.01 -22.53
CA SER J 114 -60.16 -27.49 -21.32
C SER J 114 -59.48 -27.99 -20.06
N ILE J 115 -59.01 -29.24 -20.06
CA ILE J 115 -58.53 -29.88 -18.84
C ILE J 115 -57.03 -29.65 -18.62
N VAL J 116 -56.42 -28.74 -19.37
CA VAL J 116 -55.02 -28.40 -19.20
C VAL J 116 -54.93 -27.17 -18.31
N LYS J 117 -54.33 -27.31 -17.15
CA LYS J 117 -54.24 -26.25 -16.17
C LYS J 117 -52.81 -25.75 -16.08
N LYS J 118 -52.67 -24.47 -15.72
CA LYS J 118 -51.40 -23.77 -15.92
C LYS J 118 -50.33 -24.18 -14.92
N TRP J 119 -50.70 -24.46 -13.66
CA TRP J 119 -49.74 -24.61 -12.59
C TRP J 119 -49.69 -26.03 -12.02
N CYS J 120 -49.68 -27.03 -12.90
CA CYS J 120 -49.62 -28.42 -12.47
C CYS J 120 -48.66 -29.16 -13.40
N THR J 121 -48.67 -30.49 -13.30
CA THR J 121 -47.78 -31.34 -14.08
C THR J 121 -48.59 -32.29 -14.93
N LEU J 122 -48.29 -32.35 -16.22
CA LEU J 122 -49.00 -33.19 -17.17
C LEU J 122 -48.27 -34.52 -17.32
N ILE J 123 -49.01 -35.62 -17.21
CA ILE J 123 -48.45 -36.95 -17.31
C ILE J 123 -49.13 -37.69 -18.45
N GLU J 124 -48.33 -38.26 -19.34
CA GLU J 124 -48.82 -38.95 -20.52
C GLU J 124 -48.08 -40.27 -20.68
N THR J 125 -48.72 -41.22 -21.35
CA THR J 125 -48.14 -42.55 -21.52
C THR J 125 -48.78 -43.21 -22.73
N SER J 126 -48.43 -44.47 -22.97
CA SER J 126 -49.01 -45.27 -24.04
C SER J 126 -48.83 -46.76 -23.76
N ILE J 139 -53.14 -47.09 -26.98
CA ILE J 139 -53.87 -46.58 -25.82
C ILE J 139 -53.13 -45.42 -25.19
N PHE J 140 -53.70 -44.22 -25.28
CA PHE J 140 -53.08 -43.02 -24.76
C PHE J 140 -53.80 -42.58 -23.50
N CYS J 141 -53.04 -42.30 -22.45
CA CYS J 141 -53.59 -41.83 -21.19
C CYS J 141 -53.00 -40.48 -20.85
N ILE J 142 -53.77 -39.68 -20.12
CA ILE J 142 -53.33 -38.36 -19.67
C ILE J 142 -53.69 -38.20 -18.21
N GLY J 143 -53.02 -37.25 -17.56
CA GLY J 143 -53.29 -36.99 -16.15
C GLY J 143 -52.69 -35.66 -15.76
N PHE J 144 -53.12 -35.18 -14.59
CA PHE J 144 -52.63 -33.92 -14.06
C PHE J 144 -52.59 -33.99 -12.55
N THR J 145 -51.48 -33.56 -11.96
CA THR J 145 -51.40 -33.46 -10.50
C THR J 145 -52.38 -32.41 -10.01
N SER J 146 -53.13 -32.75 -8.98
CA SER J 146 -54.22 -31.89 -8.50
C SER J 146 -53.79 -31.10 -7.27
N ARG J 147 -54.66 -30.17 -6.88
CA ARG J 147 -54.47 -29.40 -5.67
C ARG J 147 -54.96 -30.23 -4.48
N LYS J 148 -55.06 -29.59 -3.32
CA LYS J 148 -55.60 -30.24 -2.13
C LYS J 148 -56.49 -29.24 -1.41
N SER J 149 -57.37 -29.78 -0.56
CA SER J 149 -58.32 -28.94 0.15
C SER J 149 -57.63 -27.92 1.05
N ASN J 150 -56.61 -28.37 1.79
CA ASN J 150 -55.87 -27.50 2.69
C ASN J 150 -54.66 -26.85 2.02
N GLN J 151 -54.38 -27.17 0.77
CA GLN J 151 -53.18 -26.66 0.11
C GLN J 151 -53.23 -25.15 -0.01
N ILE J 152 -52.09 -24.51 0.28
CA ILE J 152 -51.97 -23.06 0.26
C ILE J 152 -51.09 -22.59 -0.90
N LYS J 153 -49.94 -23.24 -1.09
CA LYS J 153 -49.05 -22.83 -2.17
C LYS J 153 -49.73 -23.04 -3.52
N LYS J 154 -49.45 -22.13 -4.46
CA LYS J 154 -50.20 -22.10 -5.71
C LYS J 154 -49.89 -23.31 -6.59
N THR J 155 -48.61 -23.66 -6.70
CA THR J 155 -48.15 -24.63 -7.68
C THR J 155 -47.92 -25.99 -7.03
N SER J 156 -48.53 -27.02 -7.60
CA SER J 156 -48.39 -28.39 -7.12
C SER J 156 -47.71 -29.22 -8.21
N TYR J 157 -46.39 -29.19 -8.24
CA TYR J 157 -45.61 -29.97 -9.20
C TYR J 157 -45.10 -31.25 -8.56
N ALA J 158 -44.93 -32.27 -9.38
CA ALA J 158 -44.35 -33.53 -8.94
C ALA J 158 -42.88 -33.57 -9.31
N LYS J 159 -42.10 -34.32 -8.54
CA LYS J 159 -40.70 -34.50 -8.88
C LYS J 159 -40.56 -35.42 -10.09
N SER J 160 -39.39 -35.37 -10.71
CA SER J 160 -39.13 -36.28 -11.82
C SER J 160 -39.16 -37.73 -11.36
N ALA J 161 -38.62 -38.00 -10.17
CA ALA J 161 -38.67 -39.34 -9.62
C ALA J 161 -40.11 -39.78 -9.36
N GLN J 162 -40.93 -38.85 -8.86
CA GLN J 162 -42.33 -39.18 -8.59
C GLN J 162 -43.11 -39.43 -9.87
N ILE J 163 -42.81 -38.68 -10.93
CA ILE J 163 -43.56 -38.81 -12.18
C ILE J 163 -43.39 -40.20 -12.77
N LYS J 164 -42.17 -40.72 -12.77
CA LYS J 164 -41.91 -42.03 -13.35
C LYS J 164 -42.64 -43.14 -12.61
N LYS J 165 -43.03 -42.91 -11.35
CA LYS J 165 -43.82 -43.91 -10.64
C LYS J 165 -45.25 -44.00 -11.17
N ILE J 166 -45.83 -42.85 -11.54
CA ILE J 166 -47.19 -42.85 -12.08
C ILE J 166 -47.23 -43.36 -13.51
N ARG J 167 -46.09 -43.74 -14.07
CA ARG J 167 -46.05 -44.30 -15.41
C ARG J 167 -45.66 -45.77 -15.36
N ARG J 191 -64.76 -47.07 -20.83
CA ARG J 191 -66.13 -47.16 -20.34
C ARG J 191 -66.18 -47.62 -18.88
N ASN J 193 -66.02 -47.19 -15.74
CA ASN J 193 -64.64 -46.77 -15.55
C ASN J 193 -63.91 -47.70 -14.58
N PRO J 196 -59.47 -46.16 -14.67
CA PRO J 196 -59.53 -44.72 -14.42
C PRO J 196 -59.78 -44.42 -12.94
N LYS J 197 -59.72 -45.45 -12.12
CA LYS J 197 -59.97 -45.31 -10.68
C LYS J 197 -58.98 -46.15 -9.88
N ILE J 199 -56.42 -46.34 -11.52
CA ILE J 199 -55.40 -45.40 -11.97
C ILE J 199 -55.19 -44.31 -10.94
N VAL J 200 -56.28 -43.67 -10.52
CA VAL J 200 -56.18 -42.64 -9.49
C VAL J 200 -55.74 -43.26 -8.17
N ALA J 201 -56.37 -44.36 -7.78
CA ALA J 201 -56.02 -45.04 -6.54
C ALA J 201 -55.20 -46.30 -6.82
N CYS J 203 -52.70 -44.62 -7.69
CA CYS J 203 -51.57 -43.69 -7.71
C CYS J 203 -51.78 -42.55 -6.73
N SER J 204 -52.93 -42.56 -6.04
CA SER J 204 -53.16 -41.59 -4.99
C SER J 204 -52.21 -41.78 -3.82
N LYS J 205 -51.53 -42.91 -3.75
CA LYS J 205 -50.48 -43.13 -2.77
C LYS J 205 -49.14 -42.58 -3.23
N VAL J 206 -49.08 -41.98 -4.42
CA VAL J 206 -47.88 -41.36 -4.93
C VAL J 206 -48.04 -39.85 -5.09
N PHE J 207 -49.19 -39.41 -5.59
CA PHE J 207 -49.46 -37.99 -5.74
C PHE J 207 -50.97 -37.80 -5.89
N SER J 208 -51.39 -36.54 -5.88
CA SER J 208 -52.79 -36.18 -5.93
C SER J 208 -53.16 -35.91 -7.39
N MET J 209 -54.05 -36.74 -7.93
CA MET J 209 -54.43 -36.68 -9.34
C MET J 209 -55.94 -36.59 -9.47
N ASP J 210 -56.42 -35.77 -10.40
CA ASP J 210 -57.86 -35.60 -10.56
C ASP J 210 -58.34 -35.78 -11.99
N ASN J 211 -57.57 -35.32 -12.98
CA ASN J 211 -58.03 -35.25 -14.36
C ASN J 211 -57.39 -36.40 -15.15
N VAL J 212 -57.98 -37.58 -15.03
CA VAL J 212 -57.45 -38.78 -15.68
C VAL J 212 -58.43 -39.20 -16.76
N TYR J 213 -57.93 -39.29 -17.99
CA TYR J 213 -58.74 -39.64 -19.16
C TYR J 213 -57.94 -40.54 -20.07
N ILE J 214 -58.64 -41.21 -20.97
CA ILE J 214 -58.04 -41.93 -22.08
C ILE J 214 -58.37 -41.16 -23.34
N ARG J 215 -57.37 -40.49 -23.91
CA ARG J 215 -57.61 -39.51 -24.96
C ARG J 215 -57.55 -40.09 -26.36
N LYS J 216 -57.17 -41.35 -26.52
CA LYS J 216 -57.05 -41.91 -27.86
C LYS J 216 -56.84 -43.42 -27.76
N VAL J 217 -57.40 -44.14 -28.72
CA VAL J 217 -57.11 -45.55 -28.95
C VAL J 217 -56.91 -45.75 -30.45
N LYS J 218 -55.85 -46.48 -30.82
CA LYS J 218 -55.55 -46.70 -32.23
C LYS J 218 -55.74 -48.16 -32.63
N ALA K 2 45.48 7.08 -13.68
CA ALA K 2 46.88 7.46 -13.48
C ALA K 2 47.80 6.30 -13.82
N ARG K 3 48.93 6.61 -14.45
CA ARG K 3 49.90 5.59 -14.84
C ARG K 3 50.93 5.32 -13.75
N GLY K 4 50.94 6.08 -12.68
CA GLY K 4 51.91 5.90 -11.63
C GLY K 4 51.51 6.62 -10.36
N PRO K 5 52.44 6.72 -9.41
CA PRO K 5 52.15 7.42 -8.15
C PRO K 5 51.88 8.89 -8.41
N ARG K 6 51.00 9.46 -7.61
CA ARG K 6 50.63 10.87 -7.73
C ARG K 6 51.60 11.74 -6.94
N HIS K 7 51.61 13.02 -7.28
CA HIS K 7 52.49 13.99 -6.63
C HIS K 7 51.75 15.18 -6.05
N HIS K 8 50.70 15.65 -6.71
CA HIS K 8 49.92 16.76 -6.18
C HIS K 8 48.87 16.24 -5.20
N LEU K 9 48.35 17.17 -4.39
CA LEU K 9 47.23 16.88 -3.51
C LEU K 9 46.26 18.04 -3.56
N LYS K 10 45.05 17.79 -4.04
CA LYS K 10 44.03 18.82 -4.09
C LYS K 10 43.63 19.23 -2.68
N ARG K 11 43.20 20.49 -2.53
CA ARG K 11 42.91 21.00 -1.20
C ARG K 11 41.80 20.22 -0.52
N LEU K 12 40.75 19.89 -1.27
CA LEU K 12 39.59 19.22 -0.67
C LEU K 12 39.85 17.74 -0.43
N ASN K 13 40.83 17.14 -1.09
CA ASN K 13 41.17 15.76 -0.80
C ASN K 13 42.11 15.62 0.39
N ALA K 14 42.62 16.73 0.91
CA ALA K 14 43.51 16.67 2.06
C ALA K 14 42.75 16.17 3.29
N PRO K 15 43.43 15.56 4.24
CA PRO K 15 42.74 15.09 5.45
C PRO K 15 42.04 16.24 6.16
N HIS K 16 40.86 15.95 6.71
CA HIS K 16 40.05 16.99 7.32
C HIS K 16 40.72 17.58 8.55
N HIS K 17 41.50 16.80 9.28
CA HIS K 17 42.06 17.26 10.54
C HIS K 17 43.27 18.16 10.37
N TRP K 18 43.48 18.72 9.18
CA TRP K 18 44.45 19.78 9.00
C TRP K 18 43.81 21.16 9.01
N MET K 19 42.49 21.23 8.87
CA MET K 19 41.76 22.50 8.86
C MET K 19 42.35 23.49 7.87
N LEU K 20 42.28 23.13 6.60
CA LEU K 20 42.74 23.98 5.52
C LEU K 20 41.54 24.72 4.93
N SER K 21 41.66 26.04 4.81
CA SER K 21 40.57 26.84 4.28
C SER K 21 40.22 26.40 2.87
N LYS K 22 38.91 26.22 2.62
CA LYS K 22 38.47 25.74 1.32
C LYS K 22 38.76 26.73 0.20
N LEU K 23 38.93 28.02 0.52
CA LEU K 23 39.31 29.01 -0.47
C LEU K 23 40.76 29.44 -0.31
N GLY K 24 41.57 28.68 0.42
CA GLY K 24 42.97 29.02 0.56
C GLY K 24 43.74 28.89 -0.75
N GLY K 25 43.49 27.84 -1.50
CA GLY K 25 44.22 27.59 -2.73
C GLY K 25 43.80 26.28 -3.33
N THR K 26 44.33 26.00 -4.51
CA THR K 26 43.91 24.82 -5.25
C THR K 26 44.48 23.55 -4.65
N PHE K 27 45.75 23.57 -4.26
CA PHE K 27 46.45 22.37 -3.82
C PHE K 27 46.78 22.44 -2.34
N ALA K 28 47.14 21.28 -1.79
CA ALA K 28 47.56 21.13 -0.41
C ALA K 28 48.90 20.42 -0.37
N PRO K 29 49.74 20.72 0.63
CA PRO K 29 51.09 20.16 0.64
C PRO K 29 51.10 18.66 0.84
N LYS K 30 51.48 17.91 -0.19
CA LYS K 30 51.50 16.47 -0.10
C LYS K 30 52.64 16.03 0.81
N PRO K 31 52.38 15.27 1.87
CA PRO K 31 53.46 14.85 2.76
C PRO K 31 54.26 13.72 2.13
N SER K 32 55.57 13.88 2.06
CA SER K 32 56.43 12.86 1.49
C SER K 32 56.39 11.59 2.36
N HIS K 33 56.85 10.49 1.78
CA HIS K 33 56.80 9.22 2.47
C HIS K 33 57.83 9.20 3.60
N GLY K 34 57.77 8.14 4.40
CA GLY K 34 58.69 7.99 5.51
C GLY K 34 58.12 7.18 6.64
N PRO K 35 58.14 7.74 7.85
CA PRO K 35 57.72 6.98 9.03
C PRO K 35 56.21 6.91 9.21
N HIS K 36 55.50 7.98 8.87
CA HIS K 36 54.08 8.09 9.14
C HIS K 36 53.27 8.14 7.85
N GLY K 37 52.06 7.59 7.91
CA GLY K 37 51.22 7.52 6.73
C GLY K 37 50.72 8.88 6.27
N MET K 38 50.02 8.86 5.14
CA MET K 38 49.52 10.10 4.56
C MET K 38 48.47 10.75 5.46
N LYS K 39 47.54 9.96 5.98
CA LYS K 39 46.45 10.49 6.79
C LYS K 39 46.73 10.41 8.29
N GLU K 40 47.87 9.90 8.69
CA GLU K 40 48.26 9.82 10.09
C GLU K 40 49.32 10.85 10.47
N CYS K 41 49.61 11.79 9.58
CA CYS K 41 50.72 12.70 9.78
C CYS K 41 50.31 14.12 9.47
N LEU K 42 51.00 15.07 10.10
CA LEU K 42 50.88 16.48 9.80
C LEU K 42 52.15 16.93 9.10
N PRO K 43 52.08 17.45 7.88
CA PRO K 43 53.30 17.90 7.21
C PRO K 43 53.97 19.02 7.98
N LEU K 44 55.31 19.03 7.94
CA LEU K 44 56.06 20.01 8.69
C LEU K 44 55.74 21.44 8.28
N ILE K 45 55.29 21.66 7.05
CA ILE K 45 54.92 23.01 6.63
C ILE K 45 53.71 23.50 7.41
N LEU K 46 52.70 22.64 7.57
CA LEU K 46 51.50 23.04 8.28
C LEU K 46 51.75 23.28 9.75
N ILE K 47 52.78 22.66 10.33
CA ILE K 47 53.06 22.87 11.74
C ILE K 47 53.57 24.29 11.98
N LEU K 48 54.35 24.83 11.05
CA LEU K 48 54.94 26.14 11.25
C LEU K 48 54.10 27.27 10.68
N ARG K 49 53.39 27.04 9.58
CA ARG K 49 52.64 28.14 8.98
C ARG K 49 51.36 28.44 9.74
N ASN K 50 50.69 27.42 10.27
CA ASN K 50 49.39 27.59 10.90
C ASN K 50 49.43 27.36 12.41
N ARG K 51 49.95 26.23 12.85
CA ARG K 51 49.96 25.93 14.28
C ARG K 51 50.80 26.93 15.05
N LEU K 52 51.97 27.29 14.52
CA LEU K 52 52.89 28.20 15.20
C LEU K 52 52.98 29.57 14.56
N ASN K 53 52.51 29.72 13.32
CA ASN K 53 52.43 31.01 12.63
C ASN K 53 53.77 31.69 12.49
N TYR K 54 54.87 30.91 12.54
CA TYR K 54 56.19 31.50 12.33
C TYR K 54 56.35 32.01 10.91
N ALA K 55 55.90 31.24 9.92
CA ALA K 55 56.06 31.57 8.51
C ALA K 55 54.71 31.82 7.89
N LEU K 56 54.58 32.95 7.18
CA LEU K 56 53.29 33.29 6.58
C LEU K 56 52.99 32.43 5.35
N ASN K 57 53.99 32.21 4.49
CA ASN K 57 53.79 31.42 3.29
C ASN K 57 54.93 30.43 3.12
N GLY K 58 54.82 29.60 2.09
CA GLY K 58 55.83 28.59 1.81
C GLY K 58 57.18 29.14 1.41
N ARG K 59 57.24 30.43 1.05
CA ARG K 59 58.53 31.07 0.84
C ARG K 59 59.36 31.06 2.11
N GLU K 60 58.72 31.32 3.25
CA GLU K 60 59.41 31.42 4.53
C GLU K 60 59.43 30.11 5.29
N VAL K 61 58.86 29.04 4.74
CA VAL K 61 58.97 27.73 5.37
C VAL K 61 60.22 27.00 4.89
N THR K 62 60.53 27.09 3.59
CA THR K 62 61.75 26.52 3.09
C THR K 62 62.99 27.27 3.58
N MET K 63 62.84 28.55 3.91
CA MET K 63 63.93 29.33 4.48
C MET K 63 64.26 28.90 5.90
N ILE K 64 63.44 28.04 6.50
CA ILE K 64 63.62 27.61 7.89
C ILE K 64 64.06 26.15 7.94
N VAL K 65 63.32 25.25 7.30
CA VAL K 65 63.60 23.82 7.43
C VAL K 65 64.93 23.47 6.78
N LYS K 66 65.25 24.12 5.65
CA LYS K 66 66.55 23.92 5.01
C LYS K 66 67.68 24.60 5.76
N ASN K 67 67.37 25.43 6.76
CA ASN K 67 68.37 26.13 7.55
C ASN K 67 68.80 25.35 8.78
N ARG K 68 68.53 24.04 8.81
CA ARG K 68 68.92 23.16 9.92
C ARG K 68 68.39 23.68 11.25
N THR K 69 67.14 24.12 11.26
CA THR K 69 66.52 24.73 12.44
C THR K 69 65.32 23.92 12.95
N ILE K 70 65.31 22.61 12.69
CA ILE K 70 64.27 21.74 13.21
C ILE K 70 64.88 20.38 13.50
N LYS K 71 64.55 19.81 14.66
CA LYS K 71 65.09 18.52 15.09
C LYS K 71 63.91 17.59 15.39
N ILE K 72 63.45 16.87 14.37
CA ILE K 72 62.40 15.89 14.58
C ILE K 72 63.01 14.67 15.24
N ASP K 73 62.52 14.32 16.42
CA ASP K 73 63.16 13.35 17.31
C ASP K 73 64.60 13.82 17.57
N GLY K 74 65.49 12.89 17.89
CA GLY K 74 66.86 13.26 18.14
C GLY K 74 67.55 13.81 16.91
N LYS K 75 67.28 13.23 15.75
CA LYS K 75 67.90 13.66 14.51
C LYS K 75 67.35 15.03 14.10
N ILE K 76 67.87 15.53 12.98
CA ILE K 76 67.46 16.83 12.44
C ILE K 76 67.04 16.60 11.00
N ARG K 77 65.86 17.13 10.65
CA ARG K 77 65.27 16.94 9.33
C ARG K 77 65.27 18.24 8.56
N THR K 78 65.50 18.15 7.26
CA THR K 78 65.55 19.31 6.37
C THR K 78 64.66 19.10 5.16
N ASP K 79 63.48 18.51 5.39
CA ASP K 79 62.48 18.30 4.35
C ASP K 79 61.26 19.16 4.66
N THR K 80 60.88 20.00 3.70
CA THR K 80 59.78 20.94 3.94
C THR K 80 58.48 20.22 4.26
N ARG K 81 58.24 19.06 3.66
CA ARG K 81 57.03 18.30 3.85
C ARG K 81 57.32 16.96 4.51
N TYR K 82 58.17 16.98 5.52
CA TYR K 82 58.44 15.77 6.28
C TYR K 82 57.16 15.35 7.01
N PRO K 83 56.84 14.06 7.05
CA PRO K 83 55.63 13.63 7.76
C PRO K 83 55.83 13.61 9.26
N VAL K 84 55.27 14.60 9.95
CA VAL K 84 55.33 14.68 11.41
C VAL K 84 54.02 14.10 11.93
N GLY K 85 54.10 12.94 12.57
CA GLY K 85 52.89 12.25 12.97
C GLY K 85 52.58 12.31 14.45
N PHE K 86 52.64 11.17 15.11
CA PHE K 86 52.25 11.04 16.51
C PHE K 86 53.34 11.61 17.41
N MET K 87 53.36 11.18 18.67
CA MET K 87 54.04 11.89 19.75
C MET K 87 55.55 12.04 19.54
N ASP K 88 56.05 11.63 18.38
CA ASP K 88 57.39 12.01 17.95
C ASP K 88 57.64 13.48 18.26
N VAL K 89 58.70 13.74 19.02
CA VAL K 89 58.94 15.07 19.56
C VAL K 89 59.51 15.98 18.47
N LEU K 90 59.15 17.25 18.56
CA LEU K 90 59.67 18.29 17.68
C LEU K 90 60.31 19.36 18.55
N SER K 91 61.53 19.77 18.19
CA SER K 91 62.29 20.70 19.00
C SER K 91 62.91 21.77 18.11
N ILE K 92 62.92 23.00 18.59
CA ILE K 92 63.57 24.11 17.94
C ILE K 92 64.61 24.69 18.90
N PRO K 93 65.88 24.36 18.72
CA PRO K 93 66.92 24.89 19.63
C PRO K 93 67.02 26.40 19.62
N ARG K 94 66.75 27.06 18.49
CA ARG K 94 66.90 28.51 18.42
C ARG K 94 65.94 29.21 19.37
N THR K 95 64.65 28.87 19.28
CA THR K 95 63.66 29.45 20.17
C THR K 95 63.60 28.74 21.51
N LYS K 96 64.35 27.65 21.69
CA LYS K 96 64.37 26.89 22.93
C LYS K 96 62.96 26.44 23.31
N GLU K 97 62.36 25.62 22.47
CA GLU K 97 61.07 25.04 22.76
C GLU K 97 61.02 23.62 22.23
N ASN K 98 60.42 22.71 23.01
CA ASN K 98 60.32 21.31 22.67
C ASN K 98 58.85 20.91 22.71
N PHE K 99 58.21 20.92 21.55
CA PHE K 99 56.80 20.56 21.45
C PHE K 99 56.65 19.04 21.40
N ARG K 100 55.45 18.57 21.11
CA ARG K 100 55.16 17.17 20.88
C ARG K 100 53.78 17.06 20.26
N LEU K 101 53.62 16.12 19.33
CA LEU K 101 52.38 15.99 18.56
C LEU K 101 51.56 14.84 19.15
N MET K 102 50.69 15.17 20.09
CA MET K 102 49.71 14.23 20.61
C MET K 102 48.33 14.55 20.03
N TYR K 103 47.42 13.61 20.21
CA TYR K 103 46.04 13.82 19.77
C TYR K 103 45.27 14.59 20.85
N ASN K 104 44.00 14.87 20.55
CA ASN K 104 43.10 15.43 21.54
C ASN K 104 41.68 15.06 21.14
N THR K 105 40.71 15.50 21.95
CA THR K 105 39.33 15.05 21.78
C THR K 105 38.68 15.62 20.53
N LYS K 106 39.24 16.65 19.93
CA LYS K 106 38.67 17.23 18.71
C LYS K 106 39.26 16.62 17.45
N ARG K 107 39.75 15.38 17.53
CA ARG K 107 40.29 14.68 16.38
C ARG K 107 41.35 15.50 15.65
N ARG K 108 42.24 16.12 16.43
CA ARG K 108 43.22 17.04 15.89
C ARG K 108 44.57 16.81 16.56
N PHE K 109 45.63 16.98 15.78
CA PHE K 109 46.97 16.93 16.33
C PHE K 109 47.25 18.20 17.14
N CYS K 110 47.73 18.03 18.36
CA CYS K 110 47.99 19.15 19.25
C CYS K 110 49.46 19.19 19.63
N LEU K 111 49.98 20.40 19.82
CA LEU K 111 51.39 20.63 20.16
C LEU K 111 51.49 20.85 21.67
N VAL K 112 51.71 19.77 22.41
CA VAL K 112 51.85 19.85 23.86
C VAL K 112 53.26 20.34 24.20
N PRO K 113 53.41 21.45 24.91
CA PRO K 113 54.75 21.87 25.31
C PRO K 113 55.39 20.89 26.27
N LEU K 114 56.71 20.75 26.16
CA LEU K 114 57.48 19.88 27.03
C LEU K 114 58.69 20.63 27.56
N THR K 115 59.30 20.07 28.59
CA THR K 115 60.57 20.57 29.09
C THR K 115 61.72 19.89 28.38
N ALA K 116 62.93 20.40 28.62
CA ALA K 116 64.10 19.87 27.95
C ALA K 116 64.35 18.41 28.32
N GLU K 117 64.19 18.08 29.60
CA GLU K 117 64.50 16.72 30.04
C GLU K 117 63.51 15.72 29.45
N GLN K 118 62.22 16.02 29.51
CA GLN K 118 61.21 15.09 29.02
C GLN K 118 61.17 15.02 27.50
N ALA K 119 61.87 15.91 26.79
CA ALA K 119 61.94 15.84 25.34
C ALA K 119 63.02 14.88 24.85
N LYS K 120 63.86 14.37 25.74
CA LYS K 120 64.92 13.45 25.34
C LYS K 120 64.41 12.04 25.08
N PHE K 121 63.16 11.76 25.41
CA PHE K 121 62.58 10.43 25.23
C PHE K 121 61.25 10.54 24.53
N LYS K 122 60.78 9.42 23.99
CA LYS K 122 59.54 9.39 23.23
C LYS K 122 59.01 7.97 23.20
N LEU K 123 57.70 7.82 23.45
CA LEU K 123 57.10 6.51 23.51
C LEU K 123 56.76 5.99 22.11
N CYS K 124 56.98 4.70 21.91
CA CYS K 124 56.68 4.03 20.66
C CYS K 124 55.80 2.83 20.94
N LYS K 125 54.98 2.46 19.96
CA LYS K 125 54.10 1.31 20.06
C LYS K 125 54.55 0.25 19.09
N ILE K 126 54.84 -0.95 19.61
CA ILE K 126 55.22 -2.05 18.75
C ILE K 126 54.05 -2.39 17.83
N GLU K 127 54.38 -2.62 16.55
CA GLU K 127 53.40 -3.08 15.57
C GLU K 127 53.47 -4.57 15.31
N LYS K 128 54.67 -5.12 15.18
CA LYS K 128 54.84 -6.54 14.96
C LYS K 128 56.23 -6.96 15.40
N ARG K 129 56.38 -8.27 15.63
CA ARG K 129 57.66 -8.88 15.95
C ARG K 129 57.84 -10.09 15.04
N VAL K 130 58.97 -10.14 14.34
CA VAL K 130 59.25 -11.23 13.42
C VAL K 130 60.69 -11.72 13.65
N LEU K 131 60.92 -12.96 13.25
CA LEU K 131 62.25 -13.57 13.37
C LEU K 131 63.00 -13.38 12.06
N GLY K 132 64.13 -12.69 12.11
CA GLY K 132 64.93 -12.49 10.93
C GLY K 132 65.72 -13.73 10.53
N THR K 133 66.33 -13.65 9.35
CA THR K 133 67.21 -14.73 8.91
C THR K 133 68.42 -14.81 9.81
N GLY K 134 68.85 -16.03 10.11
CA GLY K 134 69.89 -16.23 11.10
C GLY K 134 69.41 -16.14 12.52
N ALA K 135 68.09 -16.23 12.74
CA ALA K 135 67.49 -16.13 14.07
C ALA K 135 67.87 -14.83 14.76
N ILE K 136 67.63 -13.71 14.06
CA ILE K 136 67.86 -12.39 14.62
C ILE K 136 66.50 -11.73 14.80
N PRO K 137 65.84 -11.92 15.94
CA PRO K 137 64.50 -11.34 16.12
C PRO K 137 64.54 -9.83 16.20
N TYR K 138 63.43 -9.22 15.80
CA TYR K 138 63.33 -7.76 15.77
C TYR K 138 61.86 -7.37 15.89
N ILE K 139 61.63 -6.10 16.19
CA ILE K 139 60.29 -5.56 16.34
C ILE K 139 60.18 -4.27 15.54
N VAL K 140 58.94 -3.95 15.16
CA VAL K 140 58.64 -2.77 14.36
C VAL K 140 57.68 -1.89 15.14
N THR K 141 58.04 -0.62 15.30
CA THR K 141 57.21 0.31 16.05
C THR K 141 56.24 1.03 15.12
N HIS K 142 55.36 1.84 15.71
CA HIS K 142 54.40 2.61 14.94
C HIS K 142 55.06 3.70 14.10
N ASP K 143 56.34 3.99 14.34
CA ASP K 143 57.09 4.95 13.56
C ASP K 143 57.84 4.31 12.41
N GLY K 144 57.63 3.02 12.16
CA GLY K 144 58.37 2.31 11.14
C GLY K 144 59.79 1.96 11.53
N ARG K 145 60.15 2.13 12.78
CA ARG K 145 61.50 1.81 13.24
C ARG K 145 61.66 0.30 13.41
N THR K 146 62.73 -0.23 12.84
CA THR K 146 63.12 -1.62 13.06
C THR K 146 64.22 -1.60 14.11
N ILE K 147 63.84 -1.80 15.36
CA ILE K 147 64.81 -1.82 16.44
C ILE K 147 65.57 -3.15 16.43
N ARG K 148 66.82 -3.10 16.83
CA ARG K 148 67.69 -4.27 16.83
C ARG K 148 67.32 -5.17 18.01
N TYR K 149 68.23 -6.07 18.38
CA TYR K 149 67.97 -7.18 19.30
C TYR K 149 67.16 -6.69 20.49
N PRO K 150 65.88 -7.06 20.58
CA PRO K 150 65.01 -6.50 21.61
C PRO K 150 64.93 -7.35 22.85
N HIS K 151 64.12 -6.92 23.82
CA HIS K 151 63.82 -7.77 24.96
C HIS K 151 62.95 -8.94 24.51
N PRO K 152 63.15 -10.13 25.07
CA PRO K 152 62.35 -11.29 24.64
C PRO K 152 60.86 -11.13 24.87
N GLU K 153 60.45 -10.33 25.86
CA GLU K 153 59.04 -10.20 26.19
C GLU K 153 58.36 -9.06 25.42
N LEU K 154 59.09 -8.33 24.59
CA LEU K 154 58.48 -7.26 23.82
C LEU K 154 57.63 -7.86 22.70
N GLN K 155 56.33 -8.01 22.95
CA GLN K 155 55.44 -8.70 22.03
C GLN K 155 54.81 -7.70 21.06
N ALA K 156 53.77 -8.15 20.35
CA ALA K 156 53.30 -7.45 19.17
C ALA K 156 52.70 -6.08 19.51
N ASN K 157 51.87 -6.01 20.55
CA ASN K 157 51.06 -4.84 20.81
C ASN K 157 51.36 -4.18 22.15
N ASP K 158 52.65 -4.09 22.49
CA ASP K 158 53.06 -3.45 23.73
C ASP K 158 53.36 -1.97 23.48
N THR K 159 54.00 -1.33 24.45
CA THR K 159 54.50 0.03 24.28
C THR K 159 55.88 0.12 24.89
N ILE K 160 56.82 0.69 24.14
CA ILE K 160 58.20 0.79 24.59
C ILE K 160 58.55 2.26 24.78
N LYS K 161 59.61 2.49 25.54
CA LYS K 161 60.14 3.83 25.78
C LYS K 161 61.47 3.95 25.07
N LEU K 162 61.59 4.98 24.22
CA LEU K 162 62.77 5.18 23.41
C LEU K 162 63.51 6.43 23.85
N ASN K 163 64.82 6.43 23.64
CA ASN K 163 65.68 7.55 23.99
C ASN K 163 66.26 8.14 22.71
N LEU K 164 66.20 9.46 22.59
CA LEU K 164 66.69 10.11 21.38
C LEU K 164 68.21 10.06 21.31
N GLU K 165 68.89 10.40 22.41
CA GLU K 165 70.34 10.48 22.39
C GLU K 165 70.98 9.10 22.24
N THR K 166 70.49 8.12 22.99
CA THR K 166 71.09 6.79 23.00
C THR K 166 70.47 5.87 21.95
N GLY K 167 69.14 5.82 21.90
CA GLY K 167 68.45 4.90 21.02
C GLY K 167 68.08 3.58 21.65
N LYS K 168 68.35 3.38 22.93
CA LYS K 168 68.03 2.15 23.61
C LYS K 168 66.56 2.12 24.04
N ILE K 169 66.16 1.04 24.67
CA ILE K 169 64.81 0.88 25.21
C ILE K 169 64.88 1.03 26.72
N VAL K 170 64.17 2.03 27.24
CA VAL K 170 64.24 2.34 28.67
C VAL K 170 63.26 1.47 29.44
N ASP K 171 61.97 1.60 29.14
CA ASP K 171 60.94 0.89 29.86
C ASP K 171 59.91 0.40 28.86
N PHE K 172 59.24 -0.71 29.20
CA PHE K 172 58.26 -1.33 28.32
C PHE K 172 57.00 -1.67 29.10
N VAL K 173 55.86 -1.44 28.48
CA VAL K 173 54.55 -1.64 29.08
C VAL K 173 53.82 -2.72 28.29
N LYS K 174 53.27 -3.69 28.99
CA LYS K 174 52.53 -4.76 28.34
C LYS K 174 51.13 -4.27 27.95
N PHE K 175 50.37 -5.15 27.33
CA PHE K 175 49.00 -4.86 26.89
C PHE K 175 48.06 -5.74 27.71
N ASP K 176 47.46 -5.16 28.74
CA ASP K 176 46.62 -5.92 29.67
C ASP K 176 45.42 -5.05 30.03
N ILE K 177 44.71 -5.43 31.08
CA ILE K 177 43.48 -4.78 31.47
C ILE K 177 43.68 -3.81 32.64
N GLY K 178 44.91 -3.34 32.84
CA GLY K 178 45.17 -2.41 33.92
C GLY K 178 46.06 -1.26 33.49
N ASN K 179 45.91 -0.81 32.26
CA ASN K 179 46.81 0.16 31.66
C ASN K 179 46.04 1.34 31.10
N THR K 180 46.72 2.48 31.01
CA THR K 180 46.16 3.69 30.43
C THR K 180 46.51 3.76 28.95
N ALA K 181 45.52 4.05 28.12
CA ALA K 181 45.71 4.07 26.68
C ALA K 181 45.19 5.38 26.10
N MET K 182 45.90 5.89 25.11
CA MET K 182 45.44 7.02 24.32
C MET K 182 44.92 6.52 22.99
N MET K 183 43.95 7.23 22.44
CA MET K 183 43.24 6.77 21.26
C MET K 183 43.70 7.50 20.01
N ILE K 184 43.88 6.74 18.94
CA ILE K 184 44.34 7.25 17.66
C ILE K 184 43.36 6.89 16.54
N GLY K 185 42.10 6.61 16.89
CA GLY K 185 41.18 6.01 15.95
C GLY K 185 40.15 6.93 15.34
N GLY K 186 38.88 6.51 15.41
CA GLY K 186 37.81 7.20 14.74
C GLY K 186 36.97 8.06 15.65
N ASN K 187 35.82 7.55 16.09
CA ASN K 187 34.99 8.32 17.02
C ASN K 187 35.69 8.53 18.35
N GLY K 188 36.38 7.51 18.85
CA GLY K 188 37.09 7.61 20.10
C GLY K 188 38.41 8.32 20.03
N MET K 189 38.73 8.92 18.88
CA MET K 189 40.03 9.53 18.63
C MET K 189 40.38 10.56 19.69
N GLY K 190 41.62 10.52 20.15
CA GLY K 190 42.11 11.49 21.12
C GLY K 190 41.45 11.44 22.48
N ARG K 191 41.25 10.23 23.02
CA ARG K 191 40.63 10.06 24.32
C ARG K 191 41.51 9.14 25.17
N VAL K 192 41.68 9.51 26.44
CA VAL K 192 42.46 8.70 27.37
C VAL K 192 41.51 7.89 28.22
N GLY K 193 41.95 6.70 28.60
CA GLY K 193 41.09 5.82 29.35
C GLY K 193 41.84 4.62 29.87
N VAL K 194 41.08 3.65 30.38
CA VAL K 194 41.63 2.45 30.99
C VAL K 194 41.05 1.24 30.27
N ILE K 195 41.93 0.33 29.85
CA ILE K 195 41.48 -0.91 29.23
C ILE K 195 40.89 -1.81 30.30
N VAL K 196 39.66 -2.27 30.07
CA VAL K 196 38.95 -3.07 31.06
C VAL K 196 38.52 -4.40 30.48
N LYS K 197 38.32 -4.45 29.17
CA LYS K 197 37.79 -5.66 28.55
C LYS K 197 38.17 -5.67 27.08
N ARG K 198 38.59 -6.84 26.59
CA ARG K 198 38.95 -7.05 25.19
C ARG K 198 38.26 -8.33 24.73
N GLU K 199 37.16 -8.20 24.01
CA GLU K 199 36.43 -9.35 23.50
C GLU K 199 36.92 -9.72 22.11
N VAL K 200 37.15 -11.01 21.90
CA VAL K 200 37.86 -11.52 20.74
C VAL K 200 36.87 -12.18 19.79
N HIS K 201 36.90 -11.75 18.53
CA HIS K 201 36.16 -12.41 17.47
C HIS K 201 37.16 -13.02 16.51
N PRO K 202 37.15 -14.34 16.31
CA PRO K 202 38.19 -14.97 15.48
C PRO K 202 38.23 -14.43 14.06
N GLY K 203 37.10 -14.02 13.52
CA GLY K 203 37.03 -13.69 12.10
C GLY K 203 37.83 -12.48 11.67
N SER K 204 37.41 -11.29 12.08
CA SER K 204 37.95 -10.06 11.50
C SER K 204 38.74 -9.22 12.49
N PHE K 205 38.13 -8.78 13.58
CA PHE K 205 38.70 -7.73 14.40
C PHE K 205 38.69 -8.10 15.87
N GLU K 206 39.48 -7.37 16.63
CA GLU K 206 39.55 -7.47 18.08
C GLU K 206 39.01 -6.19 18.68
N ILE K 207 37.99 -6.30 19.53
CA ILE K 207 37.24 -5.16 20.04
C ILE K 207 37.62 -4.96 21.51
N VAL K 208 37.99 -3.74 21.85
CA VAL K 208 38.47 -3.40 23.19
C VAL K 208 37.54 -2.36 23.79
N HIS K 209 37.05 -2.64 25.00
CA HIS K 209 36.22 -1.71 25.75
C HIS K 209 37.11 -0.88 26.65
N ILE K 210 37.09 0.44 26.47
CA ILE K 210 37.92 1.35 27.21
C ILE K 210 37.04 2.18 28.13
N LYS K 211 37.32 2.14 29.42
CA LYS K 211 36.57 2.89 30.42
C LYS K 211 37.28 4.20 30.70
N ASP K 212 36.56 5.31 30.58
CA ASP K 212 37.14 6.61 30.80
C ASP K 212 37.33 6.86 32.29
N ALA K 213 38.02 7.96 32.61
CA ALA K 213 38.21 8.34 34.00
C ALA K 213 36.88 8.64 34.68
N LYS K 214 35.99 9.34 33.98
CA LYS K 214 34.69 9.73 34.52
C LYS K 214 33.65 8.62 34.44
N GLY K 215 34.08 7.37 34.24
CA GLY K 215 33.15 6.25 34.17
C GLY K 215 32.51 6.04 32.82
N ASN K 216 32.81 6.87 31.83
CA ASN K 216 32.27 6.68 30.50
C ASN K 216 32.96 5.49 29.81
N THR K 217 32.17 4.61 29.22
CA THR K 217 32.68 3.42 28.56
C THR K 217 32.43 3.54 27.07
N PHE K 218 33.49 3.41 26.27
CA PHE K 218 33.37 3.45 24.82
C PHE K 218 34.28 2.39 24.23
N THR K 219 33.76 1.66 23.24
CA THR K 219 34.49 0.59 22.58
C THR K 219 35.24 1.10 21.36
N THR K 220 36.00 0.22 20.73
CA THR K 220 36.86 0.59 19.61
C THR K 220 37.44 -0.69 19.00
N ARG K 221 38.25 -0.50 17.97
CA ARG K 221 39.01 -1.58 17.36
C ARG K 221 40.40 -1.66 17.99
N LEU K 222 40.94 -2.88 18.04
CA LEU K 222 42.25 -3.09 18.68
C LEU K 222 43.33 -2.27 18.01
N ASN K 223 43.18 -1.99 16.72
CA ASN K 223 44.18 -1.22 15.99
C ASN K 223 44.36 0.15 16.61
N ASN K 224 43.27 0.82 16.95
CA ASN K 224 43.31 2.20 17.42
C ASN K 224 43.81 2.34 18.85
N VAL K 225 44.00 1.25 19.57
CA VAL K 225 44.45 1.31 20.96
C VAL K 225 45.94 1.57 21.02
N PHE K 226 46.35 2.46 21.91
CA PHE K 226 47.75 2.87 22.04
C PHE K 226 48.02 3.02 23.54
N VAL K 227 48.66 2.02 24.14
CA VAL K 227 48.91 2.03 25.58
C VAL K 227 49.86 3.16 25.92
N ILE K 228 49.48 3.98 26.89
CA ILE K 228 50.26 5.15 27.30
C ILE K 228 50.90 5.00 28.66
N GLY K 229 50.54 3.98 29.43
CA GLY K 229 51.13 3.81 30.74
C GLY K 229 50.62 2.54 31.40
N LYS K 230 50.94 2.40 32.68
CA LYS K 230 50.56 1.23 33.46
C LYS K 230 49.97 1.68 34.79
N GLY K 231 48.91 1.00 35.20
CA GLY K 231 48.29 1.27 36.48
C GLY K 231 47.73 2.66 36.62
N THR K 232 46.97 3.10 35.62
CA THR K 232 46.34 4.43 35.62
C THR K 232 47.37 5.54 35.80
N GLU K 233 48.52 5.38 35.13
CA GLU K 233 49.57 6.39 35.14
C GLU K 233 50.00 6.71 33.72
N THR K 234 50.22 8.00 33.47
CA THR K 234 50.64 8.47 32.15
C THR K 234 52.13 8.77 32.14
N LEU K 235 52.82 8.30 31.11
CA LEU K 235 54.25 8.53 30.99
C LEU K 235 54.59 9.87 30.36
N VAL K 236 53.60 10.57 29.79
CA VAL K 236 53.83 11.84 29.13
C VAL K 236 52.77 12.83 29.58
N ASN K 237 53.05 14.11 29.36
CA ASN K 237 52.10 15.16 29.73
C ASN K 237 50.96 15.18 28.73
N LEU K 238 49.77 14.82 29.19
CA LEU K 238 48.61 14.77 28.33
C LEU K 238 48.23 16.19 27.90
N PRO K 239 47.45 16.33 26.82
CA PRO K 239 47.09 17.67 26.34
C PRO K 239 46.24 18.46 27.31
N LEU K 240 45.86 19.68 26.91
CA LEU K 240 45.23 20.62 27.82
C LEU K 240 43.94 20.05 28.41
N ASP K 241 43.13 19.39 27.58
CA ASP K 241 41.90 18.78 28.06
C ASP K 241 42.10 17.46 28.78
N LYS K 242 43.35 17.03 28.98
CA LYS K 242 43.66 15.82 29.75
C LYS K 242 42.98 14.59 29.18
N GLY K 243 42.76 14.56 27.87
CA GLY K 243 42.14 13.41 27.25
C GLY K 243 40.73 13.14 27.70
N ILE K 244 40.03 14.14 28.22
CA ILE K 244 38.67 14.01 28.71
C ILE K 244 37.72 14.56 27.66
N LYS K 245 36.56 13.92 27.53
CA LYS K 245 35.55 14.33 26.56
C LYS K 245 34.31 14.82 27.28
N LYS K 246 33.83 16.00 26.89
CA LYS K 246 32.63 16.58 27.49
C LYS K 246 31.45 16.31 26.57
N PRO K 247 30.43 15.57 27.01
CA PRO K 247 29.26 15.23 26.20
C PRO K 247 28.51 16.46 25.70
N GLY L 54 83.54 7.50 -45.06
CA GLY L 54 82.22 8.08 -45.01
C GLY L 54 82.16 9.36 -45.80
N GLY L 55 80.94 9.84 -46.00
CA GLY L 55 80.71 11.07 -46.73
C GLY L 55 79.24 11.40 -46.78
N CYS L 56 78.95 12.55 -47.39
CA CYS L 56 77.58 13.03 -47.54
C CYS L 56 77.02 12.58 -48.88
N ASP L 57 75.89 13.18 -49.25
CA ASP L 57 75.25 12.83 -50.50
C ASP L 57 75.00 14.08 -51.30
N LYS L 58 74.55 13.94 -52.53
CA LYS L 58 74.23 15.10 -53.32
C LYS L 58 73.31 16.02 -52.53
N ASP L 59 72.45 15.43 -51.71
CA ASP L 59 71.55 16.21 -50.88
C ASP L 59 72.06 16.30 -49.45
N GLY L 60 73.37 16.13 -49.28
CA GLY L 60 73.94 16.16 -47.94
C GLY L 60 73.36 15.08 -47.07
N PHE L 61 73.75 13.84 -47.33
CA PHE L 61 73.18 12.72 -46.57
C PHE L 61 74.24 11.69 -46.18
N PRO L 62 74.34 11.40 -44.88
CA PRO L 62 75.32 10.42 -44.41
C PRO L 62 75.05 9.04 -44.99
N MET L 63 76.08 8.44 -45.58
CA MET L 63 75.92 7.09 -46.14
C MET L 63 75.77 6.08 -45.03
N MET L 64 74.55 5.95 -44.49
CA MET L 64 74.29 4.98 -43.43
C MET L 64 75.20 3.77 -43.55
N THR L 65 76.22 3.70 -42.71
CA THR L 65 77.19 2.59 -42.79
C THR L 65 76.52 1.23 -42.80
N GLY L 66 75.99 0.82 -41.65
CA GLY L 66 75.34 -0.49 -41.56
C GLY L 66 74.59 -0.78 -42.84
N VAL L 67 73.71 0.14 -43.25
CA VAL L 67 73.00 -0.03 -44.50
C VAL L 67 74.00 -0.03 -45.64
N ALA L 68 74.51 -1.19 -45.99
CA ALA L 68 75.54 -1.28 -47.03
C ALA L 68 75.03 -1.00 -48.43
N THR L 69 73.94 -0.25 -48.55
CA THR L 69 73.45 0.11 -49.88
C THR L 69 74.26 1.29 -50.39
N ASN L 70 73.69 2.04 -51.32
CA ASN L 70 74.39 3.19 -51.88
C ASN L 70 73.36 4.19 -52.34
N ASN L 71 72.37 4.45 -51.50
CA ASN L 71 71.29 5.33 -51.89
C ASN L 71 70.57 5.87 -50.68
N ARG L 72 70.05 7.10 -50.79
CA ARG L 72 69.29 7.67 -49.70
C ARG L 72 68.34 6.61 -49.16
N VAL L 73 68.61 6.10 -47.97
CA VAL L 73 67.79 5.00 -47.46
C VAL L 73 66.71 5.44 -46.50
N ARG L 74 65.49 5.64 -46.99
CA ARG L 74 64.39 5.99 -46.11
C ARG L 74 64.22 4.89 -45.10
N LEU L 75 64.76 5.06 -43.91
CA LEU L 75 64.70 3.99 -42.92
C LEU L 75 64.70 4.53 -41.51
N LEU L 76 64.25 3.71 -40.56
CA LEU L 76 64.26 4.11 -39.16
C LEU L 76 65.54 4.87 -38.84
N LEU L 77 65.47 6.19 -38.85
CA LEU L 77 66.66 7.00 -38.59
C LEU L 77 66.73 7.33 -37.11
N ASP L 78 67.90 7.10 -36.52
CA ASP L 78 68.07 7.35 -35.10
C ASP L 78 69.52 7.40 -34.72
N GLY L 79 69.80 7.53 -33.43
CA GLY L 79 71.18 7.54 -32.98
C GLY L 79 71.85 6.26 -33.41
N ARG L 80 71.11 5.16 -33.40
CA ARG L 80 71.66 3.90 -33.86
C ARG L 80 72.32 4.09 -35.20
N ASN L 81 71.66 4.84 -36.08
CA ASN L 81 72.23 5.12 -37.39
C ASN L 81 73.19 6.28 -37.32
N GLY L 82 73.06 7.11 -36.30
CA GLY L 82 73.92 8.27 -36.14
C GLY L 82 73.48 9.40 -37.06
N CYS L 83 72.41 9.17 -37.80
CA CYS L 83 71.91 10.18 -38.72
C CYS L 83 70.70 10.89 -38.15
N TYR L 84 70.33 10.56 -36.92
CA TYR L 84 69.22 11.25 -36.27
C TYR L 84 69.34 11.18 -34.76
N LYS L 85 68.93 12.23 -34.07
CA LYS L 85 68.98 12.23 -32.62
C LYS L 85 67.57 12.12 -32.07
N PRO L 86 67.25 10.97 -31.45
CA PRO L 86 65.92 10.77 -30.87
C PRO L 86 65.47 11.99 -30.08
N LEU L 87 64.65 12.83 -30.69
CA LEU L 87 64.20 14.05 -30.02
C LEU L 87 63.67 13.73 -28.62
N ARG L 88 62.77 12.76 -28.53
CA ARG L 88 62.21 12.40 -27.25
C ARG L 88 62.57 10.97 -26.87
N ASN L 89 62.00 10.48 -25.77
CA ASN L 89 62.26 9.11 -25.35
C ASN L 89 61.82 8.16 -26.45
N GLY L 90 62.68 7.20 -26.78
CA GLY L 90 62.36 6.26 -27.84
C GLY L 90 61.82 7.00 -29.03
N GLU L 91 62.63 7.90 -29.60
CA GLU L 91 62.19 8.68 -30.74
C GLU L 91 63.00 8.32 -31.97
N ARG L 92 62.62 7.24 -32.64
CA ARG L 92 63.36 6.81 -33.82
C ARG L 92 62.70 7.38 -35.07
N ARG L 93 63.23 8.47 -35.57
CA ARG L 93 62.61 9.11 -36.73
C ARG L 93 62.95 8.42 -38.03
N ARG L 94 62.20 7.38 -38.38
CA ARG L 94 62.41 6.73 -39.66
C ARG L 94 62.60 7.78 -40.74
N LYS L 95 63.79 7.85 -41.31
CA LYS L 95 64.07 8.87 -42.32
C LYS L 95 65.03 8.37 -43.38
N THR L 96 65.02 9.00 -44.55
CA THR L 96 65.97 8.62 -45.58
C THR L 96 67.37 9.01 -45.17
N VAL L 97 68.37 8.39 -45.77
CA VAL L 97 69.74 8.75 -45.47
C VAL L 97 70.61 8.61 -46.70
N ARG L 98 71.39 7.55 -46.73
CA ARG L 98 72.26 7.30 -47.86
C ARG L 98 72.88 5.93 -47.66
N GLY L 99 73.10 5.21 -48.74
CA GLY L 99 73.69 3.89 -48.63
C GLY L 99 75.17 3.96 -48.36
N ALA L 100 75.64 3.17 -47.42
CA ALA L 100 77.07 3.14 -47.11
C ALA L 100 77.89 3.28 -48.37
N ILE L 101 77.79 2.30 -49.25
CA ILE L 101 78.57 2.33 -50.48
C ILE L 101 78.58 3.73 -51.08
N VAL L 102 79.77 4.32 -51.15
CA VAL L 102 79.87 5.64 -51.76
C VAL L 102 79.60 5.52 -53.24
N ALA L 103 79.09 6.38 -54.09
CA ALA L 103 79.22 6.14 -55.54
C ALA L 103 78.88 7.25 -56.39
N GLY L 104 78.20 7.02 -57.50
CA GLY L 104 77.76 8.15 -58.36
C GLY L 104 77.49 9.58 -57.87
N ASP L 105 76.40 9.83 -57.17
CA ASP L 105 76.05 11.14 -56.63
C ASP L 105 76.46 11.48 -55.24
N ILE L 106 77.71 11.32 -54.86
CA ILE L 106 78.09 11.49 -53.56
C ILE L 106 78.92 12.53 -53.59
N SER L 107 78.48 13.61 -53.11
CA SER L 107 79.37 14.70 -53.04
C SER L 107 80.23 14.28 -51.99
N VAL L 108 80.58 15.20 -51.21
CA VAL L 108 81.57 14.89 -50.32
C VAL L 108 81.87 13.55 -50.03
N LEU L 109 83.13 13.30 -50.14
CA LEU L 109 83.58 12.07 -49.71
C LEU L 109 84.44 12.57 -48.69
N ASN L 110 84.62 11.76 -47.68
CA ASN L 110 85.29 12.16 -46.52
C ASN L 110 85.69 10.94 -45.83
N THR L 111 85.97 9.78 -46.36
CA THR L 111 86.58 8.59 -45.61
C THR L 111 86.24 7.17 -46.00
N ILE L 112 86.33 6.87 -47.29
CA ILE L 112 86.05 5.52 -47.70
C ILE L 112 87.35 4.91 -47.98
N VAL L 113 87.78 4.11 -47.04
CA VAL L 113 89.03 3.50 -47.11
C VAL L 113 89.96 4.77 -46.76
N VAL L 114 89.60 6.00 -47.13
CA VAL L 114 90.31 7.27 -46.90
C VAL L 114 90.92 7.77 -45.59
N LYS L 115 91.40 9.01 -45.55
CA LYS L 115 92.14 9.50 -44.41
C LYS L 115 92.07 10.98 -44.51
N LYS L 116 92.85 11.79 -43.75
CA LYS L 116 92.68 13.27 -43.88
C LYS L 116 92.35 13.66 -45.24
N GLY L 117 93.25 13.61 -46.19
CA GLY L 117 93.07 13.97 -47.58
C GLY L 117 92.13 15.02 -47.55
N GLU L 118 92.15 15.78 -46.51
CA GLU L 118 91.12 16.71 -46.30
C GLU L 118 89.98 16.49 -47.33
N GLY L 119 89.05 15.54 -47.06
CA GLY L 119 87.89 15.39 -47.86
C GLY L 119 88.29 15.42 -49.25
N GLU L 120 87.45 15.85 -50.15
CA GLU L 120 87.82 15.72 -51.51
C GLU L 120 86.68 16.15 -52.24
N ILE L 121 85.56 16.00 -51.62
CA ILE L 121 84.32 16.44 -52.19
C ILE L 121 84.30 16.27 -53.56
N GLU L 122 83.63 17.17 -54.16
CA GLU L 122 83.47 17.09 -55.51
C GLU L 122 83.59 15.66 -55.91
N GLY L 123 82.98 14.75 -55.23
CA GLY L 123 83.05 13.44 -55.74
C GLY L 123 83.79 12.67 -54.76
N ALA L 133 94.76 19.40 -26.74
CA ALA L 133 94.99 19.40 -25.32
C ALA L 133 95.35 18.11 -24.64
N GLY L 134 96.00 18.10 -23.48
CA GLY L 134 96.55 16.88 -22.90
C GLY L 134 96.25 16.17 -21.68
N PRO L 135 97.12 15.25 -21.24
CA PRO L 135 96.76 14.35 -20.14
C PRO L 135 96.15 15.04 -18.97
N LYS L 136 95.22 14.44 -18.24
CA LYS L 136 94.54 15.12 -17.19
C LYS L 136 94.02 14.06 -16.33
N ARG L 137 94.44 12.86 -16.50
CA ARG L 137 94.10 11.87 -15.51
C ARG L 137 95.50 11.67 -15.02
N ALA L 138 95.91 10.49 -14.58
CA ALA L 138 97.29 10.35 -14.21
C ALA L 138 97.91 9.03 -14.18
N SER L 139 97.34 8.03 -14.71
CA SER L 139 98.05 6.83 -14.85
C SER L 139 98.26 7.00 -16.25
N HIS L 140 97.80 8.11 -16.81
CA HIS L 140 97.84 8.33 -18.20
C HIS L 140 98.47 9.60 -18.31
N ILE L 141 98.72 10.21 -17.21
CA ILE L 141 99.49 11.37 -17.29
C ILE L 141 100.89 10.92 -17.12
N ARG L 142 101.06 9.77 -16.61
CA ARG L 142 102.34 9.39 -16.46
C ARG L 142 102.77 9.16 -17.82
N LYS L 143 102.23 8.20 -18.56
CA LYS L 143 102.70 7.80 -19.93
C LYS L 143 103.64 8.70 -20.50
N LEU L 144 103.19 9.89 -20.75
CA LEU L 144 104.13 10.86 -21.17
C LEU L 144 105.22 11.08 -20.14
N LYS L 154 102.79 15.27 -11.24
CA LYS L 154 102.85 16.64 -10.73
C LYS L 154 103.75 17.52 -11.58
N LYS L 155 105.06 17.32 -11.41
CA LYS L 155 106.05 18.10 -12.15
C LYS L 155 106.13 17.70 -13.62
N PHE L 156 105.55 16.57 -14.00
CA PHE L 156 105.61 16.08 -15.37
C PHE L 156 104.30 16.25 -16.11
N VAL L 157 103.38 17.06 -15.58
CA VAL L 157 102.12 17.30 -16.27
C VAL L 157 102.32 18.35 -17.34
N ILE L 158 101.55 18.25 -18.42
CA ILE L 158 101.67 19.15 -19.56
C ILE L 158 100.72 20.33 -19.32
N ARG L 159 101.30 21.48 -18.98
CA ARG L 159 100.54 22.69 -18.72
C ARG L 159 100.40 23.49 -20.02
N ARG L 160 99.78 24.65 -19.91
CA ARG L 160 99.65 25.55 -21.04
C ARG L 160 99.39 26.96 -20.53
N GLU L 161 99.56 27.92 -21.42
CA GLU L 161 99.32 29.32 -21.08
C GLU L 161 97.95 29.78 -21.58
N LYS L 174 100.81 34.84 -16.07
CA LYS L 174 99.52 35.36 -16.49
C LYS L 174 98.50 34.25 -16.61
N ARG L 175 97.98 33.80 -15.47
CA ARG L 175 96.90 32.81 -15.39
C ARG L 175 97.31 31.50 -16.06
N SER L 176 98.31 30.85 -15.45
CA SER L 176 98.63 29.47 -15.82
C SER L 176 97.54 28.55 -15.26
N LYS L 177 97.02 27.68 -16.12
CA LYS L 177 95.77 26.96 -15.84
C LYS L 177 95.91 25.47 -16.14
N ALA L 178 96.93 24.84 -15.57
CA ALA L 178 97.09 23.40 -15.75
C ALA L 178 95.86 22.65 -15.23
N PRO L 179 95.53 21.51 -15.83
CA PRO L 179 94.29 20.81 -15.48
C PRO L 179 94.36 20.15 -14.11
N LYS L 180 93.21 19.64 -13.70
CA LYS L 180 93.07 18.97 -12.39
C LYS L 180 93.56 17.54 -12.53
N ILE L 181 94.77 17.29 -12.02
CA ILE L 181 95.38 15.97 -12.14
C ILE L 181 94.56 14.92 -11.39
N GLN L 182 94.57 13.69 -11.91
CA GLN L 182 93.80 12.61 -11.32
C GLN L 182 94.48 11.26 -11.58
N ARG L 183 94.56 10.44 -10.53
CA ARG L 183 95.11 9.07 -10.59
C ARG L 183 96.61 9.05 -10.92
N LEU L 184 97.40 9.63 -10.02
CA LEU L 184 98.84 9.35 -9.94
C LEU L 184 99.23 8.94 -8.52
N VAL L 185 98.23 8.60 -7.71
CA VAL L 185 98.17 8.76 -6.26
C VAL L 185 97.17 9.90 -6.08
N THR L 186 96.95 10.66 -7.17
CA THR L 186 96.08 11.83 -7.16
C THR L 186 96.57 12.76 -6.05
N PRO L 187 97.64 13.52 -6.29
CA PRO L 187 98.40 14.17 -5.21
C PRO L 187 97.58 14.83 -4.11
N ARG L 188 96.30 15.11 -4.37
CA ARG L 188 95.40 15.39 -3.26
C ARG L 188 94.97 14.07 -2.63
N ARG L 189 95.95 13.21 -2.35
CA ARG L 189 95.69 11.96 -1.67
C ARG L 189 95.57 12.15 -0.16
N LEU L 190 95.98 13.31 0.35
CA LEU L 190 95.75 13.61 1.75
C LEU L 190 94.27 13.66 2.05
N GLN L 191 93.49 14.32 1.20
CA GLN L 191 92.04 14.29 1.36
C GLN L 191 91.51 12.89 1.19
N HIS L 192 91.85 12.23 0.08
CA HIS L 192 91.37 10.87 -0.19
C HIS L 192 91.84 9.86 0.84
N LYS L 193 92.85 10.21 1.65
CA LYS L 193 93.18 9.39 2.82
C LYS L 193 92.49 9.89 4.08
N ALA L 194 92.35 11.20 4.24
CA ALA L 194 91.57 11.73 5.36
C ALA L 194 90.14 11.24 5.28
N GLN L 195 89.54 11.32 4.09
CA GLN L 195 88.26 10.68 3.82
C GLN L 195 88.53 9.31 3.23
N LYS L 196 87.49 8.68 2.68
CA LYS L 196 87.59 7.40 1.97
C LYS L 196 88.06 6.34 2.97
N LEU L 197 89.12 5.59 2.67
CA LEU L 197 89.33 4.28 3.30
C LEU L 197 89.46 4.39 4.81
N GLU L 198 90.33 5.27 5.30
CA GLU L 198 90.55 5.37 6.73
C GLU L 198 89.35 5.96 7.44
N ALA L 199 88.66 6.92 6.82
CA ALA L 199 87.42 7.43 7.38
C ALA L 199 86.26 6.45 7.21
N LYS L 200 86.41 5.44 6.34
CA LYS L 200 85.36 4.44 6.12
C LYS L 200 85.62 3.18 6.94
N LYS L 201 86.82 2.62 6.81
CA LYS L 201 87.12 1.36 7.50
C LYS L 201 87.04 1.54 9.01
N LEU L 202 87.36 2.75 9.51
CA LEU L 202 87.25 3.00 10.94
C LEU L 202 85.82 2.79 11.42
N HIS L 203 84.84 3.23 10.64
CA HIS L 203 83.44 3.04 11.03
C HIS L 203 83.00 1.59 10.84
N LYS L 204 83.42 0.95 9.74
CA LYS L 204 83.04 -0.44 9.51
C LYS L 204 83.63 -1.35 10.58
N ILE L 205 84.91 -1.15 10.92
CA ILE L 205 85.50 -1.94 12.01
C ILE L 205 84.83 -1.59 13.33
N ALA L 206 84.38 -0.35 13.49
CA ALA L 206 83.59 0.00 14.66
C ALA L 206 82.26 -0.75 14.66
N MET L 207 81.52 -0.66 13.56
CA MET L 207 80.16 -1.21 13.53
C MET L 207 80.19 -2.71 13.75
N LEU L 208 81.31 -3.37 13.44
CA LEU L 208 81.38 -4.82 13.64
C LEU L 208 81.31 -5.19 15.12
N LYS L 209 81.95 -4.40 15.98
CA LYS L 209 82.01 -4.74 17.40
C LYS L 209 80.62 -4.72 18.03
N GLU L 210 79.88 -3.62 17.85
CA GLU L 210 78.50 -3.58 18.31
C GLU L 210 77.68 -4.70 17.68
N ALA L 211 77.92 -5.02 16.42
CA ALA L 211 77.28 -6.19 15.84
C ALA L 211 77.68 -7.45 16.58
N LYS L 212 78.96 -7.57 16.93
CA LYS L 212 79.41 -8.69 17.74
C LYS L 212 78.91 -8.59 19.17
N ARG L 213 78.91 -7.38 19.74
CA ARG L 213 78.55 -7.24 21.15
C ARG L 213 77.05 -7.38 21.36
N TYR L 214 76.24 -6.81 20.46
CA TYR L 214 74.79 -6.87 20.63
C TYR L 214 74.29 -8.31 20.57
N ALA L 215 74.83 -9.11 19.66
CA ALA L 215 74.50 -10.52 19.65
C ALA L 215 74.98 -11.21 20.91
N ALA L 216 76.06 -10.70 21.51
CA ALA L 216 76.59 -11.30 22.73
C ALA L 216 75.67 -11.06 23.92
N ILE L 217 74.94 -9.95 23.93
CA ILE L 217 74.01 -9.67 25.02
C ILE L 217 72.63 -10.19 24.65
N LEU L 218 72.55 -11.01 23.61
CA LEU L 218 71.37 -11.83 23.36
C LEU L 218 71.57 -13.26 23.84
N ASN L 219 72.65 -13.54 24.55
CA ASN L 219 72.75 -14.79 25.27
C ASN L 219 71.90 -14.80 26.53
N ARG L 220 71.34 -13.65 26.90
CA ARG L 220 70.31 -13.54 27.92
C ARG L 220 68.91 -13.53 27.32
N TYR L 221 68.81 -13.90 26.03
CA TYR L 221 67.50 -14.01 25.39
C TYR L 221 66.74 -15.22 25.92
N LYS L 222 67.30 -16.41 25.74
CA LYS L 222 66.62 -17.65 26.09
C LYS L 222 67.23 -18.36 27.28
N VAL L 223 68.26 -17.79 27.90
CA VAL L 223 68.87 -18.46 29.05
C VAL L 223 67.92 -18.46 30.24
N LEU L 224 67.17 -17.37 30.41
CA LEU L 224 66.25 -17.24 31.54
C LEU L 224 64.78 -17.28 31.13
N LYS L 225 64.46 -16.84 29.91
CA LYS L 225 63.07 -16.90 29.46
C LYS L 225 62.59 -18.33 29.36
N ALA L 226 63.41 -19.21 28.81
CA ALA L 226 63.04 -20.61 28.66
C ALA L 226 63.30 -21.38 29.96
N ILE M 98 -2.06 -39.03 40.81
CA ILE M 98 -1.66 -38.15 39.70
C ILE M 98 -0.28 -38.57 39.18
N GLY M 99 -0.02 -38.31 37.90
CA GLY M 99 1.25 -38.62 37.30
C GLY M 99 2.30 -37.59 37.65
N LYS M 100 3.53 -37.87 37.23
CA LYS M 100 4.66 -36.98 37.48
C LYS M 100 5.48 -36.88 36.20
N ARG M 101 5.29 -35.80 35.45
CA ARG M 101 6.04 -35.53 34.23
C ARG M 101 6.66 -34.14 34.32
N VAL M 102 7.82 -33.99 33.72
CA VAL M 102 8.56 -32.75 33.77
C VAL M 102 8.14 -31.85 32.62
N VAL M 103 8.44 -30.55 32.75
CA VAL M 103 8.19 -29.57 31.70
C VAL M 103 9.54 -29.01 31.28
N ALA M 104 9.86 -29.12 29.99
CA ALA M 104 11.16 -28.73 29.50
C ALA M 104 11.27 -27.22 29.37
N HIS M 105 12.41 -26.76 28.87
CA HIS M 105 12.67 -25.35 28.62
C HIS M 105 12.76 -25.11 27.13
N THR M 106 11.95 -24.17 26.63
CA THR M 106 11.92 -23.88 25.21
C THR M 106 12.63 -22.57 24.90
N LYS M 118 11.85 -30.70 23.48
CA LYS M 118 11.21 -31.89 23.99
C LYS M 118 9.77 -31.99 23.45
N PRO M 119 9.20 -33.20 23.41
CA PRO M 119 7.97 -33.41 22.63
C PRO M 119 6.76 -32.65 23.15
N ARG M 120 5.65 -32.79 22.42
CA ARG M 120 4.41 -32.13 22.81
C ARG M 120 3.86 -32.67 24.12
N SER M 121 4.24 -33.88 24.52
CA SER M 121 3.83 -34.40 25.81
C SER M 121 4.57 -33.76 26.97
N ARG M 122 5.65 -33.03 26.69
CA ARG M 122 6.42 -32.34 27.72
C ARG M 122 6.26 -30.83 27.62
N THR M 123 5.08 -30.37 27.23
CA THR M 123 4.77 -28.95 27.15
C THR M 123 3.84 -28.56 28.29
N SER M 124 3.78 -27.26 28.56
CA SER M 124 2.97 -26.78 29.67
C SER M 124 1.50 -27.03 29.43
N LYS M 125 1.03 -26.84 28.19
CA LYS M 125 -0.38 -27.05 27.89
C LYS M 125 -0.80 -28.50 28.12
N ALA M 126 0.03 -29.44 27.69
CA ALA M 126 -0.31 -30.85 27.82
C ALA M 126 -0.23 -31.30 29.28
N VAL M 127 0.76 -30.83 30.02
CA VAL M 127 0.92 -31.22 31.42
C VAL M 127 -0.28 -30.76 32.24
N HIS M 128 -0.67 -29.49 32.06
CA HIS M 128 -1.81 -28.97 32.80
C HIS M 128 -3.10 -29.64 32.37
N GLU M 129 -3.24 -29.95 31.08
CA GLU M 129 -4.40 -30.70 30.62
C GLU M 129 -4.42 -32.09 31.21
N ALA M 130 -3.27 -32.75 31.28
CA ALA M 130 -3.20 -34.07 31.88
C ALA M 130 -3.45 -34.02 33.38
N TYR M 131 -2.86 -33.05 34.07
CA TYR M 131 -3.07 -32.92 35.50
C TYR M 131 -4.52 -32.61 35.81
N LEU M 132 -5.15 -31.75 35.02
CA LEU M 132 -6.55 -31.42 35.24
C LEU M 132 -7.43 -32.64 35.10
N ASN M 133 -7.18 -33.47 34.09
CA ASN M 133 -8.01 -34.65 33.89
C ASN M 133 -7.69 -35.74 34.91
N GLU M 134 -6.41 -35.93 35.24
CA GLU M 134 -6.04 -36.99 36.16
C GLU M 134 -6.40 -36.66 37.60
N MET M 135 -6.36 -35.38 37.98
CA MET M 135 -6.77 -35.01 39.33
C MET M 135 -8.29 -34.97 39.48
N LEU M 136 -9.02 -34.93 38.38
CA LEU M 136 -10.48 -34.82 38.42
C LEU M 136 -11.18 -36.14 38.13
N TYR M 137 -10.47 -37.25 38.07
CA TYR M 137 -11.15 -38.51 37.83
C TYR M 137 -12.08 -38.83 39.00
N PRO M 138 -13.28 -39.33 38.73
CA PRO M 138 -13.89 -39.59 37.41
C PRO M 138 -14.78 -38.46 36.91
N VAL M 139 -14.92 -37.35 37.62
CA VAL M 139 -15.78 -36.27 37.13
C VAL M 139 -15.13 -35.63 35.91
N GLU M 140 -15.96 -35.24 34.96
CA GLU M 140 -15.50 -34.83 33.65
C GLU M 140 -15.56 -33.30 33.52
N VAL M 141 -14.53 -32.74 32.89
CA VAL M 141 -14.57 -31.34 32.47
C VAL M 141 -15.23 -31.25 31.11
N ALA M 142 -16.18 -30.33 30.97
CA ALA M 142 -16.85 -30.14 29.70
C ALA M 142 -17.04 -28.66 29.40
N GLY M 143 -16.02 -27.85 29.72
CA GLY M 143 -16.08 -26.44 29.40
C GLY M 143 -14.99 -25.65 30.10
N GLN M 144 -14.38 -24.71 29.39
CA GLN M 144 -13.36 -23.84 29.95
C GLN M 144 -13.55 -22.44 29.39
N ARG M 145 -13.60 -21.44 30.28
CA ARG M 145 -13.76 -20.06 29.85
C ARG M 145 -12.81 -19.19 30.66
N VAL M 146 -12.17 -18.23 29.98
CA VAL M 146 -11.24 -17.31 30.60
C VAL M 146 -11.81 -15.91 30.47
N HIS M 147 -11.97 -15.21 31.58
CA HIS M 147 -12.63 -13.91 31.62
C HIS M 147 -11.59 -12.83 31.93
N ALA M 148 -10.96 -12.31 30.89
CA ALA M 148 -9.99 -11.25 31.05
C ALA M 148 -10.69 -9.96 31.48
N THR M 149 -10.05 -9.22 32.39
CA THR M 149 -10.62 -7.98 32.89
C THR M 149 -9.50 -7.08 33.37
N LEU M 150 -9.65 -5.77 33.15
CA LEU M 150 -8.67 -4.79 33.54
C LEU M 150 -8.79 -4.48 35.03
N VAL M 151 -7.69 -4.62 35.77
CA VAL M 151 -7.64 -4.23 37.17
C VAL M 151 -6.34 -3.49 37.42
N HIS M 152 -6.45 -2.27 37.96
CA HIS M 152 -5.30 -1.44 38.33
C HIS M 152 -4.30 -1.33 37.18
N LYS M 153 -4.81 -0.93 36.02
CA LYS M 153 -4.00 -0.78 34.81
C LYS M 153 -3.31 -2.07 34.38
N LYS M 154 -3.86 -3.21 34.79
CA LYS M 154 -3.30 -4.51 34.47
C LYS M 154 -4.41 -5.45 34.02
N VAL M 155 -4.05 -6.42 33.20
CA VAL M 155 -4.98 -7.43 32.74
C VAL M 155 -4.87 -8.65 33.65
N ALA M 156 -6.01 -9.14 34.11
CA ALA M 156 -6.07 -10.29 35.02
C ALA M 156 -6.93 -11.38 34.39
N ASN M 157 -6.28 -12.36 33.78
CA ASN M 157 -7.00 -13.53 33.30
C ASN M 157 -7.55 -14.32 34.48
N SER M 158 -8.77 -14.81 34.34
CA SER M 158 -9.41 -15.62 35.37
C SER M 158 -9.95 -16.89 34.70
N LYS M 159 -9.09 -17.89 34.59
CA LYS M 159 -9.50 -19.14 33.99
C LYS M 159 -10.56 -19.82 34.84
N THR M 160 -11.59 -20.36 34.19
CA THR M 160 -12.68 -21.04 34.87
C THR M 160 -12.93 -22.37 34.18
N VAL M 161 -12.68 -23.46 34.89
CA VAL M 161 -13.02 -24.79 34.38
C VAL M 161 -14.52 -24.97 34.60
N PHE M 162 -15.28 -24.96 33.51
CA PHE M 162 -16.73 -25.01 33.57
C PHE M 162 -17.19 -26.45 33.40
N VAL M 163 -18.49 -26.64 33.62
CA VAL M 163 -19.16 -27.93 33.39
C VAL M 163 -18.35 -29.06 34.01
N ALA M 164 -18.07 -28.96 35.30
CA ALA M 164 -17.36 -30.03 35.98
C ALA M 164 -18.30 -31.20 36.17
N VAL M 165 -18.63 -31.90 35.10
CA VAL M 165 -19.61 -32.99 35.15
C VAL M 165 -18.95 -34.31 34.81
N TYR M 185 -4.87 -28.10 42.60
CA TYR M 185 -4.48 -27.81 41.22
C TYR M 185 -3.46 -26.68 41.18
N LYS M 186 -3.65 -25.70 42.06
CA LYS M 186 -2.73 -24.57 42.12
C LYS M 186 -1.34 -25.02 42.55
N ASN M 187 -1.26 -25.99 43.46
CA ASN M 187 0.03 -26.47 43.94
C ASN M 187 0.80 -27.20 42.85
N ILE M 188 0.14 -28.14 42.17
CA ILE M 188 0.83 -28.95 41.16
C ILE M 188 1.15 -28.11 39.93
N THR M 189 0.19 -27.33 39.45
CA THR M 189 0.35 -26.59 38.20
C THR M 189 0.71 -25.12 38.42
N GLY M 190 -0.14 -24.40 39.15
CA GLY M 190 0.05 -22.97 39.34
C GLY M 190 -1.05 -22.11 38.75
N GLU M 191 -2.09 -22.68 38.15
CA GLU M 191 -3.16 -21.91 37.55
C GLU M 191 -4.26 -21.69 38.58
N LYS M 192 -4.52 -20.43 38.90
CA LYS M 192 -5.64 -20.07 39.76
C LYS M 192 -6.94 -20.23 38.97
N VAL M 193 -7.51 -21.43 39.00
CA VAL M 193 -8.67 -21.78 38.20
C VAL M 193 -9.85 -22.02 39.13
N LYS M 194 -10.97 -21.36 38.84
CA LYS M 194 -12.20 -21.59 39.57
C LYS M 194 -13.00 -22.70 38.90
N PHE M 195 -13.54 -23.60 39.71
CA PHE M 195 -14.34 -24.72 39.22
C PHE M 195 -15.80 -24.50 39.58
N ALA M 196 -16.69 -24.77 38.63
CA ALA M 196 -18.11 -24.51 38.85
C ALA M 196 -18.93 -25.46 37.99
N PHE M 197 -20.22 -25.19 37.90
CA PHE M 197 -21.19 -25.98 37.17
C PHE M 197 -21.94 -25.11 36.18
N PRO M 198 -22.46 -25.69 35.10
CA PRO M 198 -23.17 -24.88 34.10
C PRO M 198 -24.43 -24.27 34.67
N VAL M 199 -24.79 -23.10 34.15
CA VAL M 199 -25.99 -22.41 34.56
C VAL M 199 -27.20 -23.01 33.84
N GLY N 2 50.92 -6.97 -28.14
CA GLY N 2 51.51 -8.13 -27.50
C GLY N 2 50.48 -9.03 -26.88
N ILE N 3 50.90 -10.24 -26.49
CA ILE N 3 49.98 -11.17 -25.86
C ILE N 3 49.45 -10.55 -24.57
N THR N 4 48.17 -10.76 -24.31
CA THR N 4 47.51 -10.16 -23.16
C THR N 4 46.92 -11.25 -22.27
N ARG N 5 46.77 -10.92 -20.99
CA ARG N 5 46.29 -11.87 -20.00
C ARG N 5 45.06 -11.34 -19.24
N ASP N 6 44.42 -10.29 -19.73
CA ASP N 6 43.21 -9.81 -19.10
C ASP N 6 42.04 -10.73 -19.42
N SER N 7 40.96 -10.58 -18.66
CA SER N 7 39.73 -11.32 -18.90
C SER N 7 38.72 -10.52 -19.71
N ARG N 8 39.10 -9.33 -20.18
CA ARG N 8 38.18 -8.51 -20.95
C ARG N 8 37.92 -9.06 -22.34
N HIS N 9 38.66 -10.06 -22.78
CA HIS N 9 38.45 -10.67 -24.09
C HIS N 9 37.72 -12.00 -24.02
N LYS N 10 37.27 -12.41 -22.84
CA LYS N 10 36.59 -13.68 -22.66
C LYS N 10 35.08 -13.48 -22.49
N ARG N 11 34.34 -14.56 -22.65
CA ARG N 11 32.91 -14.53 -22.45
C ARG N 11 32.58 -14.61 -20.97
N ARG N 12 31.39 -14.13 -20.63
CA ARG N 12 30.95 -14.16 -19.24
C ARG N 12 30.64 -15.59 -18.82
N ALA N 13 30.30 -15.75 -17.54
CA ALA N 13 29.90 -17.06 -17.05
C ALA N 13 28.58 -17.52 -17.65
N THR N 14 27.81 -16.61 -18.23
CA THR N 14 26.53 -16.91 -18.87
C THR N 14 26.66 -17.13 -20.37
N GLY N 15 27.87 -17.06 -20.91
CA GLY N 15 28.06 -17.15 -22.34
C GLY N 15 27.91 -15.84 -23.09
N GLY N 16 27.57 -14.76 -22.40
CA GLY N 16 27.40 -13.49 -23.07
C GLY N 16 28.74 -12.87 -23.43
N LYS N 17 28.79 -12.27 -24.61
CA LYS N 17 29.98 -11.56 -25.05
C LYS N 17 30.22 -10.34 -24.18
N LYS N 18 31.48 -9.95 -24.05
CA LYS N 18 31.88 -8.77 -23.30
C LYS N 18 32.11 -7.61 -24.26
N ASN N 19 31.59 -6.44 -23.91
CA ASN N 19 31.72 -5.25 -24.73
C ASN N 19 32.88 -4.42 -24.22
N SER N 20 33.84 -4.15 -25.09
CA SER N 20 35.08 -3.48 -24.69
C SER N 20 34.84 -2.04 -24.27
N MET N 21 35.71 -1.55 -23.41
CA MET N 21 35.69 -0.16 -22.94
C MET N 21 37.03 0.53 -23.12
N GLN N 22 38.14 -0.17 -22.94
CA GLN N 22 39.46 0.44 -23.02
C GLN N 22 40.38 -0.45 -23.83
N LYS N 23 41.48 0.15 -24.30
CA LYS N 23 42.45 -0.54 -25.15
C LYS N 23 43.35 -1.42 -24.28
N LYS N 24 44.38 -2.00 -24.90
CA LYS N 24 45.27 -2.91 -24.19
C LYS N 24 46.15 -2.14 -23.20
N LYS N 25 46.60 -2.85 -22.17
CA LYS N 25 47.41 -2.23 -21.12
C LYS N 25 48.60 -3.13 -20.80
N LYS N 26 49.67 -2.51 -20.32
CA LYS N 26 50.91 -3.23 -20.06
C LYS N 26 50.85 -4.07 -18.80
N ASN N 27 49.90 -3.82 -17.90
CA ASN N 27 49.82 -4.60 -16.68
C ASN N 27 49.55 -6.07 -16.97
N THR N 28 48.65 -6.35 -17.91
CA THR N 28 48.29 -7.71 -18.29
C THR N 28 49.12 -8.21 -19.46
N MET N 29 50.34 -7.72 -19.60
CA MET N 29 51.20 -8.11 -20.71
C MET N 29 51.60 -9.57 -20.60
N GLY N 30 51.57 -10.27 -21.74
CA GLY N 30 52.12 -11.60 -21.85
C GLY N 30 53.40 -11.59 -22.68
N ARG N 31 54.00 -12.77 -22.80
CA ARG N 31 55.25 -12.89 -23.52
C ARG N 31 55.32 -14.26 -24.19
N GLN N 32 56.10 -14.32 -25.25
CA GLN N 32 56.22 -15.54 -26.04
C GLN N 32 56.90 -16.63 -25.22
N PRO N 33 56.47 -17.87 -25.33
CA PRO N 33 57.20 -18.97 -24.69
C PRO N 33 58.57 -19.13 -25.30
N ALA N 34 59.51 -19.60 -24.49
CA ALA N 34 60.83 -19.98 -24.96
C ALA N 34 61.01 -21.44 -24.63
N ASN N 35 60.57 -22.30 -25.54
CA ASN N 35 60.68 -23.73 -25.31
C ASN N 35 62.14 -24.12 -25.24
N THR N 36 62.62 -24.43 -24.04
CA THR N 36 64.04 -24.74 -23.83
C THR N 36 64.31 -26.13 -24.38
N ARG N 37 64.80 -26.19 -25.60
CA ARG N 37 65.10 -27.46 -26.24
C ARG N 37 66.42 -27.99 -25.71
N LEU N 38 66.93 -29.07 -26.29
CA LEU N 38 68.17 -29.69 -25.88
C LEU N 38 69.27 -29.28 -26.85
N GLY N 39 70.35 -28.71 -26.31
CA GLY N 39 71.43 -28.22 -27.15
C GLY N 39 72.46 -27.49 -26.33
N ALA N 40 73.21 -26.62 -26.99
CA ALA N 40 74.26 -25.87 -26.31
C ALA N 40 73.65 -24.82 -25.39
N ILE N 41 74.48 -24.33 -24.47
CA ILE N 41 74.02 -23.39 -23.45
C ILE N 41 73.68 -22.06 -24.10
N ARG N 42 72.48 -21.55 -23.82
CA ARG N 42 72.05 -20.25 -24.30
C ARG N 42 70.90 -19.76 -23.44
N VAL N 43 71.11 -18.66 -22.72
CA VAL N 43 70.06 -18.01 -21.95
C VAL N 43 70.05 -16.53 -22.29
N HIS N 44 68.90 -15.90 -22.07
CA HIS N 44 68.73 -14.48 -22.32
C HIS N 44 68.10 -13.82 -21.11
N ASP N 45 68.59 -12.63 -20.77
CA ASP N 45 68.10 -11.88 -19.61
C ASP N 45 66.97 -10.97 -20.05
N VAL N 46 65.75 -11.33 -19.68
CA VAL N 46 64.57 -10.52 -20.00
C VAL N 46 64.35 -9.51 -18.88
N ARG N 47 64.16 -8.25 -19.25
CA ARG N 47 63.93 -7.19 -18.27
C ARG N 47 62.43 -7.12 -18.00
N CYS N 48 62.00 -7.76 -16.92
CA CYS N 48 60.59 -7.86 -16.59
C CYS N 48 60.12 -6.56 -15.92
N ARG N 49 58.93 -6.59 -15.35
CA ARG N 49 58.38 -5.43 -14.67
C ARG N 49 59.19 -5.13 -13.41
N TYR N 50 59.22 -3.84 -13.06
CA TYR N 50 59.94 -3.33 -11.89
C TYR N 50 61.44 -3.51 -12.01
N GLY N 51 61.93 -3.73 -13.23
CA GLY N 51 63.34 -3.86 -13.47
C GLY N 51 63.93 -5.22 -13.21
N ILE N 52 63.18 -6.13 -12.60
CA ILE N 52 63.74 -7.44 -12.24
C ILE N 52 64.05 -8.21 -13.50
N ILE N 53 65.00 -9.15 -13.38
CA ILE N 53 65.59 -9.84 -14.53
C ILE N 53 65.25 -11.32 -14.45
N LYS N 54 64.70 -11.85 -15.53
CA LYS N 54 64.39 -13.27 -15.66
C LYS N 54 65.38 -13.90 -16.62
N ARG N 55 65.98 -15.00 -16.21
CA ARG N 55 66.89 -15.73 -17.08
C ARG N 55 66.06 -16.67 -17.95
N ARG N 56 66.06 -16.43 -19.25
CA ARG N 56 65.23 -17.18 -20.20
C ARG N 56 66.11 -18.21 -20.90
N ALA N 57 66.09 -19.45 -20.40
CA ALA N 57 66.91 -20.51 -20.96
C ALA N 57 66.36 -20.91 -22.32
N LEU N 58 67.13 -20.66 -23.38
CA LEU N 58 66.70 -21.03 -24.72
C LEU N 58 67.08 -22.46 -25.09
N ARG N 59 68.29 -22.88 -24.74
CA ARG N 59 68.72 -24.26 -24.94
C ARG N 59 69.68 -24.64 -23.84
N LEU N 60 69.54 -25.86 -23.32
CA LEU N 60 70.36 -26.33 -22.22
C LEU N 60 70.80 -27.76 -22.47
N GLU N 61 71.88 -28.16 -21.79
CA GLU N 61 72.37 -29.53 -21.91
C GLU N 61 72.58 -30.18 -20.55
N ASN N 62 72.94 -29.38 -19.54
CA ASN N 62 73.28 -29.91 -18.23
C ASN N 62 72.32 -29.41 -17.17
N GLY N 63 72.18 -30.21 -16.11
CA GLY N 63 71.36 -29.84 -14.98
C GLY N 63 71.88 -30.46 -13.71
N ASN N 64 71.61 -29.79 -12.59
CA ASN N 64 72.07 -30.26 -11.28
C ASN N 64 71.00 -31.16 -10.67
N PHE N 65 71.08 -32.45 -10.99
CA PHE N 65 70.13 -33.41 -10.48
C PHE N 65 70.48 -33.80 -9.05
N SER N 66 69.46 -34.14 -8.28
CA SER N 66 69.59 -34.48 -6.87
C SER N 66 68.98 -35.85 -6.61
N TRP N 67 69.61 -36.60 -5.71
CA TRP N 67 69.11 -37.90 -5.29
C TRP N 67 68.56 -37.76 -3.87
N ALA N 68 67.29 -38.08 -3.69
CA ALA N 68 66.67 -37.94 -2.39
C ALA N 68 67.17 -39.00 -1.40
N SER N 69 67.32 -40.24 -1.87
CA SER N 69 67.68 -41.32 -0.97
C SER N 69 69.07 -41.13 -0.40
N GLN N 70 70.04 -40.80 -1.25
CA GLN N 70 71.43 -40.70 -0.83
C GLN N 70 71.83 -39.28 -0.42
N SER N 71 70.90 -38.32 -0.47
CA SER N 71 71.16 -36.95 -0.05
C SER N 71 72.37 -36.36 -0.78
N ILE N 72 72.39 -36.55 -2.10
CA ILE N 72 73.48 -36.08 -2.94
C ILE N 72 72.90 -35.42 -4.19
N THR N 73 73.46 -34.26 -4.54
CA THR N 73 73.09 -33.54 -5.75
C THR N 73 74.33 -33.40 -6.62
N LYS N 74 74.25 -33.86 -7.87
CA LYS N 74 75.41 -33.88 -8.75
C LYS N 74 75.02 -33.37 -10.13
N GLY N 75 75.92 -32.61 -10.74
CA GLY N 75 75.72 -32.18 -12.10
C GLY N 75 75.82 -33.34 -13.08
N THR N 76 75.06 -33.25 -14.17
CA THR N 76 74.99 -34.33 -15.14
C THR N 76 74.60 -33.74 -16.49
N LYS N 77 74.87 -34.48 -17.55
CA LYS N 77 74.46 -34.11 -18.89
C LYS N 77 73.19 -34.86 -19.25
N ILE N 78 72.16 -34.11 -19.65
CA ILE N 78 70.89 -34.71 -20.00
C ILE N 78 71.01 -35.39 -21.36
N LEU N 79 70.35 -36.55 -21.50
CA LEU N 79 70.47 -37.35 -22.71
C LEU N 79 69.29 -37.15 -23.66
N ASN N 80 68.07 -37.43 -23.18
CA ASN N 80 66.92 -37.46 -24.07
C ASN N 80 65.64 -37.32 -23.26
N VAL N 81 64.72 -36.50 -23.75
CA VAL N 81 63.41 -36.33 -23.11
C VAL N 81 62.53 -37.49 -23.55
N VAL N 82 62.13 -38.33 -22.60
CA VAL N 82 61.42 -39.56 -22.94
C VAL N 82 59.94 -39.49 -22.60
N TYR N 83 59.50 -38.52 -21.80
CA TYR N 83 58.09 -38.45 -21.45
C TYR N 83 57.73 -37.04 -21.01
N ASN N 84 56.60 -36.54 -21.51
CA ASN N 84 56.01 -35.29 -21.05
C ASN N 84 54.54 -35.54 -20.73
N ALA N 85 54.13 -35.17 -19.52
CA ALA N 85 52.77 -35.49 -19.07
C ALA N 85 51.71 -34.69 -19.80
N SER N 86 52.08 -33.59 -20.46
CA SER N 86 51.10 -32.70 -21.07
C SER N 86 50.99 -32.91 -22.57
N ASP N 87 52.09 -32.72 -23.31
CA ASP N 87 52.08 -32.76 -24.76
C ASP N 87 53.13 -33.75 -25.23
N ASN N 88 52.69 -34.76 -26.01
CA ASN N 88 53.64 -35.71 -26.56
C ASN N 88 54.55 -35.09 -27.62
N ASP N 89 54.13 -33.95 -28.19
CA ASP N 89 55.00 -33.25 -29.13
C ASP N 89 56.18 -32.59 -28.45
N PHE N 90 56.16 -32.46 -27.12
CA PHE N 90 57.34 -32.00 -26.41
C PHE N 90 58.43 -33.06 -26.41
N VAL N 91 58.04 -34.33 -26.40
CA VAL N 91 59.02 -35.43 -26.45
C VAL N 91 59.77 -35.40 -27.79
N ARG N 92 59.05 -35.19 -28.89
CA ARG N 92 59.69 -35.22 -30.20
C ARG N 92 60.73 -34.11 -30.32
N THR N 93 60.40 -32.91 -29.86
CA THR N 93 61.30 -31.77 -29.94
C THR N 93 62.23 -31.67 -28.72
N ASN N 94 62.07 -32.56 -27.75
CA ASN N 94 62.91 -32.59 -26.54
C ASN N 94 62.88 -31.25 -25.81
N THR N 95 61.70 -30.63 -25.75
CA THR N 95 61.55 -29.39 -25.02
C THR N 95 61.58 -29.65 -23.52
N LEU N 96 62.32 -28.83 -22.79
CA LEU N 96 62.53 -29.01 -21.36
C LEU N 96 61.58 -28.09 -20.60
N VAL N 97 60.59 -28.68 -19.94
CA VAL N 97 59.67 -27.97 -19.08
C VAL N 97 59.57 -28.75 -17.76
N LYS N 98 58.99 -28.09 -16.76
CA LYS N 98 58.82 -28.74 -15.46
C LYS N 98 58.01 -30.02 -15.62
N GLY N 99 58.37 -31.04 -14.85
CA GLY N 99 57.65 -32.29 -14.89
C GLY N 99 57.98 -33.19 -16.06
N ALA N 100 58.90 -32.80 -16.92
CA ALA N 100 59.29 -33.65 -18.03
C ALA N 100 60.17 -34.78 -17.52
N ILE N 101 59.82 -36.01 -17.89
CA ILE N 101 60.63 -37.17 -17.51
C ILE N 101 61.78 -37.28 -18.51
N ILE N 102 63.00 -37.15 -18.02
CA ILE N 102 64.20 -37.18 -18.86
C ILE N 102 65.12 -38.28 -18.33
N GLU N 103 65.67 -39.06 -19.24
CA GLU N 103 66.68 -40.05 -18.90
C GLU N 103 68.05 -39.42 -18.99
N ILE N 104 68.91 -39.73 -18.02
CA ILE N 104 70.25 -39.19 -17.96
C ILE N 104 71.23 -40.31 -17.68
N ASP N 105 72.49 -40.07 -18.06
CA ASP N 105 73.56 -41.02 -17.78
C ASP N 105 74.02 -40.89 -16.33
N PRO N 106 74.09 -41.97 -15.57
CA PRO N 106 74.52 -41.91 -14.17
C PRO N 106 76.03 -41.98 -14.00
N ALA N 107 76.74 -41.20 -14.81
CA ALA N 107 78.21 -41.22 -14.73
C ALA N 107 78.72 -40.72 -13.39
N PRO N 108 78.26 -39.59 -12.84
CA PRO N 108 78.67 -39.22 -11.48
C PRO N 108 77.78 -39.78 -10.38
N PHE N 109 76.95 -40.78 -10.67
CA PHE N 109 76.08 -41.37 -9.68
C PHE N 109 76.40 -42.85 -9.49
N LEU N 111 79.55 -44.03 -9.96
CA LEU N 111 80.82 -43.53 -9.42
C LEU N 111 80.73 -43.31 -7.92
N TRP N 112 79.97 -42.30 -7.53
CA TRP N 112 79.80 -41.96 -6.13
C TRP N 112 79.17 -43.12 -5.35
N LEU N 202 66.57 -42.47 -14.83
CA LEU N 202 65.38 -41.69 -15.06
C LEU N 202 65.29 -40.51 -14.10
N ALA N 203 64.98 -39.34 -14.64
CA ALA N 203 64.89 -38.12 -13.86
C ALA N 203 63.64 -37.35 -14.25
N CYS N 204 63.14 -36.54 -13.30
CA CYS N 204 61.99 -35.68 -13.53
C CYS N 204 62.36 -34.27 -13.15
N ILE N 205 62.21 -33.34 -14.10
CA ILE N 205 62.58 -31.96 -13.85
C ILE N 205 61.68 -31.37 -12.76
N SER N 206 62.25 -30.47 -11.96
CA SER N 206 61.48 -29.81 -10.91
C SER N 206 61.79 -28.32 -10.83
N SER N 207 62.24 -27.71 -11.93
CA SER N 207 62.50 -26.28 -11.97
C SER N 207 61.81 -25.67 -13.18
N ARG N 208 61.90 -24.35 -13.30
CA ARG N 208 61.32 -23.60 -14.40
C ARG N 208 62.45 -23.07 -15.28
N PRO N 209 62.92 -23.84 -16.26
CA PRO N 209 64.00 -23.33 -17.12
C PRO N 209 63.65 -22.06 -17.86
N GLY N 210 62.40 -21.88 -18.26
CA GLY N 210 61.99 -20.67 -18.92
C GLY N 210 61.85 -19.47 -18.01
N GLN N 211 61.91 -19.68 -16.69
CA GLN N 211 61.85 -18.60 -15.73
C GLN N 211 63.13 -18.45 -14.94
N THR N 212 63.61 -19.52 -14.31
CA THR N 212 64.84 -19.44 -13.53
C THR N 212 66.07 -19.41 -14.42
N GLY N 213 66.03 -20.11 -15.55
CA GLY N 213 67.13 -20.12 -16.49
C GLY N 213 67.99 -21.36 -16.50
N SER N 214 67.62 -22.41 -15.78
CA SER N 214 68.42 -23.63 -15.78
C SER N 214 67.54 -24.81 -15.37
N VAL N 215 68.03 -26.00 -15.66
CA VAL N 215 67.31 -27.24 -15.38
C VAL N 215 67.81 -27.80 -14.06
N GLU N 216 66.88 -28.06 -13.14
CA GLU N 216 67.18 -28.74 -11.89
C GLU N 216 66.08 -29.75 -11.63
N GLY N 217 66.47 -30.96 -11.26
CA GLY N 217 65.48 -32.00 -11.06
C GLY N 217 65.82 -32.96 -9.93
N TYR N 218 65.37 -34.20 -10.06
CA TYR N 218 65.62 -35.21 -9.06
C TYR N 218 65.53 -36.58 -9.74
N ILE N 219 65.89 -37.61 -8.99
CA ILE N 219 65.95 -38.97 -9.49
C ILE N 219 64.75 -39.75 -8.95
N LEU N 220 64.04 -40.44 -9.84
CA LEU N 220 62.89 -41.23 -9.44
C LEU N 220 63.32 -42.48 -8.68
N GLY O 2 27.93 21.15 -9.97
CA GLY O 2 28.36 22.42 -9.42
C GLY O 2 29.63 22.90 -10.08
N ARG O 3 29.81 24.22 -10.14
CA ARG O 3 30.96 24.83 -10.79
C ARG O 3 31.76 25.75 -9.87
N CYS O 4 31.10 26.57 -9.08
CA CYS O 4 31.78 27.56 -8.24
C CYS O 4 31.92 27.04 -6.82
N LEU O 5 32.93 27.55 -6.13
CA LEU O 5 33.22 27.12 -4.77
C LEU O 5 32.59 28.01 -3.70
N ARG O 6 32.44 29.30 -3.97
CA ARG O 6 31.79 30.20 -3.01
C ARG O 6 30.29 29.97 -3.02
N ASN O 7 29.70 29.77 -1.85
CA ASN O 7 28.29 29.53 -1.75
C ASN O 7 27.48 30.78 -2.07
N HIS O 8 26.24 30.57 -2.50
CA HIS O 8 25.29 31.64 -2.72
C HIS O 8 23.93 31.16 -2.26
N SER O 9 23.04 32.12 -1.97
CA SER O 9 21.72 31.78 -1.47
C SER O 9 20.73 32.85 -1.88
N ILE O 10 19.45 32.51 -1.73
CA ILE O 10 18.34 33.38 -2.06
C ILE O 10 17.78 33.96 -0.77
N THR O 11 17.57 35.27 -0.74
CA THR O 11 17.06 35.92 0.46
C THR O 11 15.54 36.02 0.49
N TYR O 12 14.85 35.68 -0.59
CA TYR O 12 13.41 35.82 -0.61
C TYR O 12 12.80 34.93 -1.68
N LYS O 13 11.49 34.74 -1.58
CA LYS O 13 10.72 33.97 -2.55
C LYS O 13 9.49 34.77 -2.93
N THR O 14 9.07 34.62 -4.18
CA THR O 14 7.88 35.32 -4.65
C THR O 14 6.61 34.58 -4.23
N PRO O 15 5.51 35.29 -4.07
CA PRO O 15 4.26 34.62 -3.70
C PRO O 15 3.74 33.71 -4.80
N LYS O 16 3.07 32.63 -4.40
CA LYS O 16 2.58 31.66 -5.36
C LYS O 16 1.48 32.25 -6.24
N VAL O 17 0.56 32.99 -5.66
CA VAL O 17 -0.55 33.60 -6.40
C VAL O 17 -0.14 35.03 -6.75
N PRO O 18 0.14 35.33 -8.02
CA PRO O 18 0.65 36.67 -8.35
C PRO O 18 -0.33 37.79 -8.07
N TYR O 19 -1.65 37.55 -8.16
CA TYR O 19 -2.63 38.63 -8.16
C TYR O 19 -3.68 38.37 -7.09
N GLU O 20 -3.57 39.09 -5.96
CA GLU O 20 -4.58 39.07 -4.91
C GLU O 20 -4.76 40.49 -4.41
N ARG O 21 -6.01 40.93 -4.26
CA ARG O 21 -6.26 42.23 -3.67
C ARG O 21 -6.09 42.20 -2.16
N GLU O 22 -6.43 41.08 -1.52
CA GLU O 22 -6.25 40.96 -0.08
C GLU O 22 -4.79 41.03 0.34
N ARG O 23 -3.87 40.79 -0.59
CA ARG O 23 -2.44 40.86 -0.31
C ARG O 23 -1.80 42.18 -0.71
N PHE O 24 -2.37 42.87 -1.70
CA PHE O 24 -1.79 44.14 -2.12
C PHE O 24 -1.99 45.23 -1.07
N ASP O 25 -3.12 45.18 -0.37
CA ASP O 25 -3.36 46.16 0.69
C ASP O 25 -2.53 45.84 1.93
N ALA O 26 -2.46 44.57 2.32
CA ALA O 26 -1.70 44.19 3.51
C ALA O 26 -0.23 44.49 3.34
N GLU O 27 0.31 44.25 2.14
CA GLU O 27 1.72 44.54 1.90
C GLU O 27 1.97 46.04 1.76
N LEU O 28 0.99 46.79 1.23
CA LEU O 28 1.14 48.23 1.14
C LEU O 28 0.88 48.93 2.45
N LYS O 29 0.23 48.25 3.41
CA LYS O 29 0.11 48.82 4.75
C LYS O 29 1.47 48.98 5.40
N LEU O 30 2.34 47.99 5.25
CA LEU O 30 3.66 48.05 5.86
C LEU O 30 4.61 48.96 5.09
N VAL O 31 4.47 49.04 3.76
CA VAL O 31 5.37 49.88 2.97
C VAL O 31 5.26 51.33 3.41
N GLY O 32 4.03 51.82 3.61
CA GLY O 32 3.87 53.15 4.16
C GLY O 32 4.34 53.25 5.59
N GLN O 33 4.14 52.19 6.37
CA GLN O 33 4.53 52.19 7.77
C GLN O 33 6.03 52.05 7.98
N PHE O 34 6.80 51.76 6.94
CA PHE O 34 8.24 51.61 7.09
C PHE O 34 9.05 52.25 5.98
N GLY O 35 8.42 52.84 4.97
CA GLY O 35 9.15 53.51 3.91
C GLY O 35 10.07 52.61 3.12
N LEU O 36 9.66 51.36 2.91
CA LEU O 36 10.50 50.41 2.21
C LEU O 36 10.53 50.70 0.72
N LYS O 37 11.62 50.30 0.07
CA LYS O 37 11.82 50.66 -1.34
C LYS O 37 10.86 49.92 -2.26
N ASN O 38 10.67 48.63 -2.02
CA ASN O 38 9.79 47.82 -2.86
C ASN O 38 9.29 46.64 -2.05
N LYS O 39 8.70 45.66 -2.74
CA LYS O 39 8.12 44.51 -2.08
C LYS O 39 9.13 43.41 -1.77
N LYS O 40 10.40 43.61 -2.14
CA LYS O 40 11.42 42.62 -1.81
C LYS O 40 11.68 42.58 -0.30
N GLU O 41 11.61 43.73 0.37
CA GLU O 41 11.89 43.77 1.80
C GLU O 41 10.88 42.97 2.59
N ILE O 42 9.60 43.04 2.19
CA ILE O 42 8.57 42.28 2.88
C ILE O 42 8.82 40.78 2.74
N GLN O 43 9.19 40.34 1.53
CA GLN O 43 9.44 38.93 1.31
C GLN O 43 10.67 38.46 2.07
N ARG O 44 11.71 39.28 2.13
CA ARG O 44 12.92 38.90 2.83
C ARG O 44 12.66 38.69 4.32
N VAL O 45 11.92 39.60 4.94
CA VAL O 45 11.56 39.46 6.34
C VAL O 45 10.66 38.24 6.52
N HIS O 46 9.73 38.02 5.60
CA HIS O 46 8.90 36.82 5.66
C HIS O 46 9.76 35.57 5.51
N TYR O 47 10.75 35.62 4.63
CA TYR O 47 11.63 34.47 4.45
C TYR O 47 12.45 34.21 5.72
N MET O 48 12.93 35.27 6.37
CA MET O 48 13.72 35.10 7.58
C MET O 48 12.92 34.42 8.68
N LEU O 49 11.70 34.88 8.91
CA LEU O 49 10.88 34.30 9.96
C LEU O 49 10.58 32.83 9.68
N GLY O 50 10.27 32.52 8.42
CA GLY O 50 9.91 31.15 8.07
C GLY O 50 10.98 30.13 8.37
N HIS O 51 12.25 30.55 8.42
CA HIS O 51 13.31 29.61 8.76
C HIS O 51 13.27 29.24 10.23
N MET O 52 13.11 30.23 11.11
CA MET O 52 13.03 29.95 12.54
C MET O 52 11.80 29.12 12.88
N ARG O 53 10.66 29.45 12.27
CA ARG O 53 9.43 28.69 12.52
C ARG O 53 9.60 27.24 12.11
N THR O 54 10.42 26.96 11.10
CA THR O 54 10.62 25.59 10.67
C THR O 54 11.49 24.80 11.64
N ILE O 55 12.43 25.47 12.31
CA ILE O 55 13.25 24.78 13.31
C ILE O 55 12.39 24.37 14.51
N ALA O 56 11.60 25.31 15.03
CA ALA O 56 10.74 25.00 16.17
C ALA O 56 9.69 23.97 15.80
N LYS O 57 9.13 24.07 14.59
CA LYS O 57 8.10 23.12 14.15
C LYS O 57 8.64 21.70 14.10
N VAL O 58 9.86 21.53 13.58
CA VAL O 58 10.47 20.21 13.51
C VAL O 58 10.80 19.71 14.91
N MET O 59 11.26 20.60 15.78
CA MET O 59 11.78 20.21 17.08
C MET O 59 10.69 19.89 18.09
N LEU O 60 9.46 20.36 17.86
CA LEU O 60 8.38 20.10 18.79
C LEU O 60 7.84 18.68 18.70
N MET O 61 8.31 17.90 17.73
CA MET O 61 7.84 16.53 17.53
C MET O 61 8.62 15.50 18.33
N LYS O 62 9.67 15.91 19.03
CA LYS O 62 10.54 15.00 19.76
C LYS O 62 10.30 15.13 21.26
N ASP O 63 10.91 14.21 22.01
CA ASP O 63 10.76 14.19 23.46
C ASP O 63 11.61 15.30 24.09
N ALA O 64 11.20 15.71 25.30
CA ALA O 64 11.92 16.76 26.00
C ALA O 64 13.30 16.31 26.46
N LYS O 65 13.48 15.00 26.66
CA LYS O 65 14.76 14.45 27.08
C LYS O 65 15.66 14.11 25.90
N ASP O 66 15.24 14.40 24.68
CA ASP O 66 16.08 14.17 23.51
C ASP O 66 17.28 15.10 23.55
N PRO O 67 18.49 14.60 23.30
CA PRO O 67 19.67 15.48 23.36
C PRO O 67 19.62 16.63 22.37
N LYS O 68 19.08 16.39 21.19
CA LYS O 68 19.04 17.44 20.17
C LYS O 68 18.04 18.53 20.54
N ARG O 69 16.96 18.18 21.24
CA ARG O 69 15.98 19.19 21.59
C ARG O 69 16.55 20.20 22.58
N LEU O 70 17.27 19.73 23.60
CA LEU O 70 17.82 20.62 24.60
C LEU O 70 18.87 21.55 24.01
N LEU O 71 19.75 21.01 23.16
CA LEU O 71 20.85 21.80 22.61
C LEU O 71 20.35 22.77 21.55
N GLU O 72 19.72 22.25 20.50
CA GLU O 72 19.24 23.11 19.42
C GLU O 72 18.12 24.03 19.89
N GLY O 73 17.28 23.56 20.81
CA GLY O 73 16.18 24.39 21.28
C GLY O 73 16.67 25.65 21.97
N ALA O 74 17.64 25.50 22.87
CA ALA O 74 18.22 26.66 23.53
C ALA O 74 18.93 27.56 22.53
N ALA O 75 19.56 26.97 21.51
CA ALA O 75 20.31 27.77 20.54
C ALA O 75 19.40 28.74 19.79
N LEU O 76 18.20 28.29 19.41
CA LEU O 76 17.27 29.18 18.73
C LEU O 76 16.77 30.27 19.67
N LEU O 77 16.39 29.89 20.90
CA LEU O 77 15.92 30.89 21.86
C LEU O 77 17.02 31.88 22.21
N ARG O 78 18.25 31.38 22.39
CA ARG O 78 19.37 32.27 22.66
C ARG O 78 19.54 33.28 21.54
N ARG O 79 19.56 32.81 20.29
CA ARG O 79 19.78 33.70 19.15
C ARG O 79 18.71 34.78 19.09
N LEU O 80 17.45 34.40 19.31
CA LEU O 80 16.37 35.38 19.28
C LEU O 80 16.51 36.40 20.40
N HIS O 81 16.97 35.95 21.58
CA HIS O 81 17.03 36.84 22.73
C HIS O 81 17.99 37.99 22.50
N ASN O 82 19.18 37.72 21.96
CA ASN O 82 20.09 38.83 21.67
C ASN O 82 19.52 39.74 20.61
N LEU O 83 18.89 39.17 19.58
CA LEU O 83 18.25 39.99 18.56
C LEU O 83 17.07 40.77 19.13
N GLY O 84 16.40 40.23 20.15
CA GLY O 84 15.30 40.92 20.77
C GLY O 84 13.96 40.75 20.10
N ILE O 85 13.86 39.86 19.10
CA ILE O 85 12.58 39.58 18.47
C ILE O 85 11.61 38.99 19.48
N LEU O 86 12.07 38.04 20.28
CA LEU O 86 11.25 37.35 21.26
C LEU O 86 11.46 37.95 22.64
N PRO O 87 10.39 38.31 23.34
CA PRO O 87 10.55 38.83 24.71
C PRO O 87 11.19 37.79 25.62
N ARG O 88 12.00 38.28 26.57
CA ARG O 88 12.81 37.39 27.40
C ARG O 88 11.95 36.46 28.22
N ASP O 89 10.83 36.96 28.75
CA ASP O 89 9.96 36.17 29.61
C ASP O 89 9.28 35.02 28.87
N GLN O 90 9.30 35.00 27.54
CA GLN O 90 8.79 33.89 26.75
C GLN O 90 9.97 33.03 26.34
N ASN O 91 10.19 31.93 27.04
CA ASN O 91 11.36 31.09 26.86
C ASN O 91 10.97 29.65 26.59
N LYS O 92 10.03 29.46 25.66
CA LYS O 92 9.65 28.14 25.18
C LYS O 92 9.55 28.15 23.67
N LEU O 93 9.76 26.99 23.07
CA LEU O 93 9.75 26.88 21.61
C LEU O 93 8.37 27.11 21.03
N GLU O 94 7.31 26.95 21.83
CA GLU O 94 5.96 27.21 21.34
C GLU O 94 5.79 28.68 21.00
N PHE O 95 6.36 29.57 21.81
CA PHE O 95 6.24 31.00 21.56
C PHE O 95 6.96 31.43 20.28
N VAL O 96 7.88 30.61 19.78
CA VAL O 96 8.52 30.92 18.49
C VAL O 96 7.48 30.88 17.37
N LEU O 97 6.61 29.87 17.39
CA LEU O 97 5.61 29.73 16.35
C LEU O 97 4.60 30.87 16.37
N ALA O 98 4.42 31.54 17.51
CA ALA O 98 3.48 32.64 17.62
C ALA O 98 4.08 33.98 17.21
N LEU O 99 5.32 34.00 16.74
CA LEU O 99 5.91 35.23 16.25
C LEU O 99 5.23 35.69 14.97
N LYS O 100 5.29 37.00 14.73
CA LYS O 100 4.67 37.60 13.56
C LYS O 100 5.72 38.35 12.74
N GLU O 101 5.27 38.96 11.65
CA GLU O 101 6.16 39.68 10.76
C GLU O 101 6.39 41.12 11.18
N GLU O 102 5.69 41.59 12.21
CA GLU O 102 5.97 42.90 12.77
C GLU O 102 7.11 42.87 13.78
N ASN O 103 7.37 41.72 14.40
CA ASN O 103 8.47 41.62 15.35
C ASN O 103 9.81 41.85 14.66
N LEU O 104 9.99 41.26 13.48
CA LEU O 104 11.27 41.37 12.79
C LEU O 104 11.46 42.75 12.18
N LEU O 105 10.40 43.33 11.61
CA LEU O 105 10.53 44.62 10.95
C LEU O 105 10.69 45.76 11.94
N GLU O 106 10.30 45.57 13.19
CA GLU O 106 10.37 46.63 14.18
C GLU O 106 11.75 46.74 14.83
N ARG O 107 12.67 45.86 14.49
CA ARG O 107 14.05 45.94 14.96
C ARG O 107 15.00 46.42 13.89
N ARG O 108 14.50 46.78 12.72
CA ARG O 108 15.34 47.32 11.66
C ARG O 108 15.85 48.70 12.05
N LEU O 109 16.96 49.11 11.43
CA LEU O 109 17.56 50.39 11.77
C LEU O 109 16.63 51.55 11.45
N GLN O 110 15.93 51.48 10.31
CA GLN O 110 14.99 52.52 9.98
C GLN O 110 13.86 52.62 11.00
N THR O 111 13.46 51.49 11.58
CA THR O 111 12.47 51.52 12.65
C THR O 111 13.07 52.04 13.95
N LEU O 112 14.29 51.61 14.27
CA LEU O 112 14.87 51.97 15.56
C LEU O 112 15.16 53.46 15.65
N VAL O 113 15.71 54.06 14.58
CA VAL O 113 16.00 55.49 14.63
C VAL O 113 14.72 56.31 14.71
N TYR O 114 13.61 55.77 14.22
CA TYR O 114 12.33 56.46 14.35
C TYR O 114 11.90 56.57 15.81
N ARG O 115 11.69 55.42 16.47
CA ARG O 115 11.13 55.45 17.80
C ARG O 115 12.08 56.08 18.82
N LYS O 116 13.38 56.06 18.55
CA LYS O 116 14.32 56.78 19.41
C LYS O 116 14.28 58.28 19.18
N GLY O 117 13.75 58.74 18.04
CA GLY O 117 13.44 60.14 17.84
C GLY O 117 14.37 60.91 16.92
N PHE O 118 15.44 60.29 16.41
CA PHE O 118 16.35 61.03 15.53
C PHE O 118 15.68 61.44 14.24
N ALA O 119 14.87 60.56 13.64
CA ALA O 119 14.26 60.79 12.34
C ALA O 119 12.80 61.17 12.52
N LYS O 120 12.42 62.33 11.97
CA LYS O 120 11.05 62.81 12.11
C LYS O 120 10.08 61.89 11.37
N SER O 121 10.37 61.59 10.10
CA SER O 121 9.53 60.72 9.30
C SER O 121 10.33 59.52 8.84
N ILE O 122 9.65 58.39 8.68
CA ILE O 122 10.34 57.16 8.31
C ILE O 122 10.92 57.23 6.91
N HIS O 123 10.41 58.13 6.07
CA HIS O 123 11.08 58.40 4.80
C HIS O 123 12.33 59.24 5.01
N HIS O 124 12.32 60.13 6.01
CA HIS O 124 13.48 60.93 6.35
C HIS O 124 14.59 60.09 6.97
N ALA O 125 14.25 58.95 7.57
CA ALA O 125 15.26 58.10 8.19
C ALA O 125 16.21 57.52 7.15
N ARG O 126 15.72 57.22 5.95
CA ARG O 126 16.58 56.62 4.93
C ARG O 126 17.74 57.53 4.56
N VAL O 127 17.45 58.82 4.35
CA VAL O 127 18.49 59.75 3.94
C VAL O 127 19.55 59.87 5.03
N LEU O 128 19.11 59.98 6.29
CA LEU O 128 20.06 60.03 7.39
C LEU O 128 20.85 58.73 7.50
N ILE O 129 20.17 57.59 7.36
CA ILE O 129 20.87 56.30 7.41
C ILE O 129 21.78 56.15 6.20
N ARG O 130 21.26 56.41 5.00
CA ARG O 130 22.07 56.24 3.80
C ARG O 130 23.19 57.27 3.69
N GLY O 131 23.09 58.38 4.42
CA GLY O 131 24.12 59.39 4.39
C GLY O 131 25.25 59.18 5.36
N LYS O 132 25.27 58.05 6.07
CA LYS O 132 26.24 57.72 7.10
C LYS O 132 26.17 58.65 8.31
N MET O 133 25.07 59.41 8.45
CA MET O 133 24.90 60.24 9.63
C MET O 133 24.79 59.42 10.91
N ILE O 134 24.38 58.16 10.81
CA ILE O 134 24.11 57.35 11.98
C ILE O 134 25.36 56.53 12.30
N LYS O 135 25.48 56.12 13.56
CA LYS O 135 26.62 55.34 14.03
C LYS O 135 26.15 54.33 15.05
N VAL O 136 26.72 53.13 15.00
CA VAL O 136 26.35 52.04 15.90
C VAL O 136 27.59 51.68 16.69
N GLY O 137 27.72 52.27 17.87
CA GLY O 137 28.78 51.92 18.80
C GLY O 137 30.13 52.51 18.42
N LYS O 138 30.76 51.93 17.41
CA LYS O 138 32.04 52.42 16.93
C LYS O 138 32.18 52.35 15.41
N GLN O 139 31.14 51.96 14.70
CA GLN O 139 31.20 51.74 13.26
C GLN O 139 30.08 52.49 12.57
N VAL O 140 30.42 53.20 11.49
CA VAL O 140 29.40 53.90 10.72
C VAL O 140 28.61 52.89 9.91
N VAL O 141 27.30 53.10 9.80
CA VAL O 141 26.39 52.18 9.12
C VAL O 141 25.55 52.99 8.14
N ASP O 142 25.34 52.44 6.95
CA ASP O 142 24.41 53.06 6.02
C ASP O 142 23.53 52.05 5.31
N VAL O 143 23.30 50.87 5.90
CA VAL O 143 22.35 49.89 5.37
C VAL O 143 21.10 49.94 6.26
N PRO O 144 19.97 50.43 5.75
CA PRO O 144 18.78 50.58 6.60
C PRO O 144 18.21 49.27 7.13
N SER O 145 18.84 48.14 6.84
CA SER O 145 18.32 46.84 7.25
C SER O 145 19.04 46.26 8.46
N PHE O 146 19.85 47.06 9.14
CA PHE O 146 20.64 46.55 10.27
C PHE O 146 19.73 46.04 11.38
N LEU O 147 19.73 44.73 11.61
CA LEU O 147 18.92 44.14 12.66
C LEU O 147 19.68 44.25 13.98
N VAL O 148 19.45 45.37 14.68
CA VAL O 148 20.20 45.65 15.90
C VAL O 148 19.87 44.61 16.97
N ARG O 149 20.84 44.33 17.82
CA ARG O 149 20.65 43.41 18.92
C ARG O 149 20.19 44.16 20.17
N VAL O 150 20.02 43.43 21.27
CA VAL O 150 19.63 44.07 22.52
C VAL O 150 20.75 44.94 23.07
N GLU O 151 22.00 44.45 22.97
CA GLU O 151 23.13 45.21 23.51
C GLU O 151 23.36 46.50 22.75
N SER O 152 23.09 46.51 21.45
CA SER O 152 23.31 47.68 20.62
C SER O 152 22.12 48.60 20.58
N GLU O 153 21.03 48.26 21.26
CA GLU O 153 19.88 49.15 21.36
C GLU O 153 20.22 50.51 21.94
N PRO O 154 20.96 50.62 23.08
CA PRO O 154 21.25 51.95 23.61
C PRO O 154 22.52 52.58 23.05
N LEU O 155 23.02 52.04 21.95
CA LEU O 155 24.26 52.51 21.34
C LEU O 155 24.01 53.01 19.92
N ILE O 156 22.91 53.72 19.70
CA ILE O 156 22.58 54.29 18.41
C ILE O 156 22.58 55.80 18.54
N GLN O 157 23.62 56.44 18.01
CA GLN O 157 23.74 57.89 18.04
C GLN O 157 24.18 58.39 16.67
N LEU O 158 24.02 59.69 16.46
CA LEU O 158 24.46 60.35 15.22
C LEU O 158 25.90 60.03 14.88
N GLU P 3 43.24 -43.12 -7.38
CA GLU P 3 44.07 -42.09 -6.77
C GLU P 3 45.08 -41.56 -7.79
N GLN P 4 45.76 -42.48 -8.45
CA GLN P 4 46.71 -42.15 -9.51
C GLN P 4 46.13 -42.70 -10.82
N THR P 5 45.29 -41.90 -11.46
CA THR P 5 44.63 -42.27 -12.70
C THR P 5 44.83 -41.20 -13.76
N GLU P 6 46.02 -40.61 -13.80
CA GLU P 6 46.27 -39.47 -14.67
C GLU P 6 47.68 -39.56 -15.25
N ARG P 7 47.94 -38.68 -16.21
CA ARG P 7 49.21 -38.74 -16.94
C ARG P 7 50.40 -38.48 -16.01
N ALA P 8 50.29 -37.50 -15.12
CA ALA P 8 51.37 -37.18 -14.20
C ALA P 8 51.13 -37.87 -12.85
N TYR P 9 52.20 -37.95 -12.07
CA TYR P 9 52.09 -38.51 -10.73
C TYR P 9 51.38 -37.53 -9.82
N GLN P 10 50.33 -37.99 -9.15
CA GLN P 10 49.53 -37.15 -8.26
C GLN P 10 50.15 -37.21 -6.87
N LYS P 11 50.69 -36.09 -6.41
CA LYS P 11 51.30 -36.00 -5.09
C LYS P 11 50.81 -34.74 -4.40
N GLN P 12 50.83 -34.77 -3.07
CA GLN P 12 50.36 -33.64 -2.29
C GLN P 12 51.35 -32.48 -2.40
N VAL P 13 50.87 -31.28 -2.09
CA VAL P 13 51.74 -30.11 -2.09
C VAL P 13 52.77 -30.20 -0.98
N PHE P 14 52.37 -30.73 0.17
CA PHE P 14 53.25 -30.91 1.32
C PHE P 14 53.39 -32.40 1.56
N HIS P 15 54.36 -33.02 0.88
CA HIS P 15 54.59 -34.45 0.96
C HIS P 15 55.93 -34.72 1.64
N HIS P 16 55.93 -35.64 2.61
CA HIS P 16 57.13 -35.98 3.34
C HIS P 16 57.08 -37.46 3.70
N HIS P 17 58.23 -37.99 4.10
CA HIS P 17 58.32 -39.38 4.51
C HIS P 17 58.14 -39.48 6.03
N SER P 18 58.17 -40.71 6.53
CA SER P 18 58.00 -40.94 7.97
C SER P 18 59.16 -41.76 8.53
N VAL P 30 55.27 -42.38 2.13
CA VAL P 30 55.15 -40.97 2.48
C VAL P 30 53.96 -40.75 3.41
N LYS P 31 54.04 -39.68 4.21
CA LYS P 31 53.00 -39.39 5.16
C LYS P 31 51.76 -38.87 4.44
N ARG P 32 50.67 -38.74 5.21
CA ARG P 32 49.49 -38.00 4.78
C ARG P 32 49.47 -36.68 5.53
N TYR P 33 49.35 -35.58 4.79
CA TYR P 33 49.41 -34.25 5.37
C TYR P 33 48.02 -33.64 5.41
N HIS P 34 47.62 -33.14 6.58
CA HIS P 34 46.33 -32.47 6.72
C HIS P 34 46.45 -31.42 7.82
N LYS P 35 46.47 -30.15 7.41
CA LYS P 35 46.37 -29.05 8.35
C LYS P 35 44.91 -28.91 8.77
N GLN P 36 44.60 -27.88 9.54
CA GLN P 36 43.22 -27.56 9.86
C GLN P 36 42.95 -26.09 9.61
N ILE P 37 41.81 -25.80 9.00
CA ILE P 37 41.36 -24.45 8.73
C ILE P 37 40.99 -23.79 10.05
N GLY P 38 40.63 -22.52 10.01
CA GLY P 38 40.70 -21.67 11.18
C GLY P 38 39.48 -21.73 12.08
N MET P 39 38.56 -20.77 11.94
CA MET P 39 37.62 -20.43 13.00
C MET P 39 36.63 -21.56 13.22
N GLY P 40 37.10 -22.60 13.91
CA GLY P 40 36.25 -23.65 14.44
C GLY P 40 35.54 -24.54 13.44
N PHE P 41 36.22 -24.92 12.37
CA PHE P 41 35.68 -25.87 11.41
C PHE P 41 36.45 -27.18 11.56
N VAL P 42 35.78 -28.20 12.09
CA VAL P 42 36.44 -29.46 12.38
C VAL P 42 36.72 -30.19 11.09
N THR P 43 37.97 -30.63 10.92
CA THR P 43 38.36 -31.34 9.71
C THR P 43 37.61 -32.68 9.63
N PRO P 44 37.00 -33.00 8.50
CA PRO P 44 36.25 -34.25 8.40
C PRO P 44 37.15 -35.47 8.51
N ALA P 45 36.55 -36.58 8.95
CA ALA P 45 37.31 -37.81 9.11
C ALA P 45 37.79 -38.34 7.77
N GLU P 46 36.98 -38.22 6.73
CA GLU P 46 37.34 -38.77 5.42
C GLU P 46 38.60 -38.14 4.85
N ALA P 47 39.00 -36.97 5.34
CA ALA P 47 40.22 -36.32 4.90
C ALA P 47 41.44 -36.71 5.72
N ILE P 48 41.26 -37.46 6.81
CA ILE P 48 42.38 -37.87 7.64
C ILE P 48 42.88 -39.23 7.17
N LYS P 49 41.99 -40.22 7.21
CA LYS P 49 42.35 -41.56 6.75
C LYS P 49 42.24 -41.72 5.24
N GLY P 50 41.67 -40.74 4.54
CA GLY P 50 41.46 -40.88 3.12
C GLY P 50 42.77 -40.86 2.34
N THR P 51 42.74 -41.49 1.17
CA THR P 51 43.89 -41.57 0.29
C THR P 51 43.77 -40.68 -0.94
N TYR P 52 42.73 -39.85 -1.01
CA TYR P 52 42.56 -38.97 -2.15
C TYR P 52 43.67 -37.93 -2.19
N ILE P 53 43.91 -37.40 -3.38
CA ILE P 53 44.90 -36.35 -3.59
C ILE P 53 44.19 -35.16 -4.22
N ASP P 54 44.31 -34.00 -3.58
CA ASP P 54 43.65 -32.79 -4.06
C ASP P 54 44.50 -31.60 -3.66
N LYS P 55 44.94 -30.82 -4.65
CA LYS P 55 45.77 -29.65 -4.40
C LYS P 55 44.94 -28.43 -4.01
N LYS P 56 43.62 -28.52 -4.07
CA LYS P 56 42.74 -27.41 -3.76
C LYS P 56 41.87 -27.67 -2.54
N CYS P 57 42.01 -28.81 -1.89
CA CYS P 57 41.23 -29.10 -0.69
C CYS P 57 41.66 -28.17 0.43
N PRO P 58 40.72 -27.54 1.16
CA PRO P 58 41.13 -26.58 2.19
C PRO P 58 41.89 -27.20 3.34
N PHE P 59 41.79 -28.51 3.54
CA PHE P 59 42.41 -29.18 4.67
C PHE P 59 43.78 -29.75 4.35
N THR P 60 43.91 -30.41 3.20
CA THR P 60 45.11 -31.17 2.86
C THR P 60 45.90 -30.50 1.73
N SER P 61 45.97 -29.17 1.75
CA SER P 61 46.64 -28.46 0.67
C SER P 61 47.06 -27.09 1.19
N ASP P 62 47.37 -26.17 0.27
CA ASP P 62 47.91 -24.88 0.64
C ASP P 62 46.92 -23.82 0.17
N VAL P 63 45.65 -24.00 0.49
CA VAL P 63 44.62 -22.99 0.23
C VAL P 63 44.06 -22.54 1.57
N SER P 64 44.18 -21.26 1.87
CA SER P 64 43.72 -20.71 3.14
C SER P 64 42.22 -20.50 3.08
N ILE P 65 41.67 -19.84 4.09
CA ILE P 65 40.27 -19.44 4.11
C ILE P 65 40.25 -18.01 4.64
N ARG P 66 40.10 -17.05 3.73
CA ARG P 66 40.18 -15.65 4.08
C ARG P 66 38.79 -15.11 4.43
N GLY P 67 38.67 -13.78 4.48
CA GLY P 67 37.57 -13.09 5.13
C GLY P 67 36.15 -13.56 4.89
N ARG P 68 35.65 -13.38 3.67
CA ARG P 68 34.23 -13.58 3.40
C ARG P 68 33.84 -15.04 3.61
N THR P 69 32.69 -15.26 4.26
CA THR P 69 32.15 -16.59 4.47
C THR P 69 30.65 -16.55 4.24
N LEU P 70 30.15 -17.50 3.45
CA LEU P 70 28.74 -17.51 3.10
C LEU P 70 28.10 -18.87 3.31
N SER P 71 26.86 -19.03 2.86
CA SER P 71 26.15 -20.29 2.94
C SER P 71 25.10 -20.33 1.85
N GLY P 72 24.61 -21.52 1.56
CA GLY P 72 23.62 -21.65 0.51
C GLY P 72 23.18 -23.10 0.35
N ILE P 73 22.35 -23.33 -0.65
CA ILE P 73 21.81 -24.65 -0.95
C ILE P 73 22.53 -25.21 -2.16
N VAL P 74 23.02 -26.44 -2.05
CA VAL P 74 23.71 -27.07 -3.16
C VAL P 74 22.71 -27.46 -4.24
N LYS P 75 23.00 -27.08 -5.48
CA LYS P 75 22.05 -27.26 -6.58
C LYS P 75 22.58 -28.17 -7.66
N SER P 76 23.83 -27.97 -8.11
CA SER P 76 24.40 -28.74 -9.20
C SER P 76 25.68 -29.41 -8.73
N CYS P 77 25.77 -30.72 -8.96
CA CYS P 77 26.93 -31.53 -8.62
C CYS P 77 27.38 -32.34 -9.82
N HIS P 78 27.49 -31.67 -10.97
CA HIS P 78 27.82 -32.33 -12.22
C HIS P 78 29.24 -32.07 -12.70
N MET P 79 30.00 -31.23 -12.01
CA MET P 79 31.38 -30.94 -12.38
C MET P 79 32.33 -31.59 -11.39
N LYS P 80 33.55 -31.83 -11.86
CA LYS P 80 34.52 -32.61 -11.10
C LYS P 80 35.01 -31.83 -9.89
N ARG P 81 34.71 -32.34 -8.70
CA ARG P 81 35.15 -31.77 -7.43
C ARG P 81 34.69 -30.32 -7.25
N THR P 82 33.69 -29.90 -8.01
CA THR P 82 33.22 -28.52 -7.96
C THR P 82 31.70 -28.54 -8.08
N ILE P 83 31.03 -27.70 -7.29
CA ILE P 83 29.58 -27.67 -7.22
C ILE P 83 29.11 -26.23 -7.32
N ILE P 84 27.80 -26.07 -7.51
CA ILE P 84 27.16 -24.76 -7.63
C ILE P 84 26.27 -24.55 -6.41
N VAL P 85 26.43 -23.42 -5.75
CA VAL P 85 25.69 -23.09 -4.54
C VAL P 85 24.76 -21.91 -4.86
N ARG P 86 23.47 -22.10 -4.60
CA ARG P 86 22.48 -21.06 -4.86
C ARG P 86 22.10 -20.38 -3.55
N ARG P 87 22.32 -19.07 -3.49
CA ARG P 87 21.97 -18.28 -2.31
C ARG P 87 20.70 -17.50 -2.62
N ASP P 88 19.69 -17.68 -1.76
CA ASP P 88 18.43 -16.97 -1.89
C ASP P 88 18.36 -15.91 -0.80
N TYR P 89 18.03 -14.69 -1.18
CA TYR P 89 17.92 -13.59 -0.23
C TYR P 89 16.75 -12.71 -0.65
N PHE P 90 16.59 -11.59 0.04
CA PHE P 90 15.52 -10.64 -0.25
C PHE P 90 16.12 -9.26 -0.46
N HIS P 91 15.60 -8.54 -1.44
CA HIS P 91 16.06 -7.20 -1.76
C HIS P 91 14.95 -6.19 -1.46
N TYR P 92 15.32 -5.08 -0.84
CA TYR P 92 14.38 -4.09 -0.37
C TYR P 92 14.30 -2.93 -1.35
N VAL P 93 13.07 -2.54 -1.71
CA VAL P 93 12.81 -1.44 -2.64
C VAL P 93 12.25 -0.28 -1.85
N SER P 94 12.92 0.87 -1.91
CA SER P 94 12.59 1.98 -1.02
C SER P 94 11.21 2.55 -1.34
N LYS P 95 10.88 2.68 -2.62
CA LYS P 95 9.64 3.35 -3.00
C LYS P 95 8.41 2.60 -2.50
N TYR P 96 8.39 1.28 -2.64
CA TYR P 96 7.23 0.49 -2.28
C TYR P 96 7.30 -0.08 -0.87
N GLN P 97 8.44 0.06 -0.18
CA GLN P 97 8.60 -0.45 1.18
C GLN P 97 8.30 -1.94 1.25
N ARG P 98 8.72 -2.68 0.23
CA ARG P 98 8.47 -4.11 0.12
C ARG P 98 9.72 -4.81 -0.40
N TYR P 99 9.81 -6.09 -0.09
CA TYR P 99 10.94 -6.91 -0.48
C TYR P 99 10.63 -7.68 -1.76
N GLU P 100 11.67 -8.23 -2.36
CA GLU P 100 11.49 -9.09 -3.53
C GLU P 100 12.54 -10.18 -3.51
N LYS P 101 12.15 -11.38 -3.94
CA LYS P 101 13.05 -12.52 -3.92
C LYS P 101 14.14 -12.37 -4.97
N ARG P 102 15.34 -12.83 -4.63
CA ARG P 102 16.46 -12.81 -5.56
C ARG P 102 17.31 -14.05 -5.31
N HIS P 103 18.28 -14.27 -6.20
CA HIS P 103 19.19 -15.40 -6.06
C HIS P 103 20.46 -15.12 -6.84
N LYS P 104 21.57 -15.68 -6.36
CA LYS P 104 22.85 -15.59 -7.03
C LYS P 104 23.58 -16.91 -6.91
N ASN P 105 23.97 -17.49 -8.04
CA ASN P 105 24.68 -18.76 -8.04
C ASN P 105 26.18 -18.52 -7.88
N ILE P 106 26.82 -19.32 -7.03
CA ILE P 106 28.25 -19.23 -6.77
C ILE P 106 28.86 -20.59 -7.00
N ALA P 107 29.91 -20.66 -7.82
CA ALA P 107 30.59 -21.90 -8.12
C ALA P 107 31.70 -22.12 -7.09
N VAL P 108 31.60 -23.19 -6.33
CA VAL P 108 32.51 -23.44 -5.21
C VAL P 108 33.13 -24.81 -5.38
N HIS P 109 34.37 -24.94 -4.92
CA HIS P 109 35.08 -26.21 -4.99
C HIS P 109 34.67 -27.12 -3.84
N CYS P 110 34.53 -28.41 -4.13
CA CYS P 110 34.15 -29.41 -3.14
C CYS P 110 35.17 -30.53 -3.16
N SER P 111 35.99 -30.61 -2.11
CA SER P 111 37.00 -31.65 -2.02
C SER P 111 36.34 -33.01 -1.83
N PRO P 112 37.03 -34.09 -2.21
CA PRO P 112 36.48 -35.44 -1.98
C PRO P 112 36.35 -35.82 -0.53
N ALA P 113 36.67 -34.91 0.41
CA ALA P 113 36.49 -35.21 1.82
C ALA P 113 35.02 -35.34 2.20
N PHE P 114 34.11 -34.80 1.40
CA PHE P 114 32.67 -34.94 1.61
C PHE P 114 32.14 -35.86 0.52
N ARG P 115 32.19 -37.17 0.79
CA ARG P 115 31.72 -38.13 -0.20
C ARG P 115 30.20 -38.17 -0.26
N GLN P 116 29.52 -37.90 0.84
CA GLN P 116 28.07 -38.02 0.91
C GLN P 116 27.35 -36.74 0.51
N LEU P 117 28.08 -35.71 0.09
CA LEU P 117 27.45 -34.48 -0.37
C LEU P 117 26.61 -34.75 -1.61
N LYS P 118 25.41 -34.17 -1.65
CA LYS P 118 24.50 -34.38 -2.76
C LYS P 118 23.70 -33.11 -3.00
N GLU P 119 23.05 -33.05 -4.15
CA GLU P 119 22.27 -31.87 -4.53
C GLU P 119 21.13 -31.65 -3.55
N GLY P 120 20.97 -30.41 -3.09
CA GLY P 120 19.92 -30.05 -2.17
C GLY P 120 20.31 -29.98 -0.71
N ASP P 121 21.59 -30.05 -0.38
CA ASP P 121 22.04 -30.04 1.00
C ASP P 121 22.65 -28.68 1.33
N HIS P 122 22.28 -28.14 2.49
CA HIS P 122 22.81 -26.86 2.92
C HIS P 122 24.30 -26.97 3.21
N VAL P 123 25.06 -25.99 2.73
CA VAL P 123 26.52 -26.05 2.77
C VAL P 123 27.06 -24.69 3.17
N VAL P 124 28.06 -24.69 4.06
CA VAL P 124 28.76 -23.48 4.46
C VAL P 124 30.06 -23.39 3.68
N ILE P 125 30.25 -22.26 2.99
CA ILE P 125 31.41 -22.09 2.12
C ILE P 125 32.22 -20.90 2.62
N GLY P 126 33.50 -20.91 2.27
CA GLY P 126 34.41 -19.85 2.69
C GLY P 126 35.30 -19.43 1.54
N GLN P 127 35.77 -18.19 1.61
CA GLN P 127 36.57 -17.61 0.55
C GLN P 127 37.96 -18.21 0.53
N CYS P 128 38.55 -18.28 -0.67
CA CYS P 128 39.95 -18.62 -0.86
C CYS P 128 40.45 -17.89 -2.08
N ARG P 129 41.72 -18.12 -2.43
CA ARG P 129 42.29 -17.48 -3.60
C ARG P 129 41.63 -18.04 -4.87
N PRO P 130 41.58 -17.25 -5.95
CA PRO P 130 40.95 -17.73 -7.18
C PRO P 130 41.49 -19.05 -7.67
N LEU P 131 40.66 -20.08 -7.67
CA LEU P 131 41.07 -21.41 -8.09
C LEU P 131 40.71 -21.73 -9.54
N SER P 132 39.99 -20.84 -10.21
CA SER P 132 39.54 -21.07 -11.58
C SER P 132 39.04 -19.74 -12.13
N LYS P 133 38.39 -19.79 -13.30
CA LYS P 133 37.83 -18.58 -13.86
C LYS P 133 36.74 -17.99 -12.96
N THR P 134 35.90 -18.84 -12.40
CA THR P 134 34.82 -18.41 -11.54
C THR P 134 34.93 -18.92 -10.11
N VAL P 135 35.56 -20.07 -9.89
CA VAL P 135 35.61 -20.66 -8.57
C VAL P 135 36.50 -19.83 -7.67
N ARG P 136 35.91 -19.26 -6.61
CA ARG P 136 36.68 -18.52 -5.62
C ARG P 136 36.41 -18.95 -4.19
N PHE P 137 35.34 -19.69 -3.92
CA PHE P 137 35.01 -20.17 -2.60
C PHE P 137 35.31 -21.65 -2.49
N ASN P 138 35.35 -22.14 -1.25
CA ASN P 138 35.63 -23.54 -1.00
C ASN P 138 34.64 -24.05 0.03
N VAL P 139 34.16 -25.28 -0.17
CA VAL P 139 33.22 -25.88 0.76
C VAL P 139 33.91 -26.14 2.09
N LEU P 140 33.20 -25.87 3.19
CA LEU P 140 33.71 -26.12 4.53
C LEU P 140 32.98 -27.25 5.24
N LYS P 141 31.66 -27.17 5.33
CA LYS P 141 30.88 -28.21 5.99
C LYS P 141 29.54 -28.34 5.27
N PHE P 142 28.89 -29.49 5.46
CA PHE P 142 27.64 -29.75 4.77
C PHE P 142 26.66 -30.48 5.69
N THR P 143 25.39 -30.08 5.62
CA THR P 143 24.30 -30.73 6.34
C THR P 143 23.30 -31.26 5.32
N SER P 144 22.98 -32.54 5.43
CA SER P 144 22.14 -33.17 4.42
C SER P 144 20.67 -32.81 4.62
N ARG P 145 19.89 -33.06 3.57
CA ARG P 145 18.46 -32.74 3.56
C ARG P 145 17.73 -33.90 2.86
N GLY P 146 16.49 -33.65 2.48
CA GLY P 146 15.64 -34.68 1.92
C GLY P 146 16.07 -35.13 0.53
N THR P 147 15.36 -36.14 0.03
CA THR P 147 15.63 -36.76 -1.24
C THR P 147 14.60 -36.31 -2.28
N GLY P 148 15.03 -36.29 -3.54
CA GLY P 148 14.16 -35.84 -4.62
C GLY P 148 14.15 -36.77 -5.82
N ASP P 149 14.27 -38.07 -5.57
CA ASP P 149 14.23 -39.17 -6.53
C ASP P 149 15.52 -39.29 -7.34
N LYS P 150 16.46 -38.35 -7.22
CA LYS P 150 17.71 -38.39 -8.00
C LYS P 150 18.84 -37.98 -7.08
N LYS P 151 19.49 -38.98 -6.49
CA LYS P 151 20.61 -38.73 -5.57
C LYS P 151 21.86 -38.48 -6.41
N GLN P 152 22.13 -37.21 -6.69
CA GLN P 152 23.30 -36.81 -7.45
C GLN P 152 24.39 -36.39 -6.47
N PHE P 153 25.46 -37.19 -6.40
CA PHE P 153 26.56 -36.92 -5.50
C PHE P 153 27.70 -36.22 -6.25
N ALA P 154 28.64 -35.69 -5.49
CA ALA P 154 29.74 -34.91 -6.05
C ALA P 154 30.59 -35.75 -7.00
N GLY Q 2 -15.67 -22.37 -0.51
CA GLY Q 2 -16.53 -23.22 -1.31
C GLY Q 2 -15.81 -24.44 -1.84
N ARG Q 3 -16.44 -25.14 -2.79
CA ARG Q 3 -15.84 -26.34 -3.36
C ARG Q 3 -14.58 -25.98 -4.14
N MET Q 4 -13.79 -27.01 -4.43
CA MET Q 4 -12.52 -26.81 -5.10
C MET Q 4 -12.70 -26.28 -6.51
N TYR Q 5 -13.69 -26.78 -7.24
CA TYR Q 5 -13.87 -26.46 -8.65
C TYR Q 5 -15.19 -25.78 -8.96
N ASN Q 6 -16.30 -26.33 -8.48
CA ASN Q 6 -17.62 -25.74 -8.70
C ASN Q 6 -17.89 -24.66 -7.65
N PRO Q 7 -18.85 -23.77 -7.91
CA PRO Q 7 -19.11 -22.69 -6.96
C PRO Q 7 -20.03 -23.07 -5.81
N GLY Q 8 -20.23 -24.37 -5.56
CA GLY Q 8 -21.07 -24.78 -4.46
C GLY Q 8 -20.42 -24.48 -3.11
N ARG Q 9 -21.26 -24.29 -2.10
CA ARG Q 9 -20.80 -24.00 -0.74
C ARG Q 9 -21.59 -24.86 0.24
N GLY Q 10 -21.13 -26.09 0.47
CA GLY Q 10 -21.77 -26.98 1.42
C GLY Q 10 -20.98 -27.00 2.72
N ILE Q 11 -21.72 -26.90 3.82
CA ILE Q 11 -21.11 -26.79 5.15
C ILE Q 11 -21.39 -28.02 6.00
N SER Q 12 -21.96 -29.07 5.42
CA SER Q 12 -22.21 -30.29 6.19
C SER Q 12 -20.91 -30.84 6.72
N ARG Q 13 -20.89 -31.17 8.01
CA ARG Q 13 -19.67 -31.61 8.68
C ARG Q 13 -20.01 -32.55 9.81
N ARG Q 14 -19.13 -33.51 10.05
CA ARG Q 14 -19.21 -34.29 11.27
C ARG Q 14 -18.85 -33.41 12.46
N CYS Q 15 -19.46 -33.71 13.61
CA CYS Q 15 -19.33 -32.86 14.80
C CYS Q 15 -18.79 -33.70 15.95
N ILE Q 16 -17.47 -33.67 16.13
CA ILE Q 16 -16.84 -34.35 17.26
C ILE Q 16 -17.24 -33.63 18.55
N PRO Q 17 -17.69 -34.34 19.58
CA PRO Q 17 -18.14 -33.68 20.80
C PRO Q 17 -16.97 -33.12 21.61
N TYR Q 18 -17.32 -32.38 22.67
CA TYR Q 18 -16.34 -31.82 23.58
C TYR Q 18 -16.03 -32.83 24.69
N ARG Q 19 -15.45 -33.95 24.28
CA ARG Q 19 -15.04 -34.99 25.22
C ARG Q 19 -14.03 -35.89 24.51
N ARG Q 20 -12.86 -36.07 25.13
CA ARG Q 20 -11.82 -36.92 24.59
C ARG Q 20 -11.69 -38.22 25.38
N SER Q 21 -12.82 -38.75 25.83
CA SER Q 21 -12.81 -39.96 26.64
C SER Q 21 -13.87 -40.96 26.18
N GLU Q 86 -4.95 -43.45 0.61
CA GLU Q 86 -6.24 -44.10 0.43
C GLU Q 86 -7.19 -43.24 -0.37
N ASP Q 87 -7.32 -41.98 0.04
CA ASP Q 87 -8.16 -41.05 -0.72
C ASP Q 87 -7.64 -40.88 -2.13
N LEU Q 88 -6.31 -40.84 -2.29
CA LEU Q 88 -5.72 -40.84 -3.62
C LEU Q 88 -6.07 -42.12 -4.37
N TYR Q 89 -6.07 -43.26 -3.67
CA TYR Q 89 -6.46 -44.51 -4.31
C TYR Q 89 -7.92 -44.47 -4.75
N PHE Q 90 -8.80 -43.93 -3.90
CA PHE Q 90 -10.20 -43.82 -4.27
C PHE Q 90 -10.42 -42.83 -5.41
N LEU Q 91 -9.47 -41.94 -5.65
CA LEU Q 91 -9.54 -41.00 -6.74
C LEU Q 91 -8.94 -41.55 -8.03
N MET Q 92 -8.85 -42.87 -8.15
CA MET Q 92 -8.34 -43.50 -9.36
C MET Q 92 -9.22 -44.68 -9.77
N ARG Q 94 -12.09 -43.80 -10.03
CA ARG Q 94 -12.88 -42.72 -10.59
C ARG Q 94 -12.32 -42.26 -11.93
N ALA Q 95 -11.04 -41.93 -11.95
CA ALA Q 95 -10.38 -41.59 -13.22
C ALA Q 95 -10.37 -42.80 -14.14
N VAL Q 96 -10.15 -43.99 -13.59
CA VAL Q 96 -10.20 -45.20 -14.40
C VAL Q 96 -11.61 -45.43 -14.94
N SER Q 97 -12.62 -45.23 -14.09
CA SER Q 97 -13.99 -45.52 -14.48
C SER Q 97 -14.44 -44.67 -15.66
N VAL Q 98 -14.15 -43.36 -15.60
CA VAL Q 98 -14.53 -42.48 -16.71
C VAL Q 98 -13.76 -42.86 -17.97
N ARG Q 99 -12.45 -43.08 -17.83
CA ARG Q 99 -11.61 -43.45 -18.97
C ARG Q 99 -11.85 -44.88 -19.40
N HIS Q 101 -15.01 -45.90 -19.88
CA HIS Q 101 -16.29 -45.40 -20.37
C HIS Q 101 -16.12 -44.44 -21.54
N LEU Q 102 -15.07 -43.63 -21.48
CA LEU Q 102 -14.83 -42.66 -22.54
C LEU Q 102 -14.46 -43.31 -23.86
N GLU Q 103 -13.99 -44.55 -23.85
CA GLU Q 103 -13.58 -45.20 -25.09
C GLU Q 103 -14.76 -45.45 -26.01
N LYS Q 104 -15.96 -45.63 -25.46
CA LYS Q 104 -17.16 -45.85 -26.25
C LYS Q 104 -17.97 -44.59 -26.48
N ASN Q 105 -18.03 -43.70 -25.48
CA ASN Q 105 -18.76 -42.44 -25.61
C ASN Q 105 -17.77 -41.33 -25.96
N LYS Q 106 -17.21 -41.43 -27.17
CA LYS Q 106 -16.17 -40.50 -27.59
C LYS Q 106 -16.68 -39.07 -27.68
N LYS Q 107 -17.98 -38.89 -27.92
CA LYS Q 107 -18.54 -37.56 -28.10
C LYS Q 107 -18.96 -36.91 -26.79
N ASP Q 108 -18.78 -37.60 -25.66
CA ASP Q 108 -19.21 -37.07 -24.37
C ASP Q 108 -18.26 -35.97 -23.91
N LYS Q 109 -18.51 -34.74 -24.34
CA LYS Q 109 -17.65 -33.62 -23.97
C LYS Q 109 -17.77 -33.23 -22.51
N ASP Q 110 -18.75 -33.78 -21.78
CA ASP Q 110 -18.84 -33.52 -20.35
C ASP Q 110 -17.86 -34.38 -19.58
N ALA Q 111 -17.98 -35.70 -19.71
CA ALA Q 111 -17.06 -36.62 -19.03
C ALA Q 111 -15.62 -36.42 -19.47
N LYS Q 112 -15.40 -35.86 -20.66
CA LYS Q 112 -14.06 -35.49 -21.07
C LYS Q 112 -13.57 -34.23 -20.37
N TYR Q 113 -14.45 -33.49 -19.72
CA TYR Q 113 -14.07 -32.35 -18.89
C TYR Q 113 -13.98 -32.70 -17.42
N HIS Q 114 -14.94 -33.48 -16.91
CA HIS Q 114 -14.87 -33.92 -15.52
C HIS Q 114 -13.72 -34.88 -15.28
N LEU Q 115 -13.14 -35.46 -16.35
CA LEU Q 115 -11.93 -36.25 -16.19
C LEU Q 115 -10.73 -35.35 -15.94
N ILE Q 116 -10.66 -34.22 -16.64
CA ILE Q 116 -9.57 -33.28 -16.42
C ILE Q 116 -9.60 -32.75 -15.00
N LEU Q 117 -10.79 -32.49 -14.48
CA LEU Q 117 -10.91 -32.05 -13.09
C LEU Q 117 -10.42 -33.14 -12.13
N ILE Q 118 -10.77 -34.40 -12.39
CA ILE Q 118 -10.31 -35.48 -11.54
C ILE Q 118 -8.80 -35.62 -11.63
N GLU Q 119 -8.25 -35.54 -12.84
CA GLU Q 119 -6.81 -35.70 -13.01
C GLU Q 119 -6.04 -34.54 -12.40
N SER Q 120 -6.58 -33.33 -12.44
CA SER Q 120 -5.93 -32.20 -11.79
C SER Q 120 -5.95 -32.34 -10.27
N LYS Q 121 -6.96 -33.04 -9.73
CA LYS Q 121 -6.95 -33.35 -8.30
C LYS Q 121 -5.85 -34.34 -7.96
N ILE Q 122 -5.66 -35.36 -8.80
CA ILE Q 122 -4.64 -36.37 -8.52
C ILE Q 122 -3.25 -35.74 -8.52
N HIS Q 123 -2.99 -34.83 -9.47
CA HIS Q 123 -1.70 -34.17 -9.53
C HIS Q 123 -1.47 -33.24 -8.34
N ARG Q 124 -2.50 -32.97 -7.55
CA ARG Q 124 -2.33 -32.18 -6.33
C ARG Q 124 -2.13 -33.05 -5.10
N LEU Q 125 -2.75 -34.23 -5.05
CA LEU Q 125 -2.53 -35.14 -3.94
C LEU Q 125 -1.18 -35.83 -4.06
N THR Q 126 -0.76 -36.15 -5.29
CA THR Q 126 0.59 -36.66 -5.50
C THR Q 126 1.62 -35.60 -5.16
N ARG Q 127 1.39 -34.36 -5.58
CA ARG Q 127 2.31 -33.28 -5.28
C ARG Q 127 2.46 -33.07 -3.78
N TYR Q 128 1.48 -33.47 -2.98
CA TYR Q 128 1.55 -33.30 -1.53
C TYR Q 128 2.10 -34.54 -0.84
N TYR Q 129 1.69 -35.73 -1.25
CA TYR Q 129 2.20 -36.95 -0.64
C TYR Q 129 3.69 -37.15 -0.90
N LYS Q 130 4.22 -36.53 -1.96
CA LYS Q 130 5.66 -36.58 -2.17
C LYS Q 130 6.39 -35.64 -1.20
N SER Q 131 5.85 -34.44 -0.99
CA SER Q 131 6.44 -33.52 -0.04
C SER Q 131 6.39 -34.07 1.37
N ALA Q 132 5.25 -34.65 1.76
CA ALA Q 132 5.13 -35.30 3.05
C ALA Q 132 5.96 -36.56 3.17
N LYS Q 133 6.67 -36.95 2.11
CA LYS Q 133 7.51 -38.14 2.10
C LYS Q 133 6.71 -39.40 2.44
N VAL Q 134 5.49 -39.47 1.92
CA VAL Q 134 4.66 -40.66 2.09
C VAL Q 134 4.83 -41.56 0.89
N LEU Q 135 4.46 -41.07 -0.28
CA LEU Q 135 4.68 -41.82 -1.52
C LEU Q 135 6.16 -41.84 -1.86
N GLU Q 136 6.58 -42.90 -2.53
CA GLU Q 136 7.95 -42.97 -3.01
C GLU Q 136 8.18 -41.88 -4.04
N ALA Q 137 9.43 -41.42 -4.12
CA ALA Q 137 9.75 -40.27 -4.95
C ALA Q 137 9.63 -40.54 -6.44
N SER Q 138 9.47 -41.80 -6.84
CA SER Q 138 9.31 -42.15 -8.25
C SER Q 138 7.86 -42.28 -8.69
N PHE Q 139 6.91 -41.97 -7.81
CA PHE Q 139 5.51 -42.18 -8.13
C PHE Q 139 5.05 -41.24 -9.23
N LYS Q 140 4.15 -41.74 -10.07
CA LYS Q 140 3.56 -40.95 -11.15
C LYS Q 140 2.33 -41.69 -11.64
N TYR Q 141 1.21 -40.98 -11.70
CA TYR Q 141 -0.05 -41.58 -12.12
C TYR Q 141 -0.15 -41.57 -13.63
N ASP Q 142 -0.54 -42.71 -14.21
CA ASP Q 142 -0.68 -42.83 -15.65
C ASP Q 142 -1.62 -43.99 -15.95
N ALA Q 143 -2.10 -44.03 -17.19
CA ALA Q 143 -2.98 -45.12 -17.62
C ALA Q 143 -2.20 -46.42 -17.75
N GLU R 13 -90.70 -32.21 -58.31
CA GLU R 13 -90.94 -33.38 -57.48
C GLU R 13 -89.68 -33.80 -56.75
N VAL R 14 -89.60 -35.09 -56.38
CA VAL R 14 -88.44 -35.59 -55.66
C VAL R 14 -87.26 -35.69 -56.64
N ILE R 15 -86.19 -34.96 -56.32
CA ILE R 15 -85.00 -34.99 -57.18
C ILE R 15 -84.35 -36.36 -57.08
N PRO R 16 -83.89 -36.95 -58.19
CA PRO R 16 -83.13 -38.19 -58.10
C PRO R 16 -81.88 -37.99 -57.27
N GLY R 17 -81.57 -38.98 -56.44
CA GLY R 17 -80.44 -38.89 -55.54
C GLY R 17 -80.72 -38.16 -54.25
N SER R 18 -81.95 -37.73 -54.01
CA SER R 18 -82.34 -37.10 -52.76
C SER R 18 -82.99 -38.11 -51.84
N THR R 19 -83.07 -37.76 -50.56
CA THR R 19 -83.62 -38.64 -49.53
C THR R 19 -84.51 -37.81 -48.61
N LYS R 20 -84.93 -38.43 -47.52
CA LYS R 20 -85.67 -37.73 -46.48
C LYS R 20 -84.67 -36.98 -45.60
N ASP R 21 -85.10 -36.51 -44.44
CA ASP R 21 -84.20 -35.75 -43.57
C ASP R 21 -82.99 -36.60 -43.21
N ALA R 22 -81.84 -35.94 -43.09
CA ALA R 22 -80.58 -36.64 -42.89
C ALA R 22 -79.59 -35.67 -42.25
N PHE R 23 -78.46 -36.21 -41.85
CA PHE R 23 -77.44 -35.46 -41.14
C PHE R 23 -76.21 -35.29 -42.02
N GLY R 24 -75.79 -34.04 -42.21
CA GLY R 24 -74.56 -33.72 -42.88
C GLY R 24 -73.56 -33.10 -41.93
N VAL R 25 -72.36 -32.84 -42.46
CA VAL R 25 -71.29 -32.22 -41.71
C VAL R 25 -70.83 -30.99 -42.48
N ALA R 26 -70.87 -29.83 -41.83
CA ALA R 26 -70.55 -28.56 -42.46
C ALA R 26 -69.17 -28.11 -41.99
N HIS R 27 -68.19 -28.16 -42.88
CA HIS R 27 -66.86 -27.68 -42.58
C HIS R 27 -66.75 -26.22 -43.04
N ILE R 28 -66.57 -25.31 -42.09
CA ILE R 28 -66.47 -23.89 -42.37
C ILE R 28 -65.02 -23.48 -42.16
N TYR R 29 -64.36 -23.05 -43.23
CA TYR R 29 -62.96 -22.67 -43.20
C TYR R 29 -62.88 -21.18 -43.51
N ALA R 30 -62.70 -20.36 -42.48
CA ALA R 30 -62.73 -18.92 -42.62
C ALA R 30 -61.34 -18.37 -42.28
N THR R 31 -60.60 -17.98 -43.30
CA THR R 31 -59.38 -17.21 -43.11
C THR R 31 -59.73 -15.73 -43.18
N PHE R 32 -58.71 -14.88 -43.22
CA PHE R 32 -58.93 -13.46 -43.42
C PHE R 32 -58.89 -13.06 -44.87
N ASN R 33 -58.77 -14.04 -45.79
CA ASN R 33 -58.77 -13.78 -47.21
C ASN R 33 -59.90 -14.48 -47.95
N ASP R 34 -60.59 -15.42 -47.33
CA ASP R 34 -61.69 -16.14 -47.97
C ASP R 34 -62.45 -16.91 -46.89
N THR R 35 -63.50 -17.61 -47.32
CA THR R 35 -64.32 -18.42 -46.42
C THR R 35 -64.98 -19.53 -47.23
N PHE R 36 -64.89 -20.76 -46.72
CA PHE R 36 -65.43 -21.93 -47.40
C PHE R 36 -66.59 -22.51 -46.59
N VAL R 37 -67.72 -22.72 -47.24
CA VAL R 37 -68.86 -23.39 -46.65
C VAL R 37 -69.01 -24.72 -47.38
N HIS R 38 -68.46 -25.78 -46.80
CA HIS R 38 -68.38 -27.09 -47.45
C HIS R 38 -69.13 -28.09 -46.60
N VAL R 39 -70.15 -28.71 -47.18
CA VAL R 39 -70.95 -29.72 -46.49
C VAL R 39 -70.74 -31.06 -47.18
N THR R 40 -70.50 -32.10 -46.39
CA THR R 40 -70.40 -33.46 -46.88
C THR R 40 -71.40 -34.33 -46.13
N ASP R 41 -71.32 -35.64 -46.35
CA ASP R 41 -72.15 -36.59 -45.64
C ASP R 41 -71.50 -36.92 -44.31
N ILE R 42 -72.00 -37.94 -43.63
CA ILE R 42 -71.44 -38.32 -42.34
C ILE R 42 -70.04 -38.92 -42.50
N SER R 43 -69.76 -39.55 -43.64
CA SER R 43 -68.45 -40.16 -43.85
C SER R 43 -67.38 -39.11 -44.12
N GLY R 44 -67.71 -38.11 -44.93
CA GLY R 44 -66.76 -37.09 -45.30
C GLY R 44 -66.09 -37.28 -46.65
N LYS R 45 -66.50 -38.27 -47.44
CA LYS R 45 -65.91 -38.51 -48.74
C LYS R 45 -66.74 -37.97 -49.89
N GLU R 46 -68.07 -37.89 -49.74
CA GLU R 46 -68.94 -37.34 -50.76
C GLU R 46 -69.45 -35.99 -50.29
N THR R 47 -69.37 -34.99 -51.17
CA THR R 47 -69.75 -33.62 -50.84
C THR R 47 -71.08 -33.28 -51.48
N ILE R 48 -71.94 -32.61 -50.71
CA ILE R 48 -73.24 -32.19 -51.21
C ILE R 48 -73.12 -30.92 -52.04
N ILE R 49 -72.65 -29.84 -51.41
CA ILE R 49 -72.43 -28.58 -52.10
C ILE R 49 -71.29 -27.85 -51.40
N ARG R 50 -70.41 -27.24 -52.19
CA ARG R 50 -69.29 -26.47 -51.67
C ARG R 50 -69.29 -25.11 -52.33
N ILE R 51 -69.54 -24.07 -51.55
CA ILE R 51 -69.59 -22.69 -52.03
C ILE R 51 -68.65 -21.86 -51.17
N THR R 52 -67.74 -21.14 -51.82
CA THR R 52 -66.83 -20.26 -51.11
C THR R 52 -67.40 -18.85 -51.09
N GLY R 53 -66.70 -17.96 -50.38
CA GLY R 53 -67.07 -16.56 -50.39
C GLY R 53 -66.70 -15.85 -51.67
N GLY R 54 -65.73 -16.39 -52.42
CA GLY R 54 -65.28 -15.73 -53.63
C GLY R 54 -66.25 -15.83 -54.77
N MET R 55 -66.98 -16.94 -54.87
CA MET R 55 -67.93 -17.10 -55.95
C MET R 55 -69.17 -16.25 -55.77
N ARG R 56 -69.21 -15.34 -54.80
CA ARG R 56 -70.40 -14.55 -54.54
C ARG R 56 -70.18 -13.05 -54.66
N VAL R 57 -68.95 -12.60 -54.91
CA VAL R 57 -68.64 -11.18 -55.04
C VAL R 57 -67.67 -10.98 -56.19
N LYS R 58 -67.45 -9.71 -56.54
CA LYS R 58 -66.55 -9.33 -57.62
C LYS R 58 -65.21 -8.82 -57.10
N ALA R 59 -65.22 -7.89 -56.16
CA ALA R 59 -63.97 -7.34 -55.63
C ALA R 59 -63.24 -8.40 -54.81
N ASP R 60 -61.92 -8.42 -54.93
CA ASP R 60 -61.12 -9.43 -54.23
C ASP R 60 -60.99 -9.15 -52.75
N ARG R 61 -61.27 -7.92 -52.31
CA ARG R 61 -61.26 -7.60 -50.89
C ARG R 61 -62.52 -8.05 -50.16
N ASP R 62 -63.57 -8.43 -50.90
CA ASP R 62 -64.81 -8.90 -50.31
C ASP R 62 -64.94 -10.41 -50.35
N GLU R 63 -63.87 -11.13 -50.66
CA GLU R 63 -63.91 -12.59 -50.67
C GLU R 63 -64.06 -13.17 -49.27
N SER R 64 -63.91 -12.36 -48.23
CA SER R 64 -64.05 -12.84 -46.87
C SER R 64 -65.06 -12.07 -46.04
N SER R 65 -65.71 -11.06 -46.61
CA SER R 65 -66.58 -10.20 -45.84
C SER R 65 -67.79 -10.97 -45.32
N PRO R 66 -68.40 -10.51 -44.22
CA PRO R 66 -69.57 -11.23 -43.69
C PRO R 66 -70.71 -11.38 -44.69
N TYR R 67 -70.93 -10.37 -45.54
CA TYR R 67 -72.01 -10.47 -46.51
C TYR R 67 -71.75 -11.58 -47.51
N ALA R 68 -70.53 -11.67 -48.04
CA ALA R 68 -70.20 -12.75 -48.94
C ALA R 68 -70.30 -14.10 -48.24
N ALA R 69 -69.79 -14.18 -47.02
CA ALA R 69 -69.87 -15.43 -46.28
C ALA R 69 -71.30 -15.82 -45.97
N MET R 70 -72.13 -14.84 -45.61
CA MET R 70 -73.53 -15.15 -45.29
C MET R 70 -74.31 -15.50 -46.54
N THR R 71 -74.05 -14.81 -47.66
CA THR R 71 -74.77 -15.12 -48.89
C THR R 71 -74.46 -16.52 -49.38
N ALA R 72 -73.19 -16.93 -49.31
CA ALA R 72 -72.83 -18.28 -49.69
C ALA R 72 -73.43 -19.31 -48.74
N ALA R 73 -73.70 -18.93 -47.51
CA ALA R 73 -74.31 -19.83 -46.55
C ALA R 73 -75.80 -20.00 -46.77
N GLN R 74 -76.41 -19.20 -47.64
CA GLN R 74 -77.83 -19.35 -47.94
C GLN R 74 -78.08 -20.35 -49.06
N ASP R 75 -77.26 -20.32 -50.11
CA ASP R 75 -77.44 -21.29 -51.19
C ASP R 75 -77.12 -22.71 -50.71
N VAL R 76 -76.17 -22.84 -49.80
CA VAL R 76 -75.87 -24.16 -49.23
C VAL R 76 -77.10 -24.72 -48.55
N ALA R 77 -77.81 -23.90 -47.79
CA ALA R 77 -79.04 -24.35 -47.16
C ALA R 77 -80.10 -24.72 -48.20
N LYS R 78 -80.22 -23.92 -49.25
CA LYS R 78 -81.23 -24.19 -50.28
C LYS R 78 -80.96 -25.53 -50.96
N ARG R 79 -79.70 -25.77 -51.33
CA ARG R 79 -79.36 -27.03 -51.97
C ARG R 79 -79.56 -28.21 -51.01
N CYS R 80 -79.19 -28.04 -49.75
CA CYS R 80 -79.31 -29.14 -48.79
C CYS R 80 -80.77 -29.51 -48.57
N LYS R 81 -81.65 -28.51 -48.49
CA LYS R 81 -83.07 -28.80 -48.28
C LYS R 81 -83.65 -29.55 -49.47
N ASP R 82 -83.23 -29.19 -50.69
CA ASP R 82 -83.70 -29.90 -51.87
C ASP R 82 -83.23 -31.36 -51.86
N LEU R 83 -82.00 -31.59 -51.42
CA LEU R 83 -81.40 -32.92 -51.47
C LEU R 83 -81.70 -33.75 -50.24
N GLY R 84 -82.53 -33.24 -49.33
CA GLY R 84 -82.98 -34.00 -48.19
C GLY R 84 -82.24 -33.73 -46.90
N VAL R 85 -81.04 -33.16 -46.97
CA VAL R 85 -80.29 -32.85 -45.75
C VAL R 85 -81.00 -31.72 -45.02
N THR R 86 -81.25 -31.91 -43.72
CA THR R 86 -81.92 -30.92 -42.91
C THR R 86 -81.13 -30.49 -41.68
N SER R 87 -80.12 -31.25 -41.26
CA SER R 87 -79.34 -30.91 -40.08
C SER R 87 -77.87 -31.17 -40.37
N LEU R 88 -77.01 -30.27 -39.86
CA LEU R 88 -75.58 -30.31 -40.12
C LEU R 88 -74.78 -30.31 -38.83
N HIS R 89 -73.71 -31.10 -38.80
CA HIS R 89 -72.71 -31.02 -37.76
C HIS R 89 -71.66 -30.00 -38.17
N ILE R 90 -71.56 -28.91 -37.43
CA ILE R 90 -70.61 -27.86 -37.78
C ILE R 90 -69.23 -28.24 -37.29
N LYS R 91 -68.22 -27.96 -38.11
CA LYS R 91 -66.82 -28.22 -37.77
C LYS R 91 -66.02 -26.99 -38.17
N MET R 92 -65.92 -26.02 -37.25
CA MET R 92 -65.31 -24.74 -37.54
C MET R 92 -63.78 -24.87 -37.56
N ARG R 93 -63.15 -24.04 -38.38
CA ARG R 93 -61.71 -24.12 -38.55
C ARG R 93 -61.19 -22.85 -39.22
N GLY R 94 -60.03 -22.38 -38.77
CA GLY R 94 -59.32 -21.31 -39.42
C GLY R 94 -57.95 -21.77 -39.88
N GLU R 95 -57.24 -20.84 -40.53
CA GLU R 95 -55.92 -21.16 -41.07
C GLU R 95 -54.91 -21.29 -39.95
N GLY R 96 -55.05 -22.33 -39.12
CA GLY R 96 -54.26 -22.39 -37.91
C GLY R 96 -53.11 -23.37 -37.94
N GLY R 97 -52.56 -23.63 -39.12
CA GLY R 97 -51.43 -24.55 -39.22
C GLY R 97 -50.26 -24.13 -38.36
N VAL R 98 -49.62 -23.03 -38.73
CA VAL R 98 -48.60 -22.40 -37.89
C VAL R 98 -48.97 -20.94 -37.78
N TYR R 99 -49.89 -20.50 -38.63
CA TYR R 99 -50.33 -19.12 -38.67
C TYR R 99 -51.48 -18.93 -37.68
N SER R 100 -52.18 -17.81 -37.79
CA SER R 100 -53.19 -17.45 -36.81
C SER R 100 -54.27 -18.53 -36.73
N LYS R 101 -54.51 -19.04 -35.52
CA LYS R 101 -55.56 -20.00 -35.27
C LYS R 101 -56.90 -19.34 -35.01
N THR R 102 -57.07 -18.09 -35.45
CA THR R 102 -58.31 -17.37 -35.26
C THR R 102 -59.13 -17.43 -36.53
N PRO R 103 -60.30 -18.07 -36.54
CA PRO R 103 -61.14 -18.05 -37.74
C PRO R 103 -61.56 -16.62 -38.08
N GLY R 104 -61.68 -16.38 -39.39
CA GLY R 104 -61.85 -15.04 -39.88
C GLY R 104 -63.24 -14.49 -39.60
N PRO R 105 -63.50 -13.29 -40.12
CA PRO R 105 -64.76 -12.61 -39.81
C PRO R 105 -65.99 -13.36 -40.30
N GLY R 106 -65.88 -14.10 -41.39
CA GLY R 106 -67.01 -14.83 -41.92
C GLY R 106 -67.29 -16.16 -41.26
N ALA R 107 -66.50 -16.52 -40.23
CA ALA R 107 -66.72 -17.79 -39.56
C ALA R 107 -68.09 -17.84 -38.89
N GLN R 108 -68.41 -16.82 -38.08
CA GLN R 108 -69.69 -16.79 -37.40
C GLN R 108 -70.83 -16.42 -38.35
N ALA R 109 -70.55 -15.55 -39.32
CA ALA R 109 -71.61 -15.09 -40.21
C ALA R 109 -72.23 -16.23 -40.99
N ALA R 110 -71.40 -17.14 -41.50
CA ALA R 110 -71.94 -18.29 -42.21
C ALA R 110 -72.63 -19.27 -41.26
N LEU R 111 -72.10 -19.42 -40.06
CA LEU R 111 -72.68 -20.36 -39.10
C LEU R 111 -74.08 -19.92 -38.68
N ARG R 112 -74.25 -18.64 -38.38
CA ARG R 112 -75.57 -18.13 -38.03
C ARG R 112 -76.53 -18.23 -39.19
N ALA R 113 -76.06 -17.89 -40.40
CA ALA R 113 -76.92 -17.91 -41.58
C ALA R 113 -77.43 -19.32 -41.89
N LEU R 114 -76.67 -20.34 -41.51
CA LEU R 114 -77.16 -21.71 -41.67
C LEU R 114 -78.31 -21.98 -40.72
N ALA R 115 -78.14 -21.63 -39.44
CA ALA R 115 -79.22 -21.84 -38.47
C ALA R 115 -80.38 -20.88 -38.68
N ARG R 116 -80.13 -19.73 -39.31
CA ARG R 116 -81.22 -18.80 -39.60
C ARG R 116 -82.13 -19.30 -40.70
N ALA R 117 -81.76 -20.38 -41.39
CA ALA R 117 -82.57 -20.96 -42.45
C ALA R 117 -83.28 -22.24 -42.00
N ASN R 118 -83.69 -22.29 -40.74
CA ASN R 118 -84.45 -23.42 -40.20
C ASN R 118 -83.70 -24.74 -40.37
N MET R 119 -82.38 -24.70 -40.27
CA MET R 119 -81.54 -25.87 -40.49
C MET R 119 -80.96 -26.29 -39.14
N LYS R 120 -81.42 -27.43 -38.64
CA LYS R 120 -81.02 -27.89 -37.31
C LYS R 120 -79.51 -28.06 -37.24
N ILE R 121 -78.92 -27.56 -36.15
CA ILE R 121 -77.48 -27.56 -35.98
C ILE R 121 -77.12 -28.58 -34.92
N GLY R 122 -76.40 -29.63 -35.33
CA GLY R 122 -75.97 -30.65 -34.41
C GLY R 122 -74.78 -30.22 -33.59
N ARG R 123 -73.85 -31.14 -33.35
CA ARG R 123 -72.66 -30.81 -32.56
C ARG R 123 -71.81 -29.78 -33.29
N ILE R 124 -71.21 -28.87 -32.52
CA ILE R 124 -70.29 -27.89 -33.05
C ILE R 124 -68.90 -28.19 -32.48
N GLU R 125 -67.87 -27.83 -33.23
CA GLU R 125 -66.52 -28.25 -32.88
C GLU R 125 -65.52 -27.39 -33.62
N ASP R 126 -64.41 -27.09 -32.95
CA ASP R 126 -63.30 -26.35 -33.55
C ASP R 126 -62.21 -27.35 -33.90
N VAL R 127 -61.96 -27.52 -35.20
CA VAL R 127 -60.98 -28.49 -35.67
C VAL R 127 -59.83 -27.76 -36.35
N THR R 128 -59.52 -26.56 -35.89
CA THR R 128 -58.36 -25.86 -36.38
C THR R 128 -57.11 -26.67 -36.06
N PRO R 129 -56.25 -26.95 -37.03
CA PRO R 129 -55.15 -27.88 -36.79
C PRO R 129 -54.06 -27.30 -35.91
N ILE R 130 -54.01 -27.76 -34.66
CA ILE R 130 -53.04 -27.28 -33.69
C ILE R 130 -51.77 -28.12 -33.83
N PRO R 131 -50.64 -27.54 -34.22
CA PRO R 131 -49.44 -28.35 -34.41
C PRO R 131 -48.86 -28.80 -33.08
N THR R 132 -48.52 -30.08 -32.99
CA THR R 132 -47.78 -30.54 -31.83
C THR R 132 -46.37 -29.94 -31.82
N ASP R 133 -45.57 -30.24 -32.84
CA ASP R 133 -44.27 -29.64 -33.01
C ASP R 133 -44.08 -29.39 -34.50
N CYS R 134 -44.01 -28.13 -34.89
CA CYS R 134 -44.21 -27.74 -36.27
C CYS R 134 -42.88 -27.46 -36.97
N THR R 135 -42.98 -26.97 -38.21
CA THR R 135 -41.84 -26.54 -38.98
C THR R 135 -41.59 -25.05 -38.76
N LYS R 136 -40.76 -24.44 -39.58
CA LYS R 136 -40.52 -23.02 -39.48
C LYS R 136 -41.72 -22.23 -40.00
N ARG R 137 -41.85 -21.00 -39.53
CA ARG R 137 -42.90 -20.09 -39.96
C ARG R 137 -42.35 -19.05 -40.92
N LYS R 138 -43.19 -18.62 -41.87
CA LYS R 138 -42.77 -17.67 -42.88
C LYS R 138 -42.63 -16.28 -42.28
N GLY R 139 -41.51 -15.61 -42.59
CA GLY R 139 -41.34 -14.24 -42.16
C GLY R 139 -39.93 -13.90 -41.71
N GLY R 140 -39.22 -14.85 -41.14
CA GLY R 140 -37.87 -14.60 -40.69
C GLY R 140 -37.80 -14.25 -39.22
N ARG R 141 -36.58 -13.89 -38.81
CA ARG R 141 -36.35 -13.52 -37.42
C ARG R 141 -37.15 -12.29 -37.03
N ARG R 142 -37.20 -11.30 -37.91
CA ARG R 142 -37.76 -9.99 -37.59
C ARG R 142 -39.21 -9.85 -38.03
N GLY R 143 -39.90 -10.96 -38.25
CA GLY R 143 -41.32 -10.90 -38.52
C GLY R 143 -41.66 -10.23 -39.84
N ARG R 144 -42.90 -9.78 -39.92
CA ARG R 144 -43.42 -9.08 -41.10
C ARG R 144 -43.52 -7.61 -40.75
N ARG R 145 -42.53 -6.83 -41.17
CA ARG R 145 -42.49 -5.40 -40.89
C ARG R 145 -43.43 -4.64 -41.82
N VAL S 2 -9.62 -17.12 1.13
CA VAL S 2 -9.82 -17.76 2.42
C VAL S 2 -9.43 -16.79 3.54
N ARG S 3 -9.49 -17.26 4.79
CA ARG S 3 -9.15 -16.42 5.93
C ARG S 3 -7.63 -16.27 5.99
N VAL S 4 -7.12 -15.28 5.26
CA VAL S 4 -5.69 -14.99 5.29
C VAL S 4 -5.29 -14.41 6.64
N ASN S 5 -6.07 -13.45 7.13
CA ASN S 5 -5.75 -12.72 8.35
C ASN S 5 -6.91 -12.81 9.31
N VAL S 6 -6.73 -13.56 10.40
CA VAL S 6 -7.78 -13.66 11.41
C VAL S 6 -7.96 -12.34 12.13
N LEU S 7 -6.87 -11.61 12.34
CA LEU S 7 -6.97 -10.33 13.04
C LEU S 7 -7.81 -9.33 12.24
N ALA S 8 -7.67 -9.32 10.92
CA ALA S 8 -8.46 -8.43 10.09
C ALA S 8 -9.94 -8.74 10.20
N ASP S 9 -10.29 -10.02 10.21
CA ASP S 9 -11.70 -10.42 10.30
C ASP S 9 -12.28 -10.00 11.65
N ALA S 10 -11.52 -10.14 12.73
CA ALA S 10 -12.03 -9.80 14.05
C ALA S 10 -12.22 -8.30 14.20
N LEU S 11 -11.22 -7.51 13.79
CA LEU S 11 -11.34 -6.06 13.94
C LEU S 11 -12.48 -5.51 13.11
N LYS S 12 -12.65 -6.00 11.88
CA LYS S 12 -13.75 -5.55 11.06
C LYS S 12 -15.09 -5.98 11.63
N SER S 13 -15.13 -7.09 12.37
CA SER S 13 -16.37 -7.49 13.02
C SER S 13 -16.67 -6.59 14.20
N ILE S 14 -15.64 -6.16 14.93
CA ILE S 14 -15.86 -5.28 16.08
C ILE S 14 -16.28 -3.90 15.63
N THR S 15 -15.67 -3.38 14.57
CA THR S 15 -16.03 -2.05 14.07
C THR S 15 -17.47 -2.01 13.59
N ASN S 16 -17.91 -3.06 12.89
CA ASN S 16 -19.28 -3.09 12.41
C ASN S 16 -20.28 -3.09 13.56
N ALA S 17 -19.99 -3.85 14.61
CA ALA S 17 -20.91 -3.91 15.74
C ALA S 17 -21.02 -2.57 16.43
N GLU S 18 -19.90 -1.86 16.59
CA GLU S 18 -19.94 -0.59 17.30
C GLU S 18 -20.68 0.47 16.51
N LYS S 19 -20.62 0.42 15.19
CA LYS S 19 -21.40 1.36 14.38
C LYS S 19 -22.89 1.16 14.60
N GLN S 20 -23.33 -0.10 14.70
CA GLN S 20 -24.73 -0.40 14.96
C GLN S 20 -25.11 -0.20 16.42
N GLY S 21 -24.15 0.12 17.30
CA GLY S 21 -24.46 0.30 18.70
C GLY S 21 -24.72 -0.98 19.47
N LYS S 22 -24.19 -2.11 18.99
CA LYS S 22 -24.40 -3.37 19.67
C LYS S 22 -23.67 -3.40 21.01
N ARG S 23 -24.20 -4.20 21.93
CA ARG S 23 -23.62 -4.26 23.27
C ARG S 23 -22.45 -5.22 23.36
N GLN S 24 -22.42 -6.25 22.53
CA GLN S 24 -21.29 -7.17 22.52
C GLN S 24 -21.21 -7.86 21.17
N VAL S 25 -20.03 -8.39 20.87
CA VAL S 25 -19.72 -8.98 19.58
C VAL S 25 -19.07 -10.34 19.80
N MET S 26 -18.97 -11.12 18.73
CA MET S 26 -18.47 -12.48 18.77
C MET S 26 -17.46 -12.67 17.65
N ILE S 27 -16.33 -13.29 17.97
CA ILE S 27 -15.24 -13.50 17.03
C ILE S 27 -14.94 -15.00 16.99
N ARG S 28 -15.13 -15.61 15.81
CA ARG S 28 -15.13 -17.08 15.76
C ARG S 28 -13.75 -17.67 15.96
N PRO S 29 -12.75 -17.38 15.11
CA PRO S 29 -11.41 -17.92 15.40
C PRO S 29 -10.61 -16.98 16.29
N ALA S 30 -10.23 -17.45 17.48
CA ALA S 30 -9.52 -16.61 18.44
C ALA S 30 -8.08 -17.07 18.57
N SER S 31 -7.15 -16.13 18.38
CA SER S 31 -5.73 -16.41 18.47
C SER S 31 -5.13 -15.68 19.67
N LYS S 32 -3.87 -16.00 19.96
CA LYS S 32 -3.16 -15.26 20.99
C LYS S 32 -2.93 -13.83 20.57
N VAL S 33 -2.71 -13.60 19.27
CA VAL S 33 -2.48 -12.24 18.79
C VAL S 33 -3.74 -11.40 18.91
N ILE S 34 -4.91 -12.02 18.67
CA ILE S 34 -6.16 -11.27 18.81
C ILE S 34 -6.44 -11.00 20.28
N CYS S 35 -6.15 -11.96 21.15
CA CYS S 35 -6.31 -11.75 22.58
C CYS S 35 -5.38 -10.65 23.08
N GLU S 36 -4.13 -10.64 22.60
CA GLU S 36 -3.19 -9.62 23.04
C GLU S 36 -3.51 -8.26 22.43
N PHE S 37 -4.10 -8.22 21.24
CA PHE S 37 -4.50 -6.94 20.67
C PHE S 37 -5.62 -6.30 21.49
N LEU S 38 -6.50 -7.11 22.08
CA LEU S 38 -7.58 -6.55 22.87
C LEU S 38 -7.08 -5.97 24.19
N ASN S 39 -6.03 -6.55 24.77
CA ASN S 39 -5.51 -6.04 26.02
C ASN S 39 -4.99 -4.61 25.86
N VAL S 40 -4.42 -4.30 24.70
CA VAL S 40 -4.01 -2.92 24.43
C VAL S 40 -5.23 -2.01 24.38
N MET S 41 -6.32 -2.50 23.79
CA MET S 41 -7.55 -1.72 23.77
C MET S 41 -8.25 -1.71 25.12
N MET S 42 -8.08 -2.77 25.91
CA MET S 42 -8.68 -2.79 27.24
C MET S 42 -7.93 -1.89 28.21
N LYS S 43 -6.59 -1.87 28.12
CA LYS S 43 -5.81 -1.04 29.03
C LYS S 43 -6.13 0.44 28.83
N HIS S 44 -6.59 0.82 27.65
CA HIS S 44 -7.05 2.18 27.41
C HIS S 44 -8.55 2.33 27.64
N GLN S 45 -9.21 1.30 28.16
CA GLN S 45 -10.63 1.32 28.50
C GLN S 45 -11.53 1.53 27.29
N TYR S 46 -11.06 1.20 26.09
CA TYR S 46 -11.90 1.30 24.91
C TYR S 46 -12.93 0.19 24.87
N ILE S 47 -12.62 -0.97 25.45
CA ILE S 47 -13.55 -2.08 25.57
C ILE S 47 -13.58 -2.53 27.01
N THR S 48 -14.74 -2.96 27.48
CA THR S 48 -14.89 -3.34 28.88
C THR S 48 -14.02 -4.55 29.21
N ASP S 49 -14.31 -5.68 28.59
CA ASP S 49 -13.58 -6.92 28.84
C ASP S 49 -13.92 -7.89 27.71
N TYR S 50 -13.51 -9.15 27.87
CA TYR S 50 -13.87 -10.19 26.90
C TYR S 50 -13.76 -11.54 27.58
N THR S 51 -14.26 -12.56 26.91
CA THR S 51 -14.33 -13.91 27.47
C THR S 51 -13.94 -14.91 26.40
N VAL S 52 -12.78 -15.55 26.56
CA VAL S 52 -12.35 -16.58 25.62
C VAL S 52 -13.03 -17.88 26.00
N VAL S 53 -13.99 -18.31 25.18
CA VAL S 53 -14.69 -19.56 25.42
C VAL S 53 -14.01 -20.65 24.60
N ASP S 54 -13.57 -21.70 25.28
CA ASP S 54 -12.84 -22.78 24.61
C ASP S 54 -13.82 -23.75 23.98
N THR S 55 -13.58 -24.08 22.71
CA THR S 55 -14.42 -25.03 21.99
C THR S 55 -13.62 -26.17 21.38
N HIS S 56 -12.36 -26.35 21.79
CA HIS S 56 -11.44 -27.37 21.29
C HIS S 56 -11.08 -27.16 19.82
N ARG S 57 -11.47 -26.03 19.23
CA ARG S 57 -11.22 -25.75 17.82
C ARG S 57 -10.80 -24.31 17.63
N SER S 58 -9.91 -23.82 18.50
CA SER S 58 -9.56 -22.40 18.56
C SER S 58 -10.81 -21.57 18.82
N GLY S 59 -11.36 -21.79 20.01
CA GLY S 59 -12.69 -21.33 20.37
C GLY S 59 -12.98 -19.85 20.19
N LYS S 60 -14.25 -19.49 20.35
CA LYS S 60 -14.72 -18.15 20.04
C LYS S 60 -14.32 -17.17 21.13
N ILE S 61 -14.66 -15.90 20.91
CA ILE S 61 -14.45 -14.83 21.87
C ILE S 61 -15.71 -13.97 21.89
N VAL S 62 -16.11 -13.52 23.07
CA VAL S 62 -17.21 -12.56 23.22
C VAL S 62 -16.63 -11.29 23.83
N VAL S 63 -16.86 -10.17 23.15
CA VAL S 63 -16.25 -8.88 23.49
C VAL S 63 -17.34 -7.91 23.90
N ASN S 64 -17.18 -7.28 25.06
CA ASN S 64 -18.11 -6.26 25.52
C ASN S 64 -17.60 -4.88 25.12
N LEU S 65 -18.46 -4.09 24.49
CA LEU S 65 -18.12 -2.75 24.03
C LEU S 65 -18.96 -1.73 24.78
N ASN S 66 -18.37 -0.58 25.08
CA ASN S 66 -19.07 0.51 25.75
C ASN S 66 -18.84 1.82 24.99
N GLY S 67 -19.61 2.01 23.92
CA GLY S 67 -19.79 3.31 23.29
C GLY S 67 -18.58 4.20 23.13
N ARG S 68 -17.39 3.63 23.08
CA ARG S 68 -16.17 4.44 23.06
C ARG S 68 -15.34 4.24 21.80
N LEU S 69 -15.22 3.01 21.33
CA LEU S 69 -14.42 2.74 20.14
C LEU S 69 -15.06 3.37 18.91
N ASN S 70 -14.24 4.09 18.14
CA ASN S 70 -14.71 4.64 16.87
C ASN S 70 -14.39 3.69 15.72
N LYS S 71 -13.11 3.35 15.56
CA LYS S 71 -12.70 2.43 14.51
C LYS S 71 -11.41 1.76 14.92
N CYS S 72 -11.38 0.43 14.89
CA CYS S 72 -10.15 -0.34 15.01
C CYS S 72 -9.92 -1.08 13.71
N ALA S 73 -8.75 -0.89 13.12
CA ALA S 73 -8.46 -1.43 11.80
C ALA S 73 -7.11 -2.12 11.81
N VAL S 74 -7.02 -3.22 11.06
CA VAL S 74 -5.74 -3.89 10.86
C VAL S 74 -4.99 -3.20 9.73
N ILE S 75 -3.68 -3.46 9.67
CA ILE S 75 -2.84 -2.99 8.59
C ILE S 75 -2.31 -4.23 7.87
N SER S 76 -2.45 -4.24 6.55
CA SER S 76 -1.96 -5.32 5.70
C SER S 76 -0.43 -5.27 5.76
N PRO S 77 0.30 -6.13 5.03
CA PRO S 77 1.47 -6.80 5.61
C PRO S 77 2.24 -5.98 6.64
N ARG S 78 2.52 -6.60 7.77
CA ARG S 78 3.04 -5.89 8.93
C ARG S 78 4.39 -5.29 8.58
N PHE S 79 4.39 -3.99 8.30
CA PHE S 79 5.63 -3.32 7.91
C PHE S 79 6.58 -3.23 9.08
N ASN S 80 7.86 -3.48 8.82
CA ASN S 80 8.89 -3.26 9.81
C ASN S 80 8.99 -1.78 10.10
N VAL S 81 8.72 -1.39 11.35
CA VAL S 81 8.72 0.02 11.72
C VAL S 81 9.92 0.28 12.61
N THR S 82 10.86 1.07 12.11
CA THR S 82 11.95 1.57 12.91
C THR S 82 11.44 2.67 13.84
N LEU S 83 12.16 2.88 14.94
CA LEU S 83 11.74 3.88 15.92
C LEU S 83 11.70 5.28 15.33
N SER S 84 12.52 5.55 14.30
CA SER S 84 12.49 6.84 13.65
C SER S 84 11.32 6.99 12.68
N GLU S 85 10.63 5.89 12.36
CA GLU S 85 9.50 5.90 11.46
C GLU S 85 8.17 5.95 12.18
N PHE S 86 8.17 6.24 13.48
CA PHE S 86 6.92 6.24 14.24
C PHE S 86 6.05 7.42 13.85
N ASP S 87 6.53 8.65 14.09
CA ASP S 87 5.69 9.81 13.86
C ASP S 87 5.28 9.97 12.41
N LYS S 88 6.00 9.33 11.48
CA LYS S 88 5.48 9.22 10.12
C LYS S 88 4.21 8.38 10.09
N TRP S 89 4.19 7.28 10.85
CA TRP S 89 3.00 6.43 10.89
C TRP S 89 1.90 7.04 11.75
N GLU S 90 2.26 7.72 12.83
CA GLU S 90 1.27 8.38 13.66
C GLU S 90 0.56 9.47 12.89
N ALA S 91 1.30 10.25 12.10
CA ALA S 91 0.72 11.35 11.35
C ALA S 91 -0.21 10.88 10.25
N ASN S 92 -0.22 9.59 9.92
CA ASN S 92 -1.10 9.04 8.89
C ASN S 92 -2.32 8.35 9.48
N LEU S 93 -2.12 7.42 10.40
CA LEU S 93 -3.19 6.54 10.85
C LEU S 93 -3.99 7.06 12.03
N LEU S 94 -3.55 8.15 12.66
CA LEU S 94 -4.23 8.55 13.88
C LEU S 94 -4.85 9.94 13.74
N PRO S 95 -6.05 10.15 14.27
CA PRO S 95 -6.74 11.43 14.06
C PRO S 95 -6.02 12.61 14.67
N SER S 96 -5.36 12.44 15.81
CA SER S 96 -4.70 13.55 16.47
C SER S 96 -3.61 13.01 17.38
N ARG S 97 -2.73 13.92 17.80
CA ARG S 97 -1.61 13.52 18.65
C ARG S 97 -2.04 13.14 20.06
N HIS S 98 -3.27 13.43 20.46
CA HIS S 98 -3.71 13.13 21.82
C HIS S 98 -4.71 11.99 21.92
N PHE S 99 -5.19 11.45 20.80
CA PHE S 99 -6.34 10.55 20.82
C PHE S 99 -5.97 9.13 20.41
N GLY S 100 -5.37 8.94 19.23
CA GLY S 100 -5.22 7.62 18.66
C GLY S 100 -4.25 6.74 19.44
N ALA S 101 -4.08 5.52 18.92
CA ALA S 101 -3.15 4.57 19.51
C ALA S 101 -2.78 3.54 18.46
N LEU S 102 -1.48 3.40 18.19
CA LEU S 102 -0.98 2.36 17.30
C LEU S 102 -0.72 1.08 18.07
N VAL S 103 -0.52 -0.01 17.35
CA VAL S 103 -0.17 -1.29 17.94
C VAL S 103 0.97 -1.89 17.14
N LEU S 104 2.03 -2.30 17.83
CA LEU S 104 3.19 -2.92 17.20
C LEU S 104 3.49 -4.24 17.89
N THR S 105 3.80 -5.26 17.11
CA THR S 105 4.28 -6.53 17.66
C THR S 105 5.80 -6.49 17.69
N THR S 106 6.36 -6.20 18.86
CA THR S 106 7.79 -6.13 19.04
C THR S 106 8.27 -7.39 19.74
N SER S 107 9.60 -7.49 19.92
CA SER S 107 10.15 -8.62 20.64
C SER S 107 9.74 -8.63 22.10
N TYR S 108 9.29 -7.50 22.62
CA TYR S 108 8.83 -7.39 24.01
C TYR S 108 7.33 -7.52 24.13
N GLY S 109 6.72 -8.36 23.28
CA GLY S 109 5.28 -8.52 23.28
C GLY S 109 4.61 -7.61 22.28
N ILE S 110 3.29 -7.48 22.46
CA ILE S 110 2.46 -6.65 21.61
C ILE S 110 2.20 -5.36 22.38
N LEU S 111 2.93 -4.30 22.04
CA LEU S 111 2.83 -3.02 22.72
C LEU S 111 2.13 -2.00 21.84
N ASP S 112 1.81 -0.87 22.44
CA ASP S 112 1.31 0.27 21.69
C ASP S 112 2.48 1.16 21.28
N ASN S 113 2.20 2.32 20.72
CA ASN S 113 3.27 3.23 20.32
C ASN S 113 3.89 3.94 21.52
N THR S 114 3.07 4.33 22.50
CA THR S 114 3.58 5.12 23.60
C THR S 114 4.43 4.30 24.56
N GLU S 115 4.27 2.98 24.59
CA GLU S 115 5.06 2.15 25.47
C GLU S 115 6.12 1.34 24.74
N ALA S 116 6.02 1.19 23.41
CA ALA S 116 7.16 0.71 22.65
C ALA S 116 8.22 1.79 22.53
N ARG S 117 7.78 3.05 22.41
CA ARG S 117 8.73 4.16 22.43
C ARG S 117 9.44 4.24 23.78
N ALA S 118 8.69 4.07 24.87
CA ALA S 118 9.30 4.07 26.19
C ALA S 118 10.24 2.88 26.36
N LYS S 119 9.82 1.71 25.91
CA LYS S 119 10.68 0.53 25.97
C LYS S 119 11.83 0.60 24.98
N HIS S 120 11.83 1.57 24.07
CA HIS S 120 12.88 1.78 23.08
C HIS S 120 13.08 0.52 22.22
N THR S 121 12.04 0.24 21.43
CA THR S 121 12.09 -0.87 20.49
C THR S 121 11.22 -0.52 19.29
N GLY S 122 11.52 -1.17 18.18
CA GLY S 122 10.68 -1.15 17.00
C GLY S 122 10.08 -2.53 16.76
N GLY S 123 9.36 -2.64 15.65
CA GLY S 123 8.81 -3.92 15.27
C GLY S 123 7.80 -3.80 14.17
N ARG S 124 7.24 -4.93 13.80
CA ARG S 124 6.19 -4.95 12.79
C ARG S 124 4.93 -4.32 13.35
N ILE S 125 4.21 -3.61 12.50
CA ILE S 125 3.00 -2.90 12.91
C ILE S 125 1.80 -3.80 12.69
N LEU S 126 0.97 -3.93 13.71
CA LEU S 126 -0.22 -4.78 13.64
C LEU S 126 -1.43 -3.99 13.12
N GLY S 127 -1.79 -2.92 13.82
CA GLY S 127 -2.95 -2.13 13.44
C GLY S 127 -3.08 -0.87 14.26
N PHE S 128 -4.30 -0.40 14.47
CA PHE S 128 -4.53 0.82 15.24
C PHE S 128 -5.98 0.85 15.68
N PHE S 129 -6.28 1.77 16.59
CA PHE S 129 -7.65 2.00 17.03
C PHE S 129 -7.77 3.41 17.57
N TYR S 130 -8.84 4.10 17.18
CA TYR S 130 -9.07 5.46 17.63
C TYR S 130 -9.52 5.41 19.08
N LYS T 6 -13.44 29.74 28.22
CA LYS T 6 -13.14 28.32 28.32
C LYS T 6 -12.97 27.71 26.93
N ILE T 7 -12.20 26.63 26.86
CA ILE T 7 -11.85 26.05 25.56
C ILE T 7 -13.09 25.44 24.90
N GLU T 8 -13.84 24.64 25.64
CA GLU T 8 -15.04 24.03 25.08
C GLU T 8 -16.14 25.07 24.94
N LEU T 9 -16.95 24.91 23.89
CA LEU T 9 -18.16 25.73 23.79
C LEU T 9 -19.22 25.23 24.77
N TYR T 10 -19.35 23.92 24.89
CA TYR T 10 -20.25 23.30 25.85
C TYR T 10 -19.83 21.85 26.02
N ILE T 11 -20.51 21.15 26.92
CA ILE T 11 -20.30 19.72 27.11
C ILE T 11 -21.49 19.00 26.48
N PRO T 12 -21.31 18.32 25.35
CA PRO T 12 -22.46 17.69 24.68
C PRO T 12 -23.03 16.55 25.51
N ARG T 13 -24.32 16.33 25.34
CA ARG T 13 -25.00 15.25 26.03
C ARG T 13 -24.49 13.90 25.54
N HIS T 14 -24.74 12.87 26.34
CA HIS T 14 -24.40 11.50 25.98
C HIS T 14 -25.67 10.68 25.91
N CYS T 15 -25.87 10.00 24.80
CA CYS T 15 -27.04 9.14 24.64
C CYS T 15 -27.01 8.03 25.69
N SER T 16 -28.15 7.82 26.35
CA SER T 16 -28.21 6.78 27.36
C SER T 16 -28.21 5.38 26.76
N VAL T 17 -28.62 5.25 25.50
CA VAL T 17 -28.76 3.94 24.88
C VAL T 17 -27.46 3.46 24.27
N THR T 18 -26.78 4.32 23.51
CA THR T 18 -25.58 3.93 22.79
C THR T 18 -24.30 4.46 23.42
N HIS T 19 -24.39 5.25 24.49
CA HIS T 19 -23.24 5.86 25.14
C HIS T 19 -22.38 6.62 24.15
N THR T 20 -23.04 7.39 23.29
CA THR T 20 -22.38 8.14 22.24
C THR T 20 -22.90 9.57 22.26
N LEU T 21 -22.11 10.48 21.68
CA LEU T 21 -22.42 11.89 21.74
C LEU T 21 -23.67 12.20 20.93
N ILE T 22 -24.26 13.36 21.23
CA ILE T 22 -25.44 13.87 20.54
C ILE T 22 -25.02 15.10 19.74
N ALA T 23 -25.37 15.12 18.46
CA ALA T 23 -25.03 16.25 17.61
C ALA T 23 -25.91 17.45 17.91
N ALA T 24 -25.38 18.63 17.60
CA ALA T 24 -26.15 19.86 17.78
C ALA T 24 -27.25 19.97 16.72
N ASP T 25 -27.06 19.38 15.55
CA ASP T 25 -28.04 19.38 14.49
C ASP T 25 -28.96 18.17 14.51
N ASP T 26 -28.75 17.25 15.45
CA ASP T 26 -29.60 16.06 15.57
C ASP T 26 -30.97 16.48 16.07
N HIS T 27 -31.94 16.51 15.16
CA HIS T 27 -33.30 16.93 15.48
C HIS T 27 -34.24 15.76 15.66
N ALA T 28 -33.73 14.55 15.78
CA ALA T 28 -34.54 13.40 16.10
C ALA T 28 -34.33 12.90 17.52
N ALA T 29 -33.28 13.36 18.20
CA ALA T 29 -33.03 12.94 19.57
C ALA T 29 -34.11 13.47 20.50
N VAL T 30 -34.40 12.70 21.54
CA VAL T 30 -35.45 13.06 22.49
C VAL T 30 -34.87 13.16 23.89
N GLN T 31 -35.73 13.45 24.86
CA GLN T 31 -35.32 13.50 26.26
C GLN T 31 -36.53 13.12 27.11
N ILE T 32 -36.52 11.89 27.61
CA ILE T 32 -37.64 11.34 28.37
C ILE T 32 -37.34 11.50 29.86
N LEU T 33 -38.28 12.12 30.58
CA LEU T 33 -38.16 12.34 32.01
C LEU T 33 -39.15 11.44 32.74
N VAL T 34 -38.66 10.67 33.69
CA VAL T 34 -39.47 9.73 34.45
C VAL T 34 -39.45 10.16 35.91
N PRO T 35 -40.46 10.89 36.36
CA PRO T 35 -40.46 11.35 37.75
C PRO T 35 -40.57 10.20 38.74
N HIS T 36 -39.93 10.39 39.88
CA HIS T 36 -40.01 9.40 40.95
C HIS T 36 -41.37 9.47 41.63
N VAL T 37 -41.84 8.32 42.10
CA VAL T 37 -43.14 8.22 42.74
C VAL T 37 -42.92 7.75 44.17
N ASN T 38 -43.81 8.17 45.07
CA ASN T 38 -43.66 7.87 46.49
C ASN T 38 -44.37 6.57 46.83
N GLU T 39 -44.47 6.28 48.12
CA GLU T 39 -45.14 5.07 48.57
C GLU T 39 -46.64 5.14 48.38
N ASN T 40 -47.19 6.34 48.27
CA ASN T 40 -48.62 6.55 48.01
C ASN T 40 -48.92 6.37 46.53
N GLY T 41 -47.94 6.57 45.67
CA GLY T 41 -48.16 6.52 44.24
C GLY T 41 -48.55 7.86 43.63
N VAL T 42 -47.88 8.94 44.05
CA VAL T 42 -48.05 10.26 43.47
C VAL T 42 -46.67 10.79 43.09
N ILE T 43 -46.57 11.34 41.88
CA ILE T 43 -45.28 11.75 41.35
C ILE T 43 -44.64 12.81 42.24
N LEU T 44 -43.32 12.92 42.12
CA LEU T 44 -42.50 13.86 42.87
C LEU T 44 -41.81 14.81 41.90
N PRO T 45 -41.39 15.99 42.37
CA PRO T 45 -40.66 16.91 41.49
C PRO T 45 -39.32 16.34 41.01
N GLU T 46 -38.78 15.33 41.68
CA GLU T 46 -37.54 14.72 41.26
C GLU T 46 -37.80 13.75 40.11
N SER T 47 -36.86 13.72 39.15
CA SER T 47 -37.00 12.87 37.98
C SER T 47 -35.62 12.48 37.48
N THR T 48 -35.59 11.39 36.71
CA THR T 48 -34.39 10.95 36.02
C THR T 48 -34.57 11.14 34.52
N VAL T 49 -33.50 11.56 33.85
CA VAL T 49 -33.57 11.99 32.46
C VAL T 49 -32.86 10.94 31.60
N TYR T 50 -33.55 10.50 30.55
CA TYR T 50 -32.99 9.58 29.57
C TYR T 50 -32.91 10.29 28.22
N THR T 51 -31.78 10.11 27.54
CA THR T 51 -31.55 10.69 26.22
C THR T 51 -31.32 9.56 25.22
N VAL T 52 -32.01 9.65 24.08
CA VAL T 52 -31.89 8.65 23.02
C VAL T 52 -31.48 9.37 21.75
N LYS T 53 -30.45 8.84 21.08
CA LYS T 53 -29.92 9.47 19.89
C LYS T 53 -30.93 9.36 18.74
N GLY T 54 -30.74 10.22 17.74
CA GLY T 54 -31.68 10.27 16.64
C GLY T 54 -31.70 8.99 15.83
N SER T 55 -30.53 8.46 15.48
CA SER T 55 -30.47 7.29 14.62
C SER T 55 -31.07 6.07 15.29
N VAL T 56 -31.05 6.02 16.63
CA VAL T 56 -31.62 4.88 17.34
C VAL T 56 -33.13 4.81 17.14
N ARG T 57 -33.79 5.97 17.18
CA ARG T 57 -35.25 5.98 17.08
C ARG T 57 -35.72 5.45 15.73
N LYS T 58 -35.07 5.87 14.65
CA LYS T 58 -35.52 5.55 13.30
C LYS T 58 -35.29 4.12 12.92
N ASP T 59 -34.91 3.22 13.83
CA ASP T 59 -34.69 1.82 13.49
C ASP T 59 -35.70 0.88 14.11
N GLY T 60 -36.50 1.32 15.07
CA GLY T 60 -37.30 0.42 15.86
C GLY T 60 -36.62 -0.09 17.10
N ILE T 61 -35.54 0.56 17.52
CA ILE T 61 -34.74 0.09 18.64
C ILE T 61 -34.97 0.92 19.91
N SER T 62 -35.40 2.18 19.78
CA SER T 62 -35.56 3.03 20.94
C SER T 62 -36.48 2.39 21.98
N ASP T 63 -37.60 1.84 21.54
CA ASP T 63 -38.56 1.28 22.50
C ASP T 63 -37.97 0.09 23.25
N HIS T 64 -37.29 -0.82 22.55
CA HIS T 64 -36.71 -1.96 23.24
C HIS T 64 -35.47 -1.56 24.03
N SER T 65 -34.68 -0.65 23.51
CA SER T 65 -33.48 -0.23 24.23
C SER T 65 -33.83 0.46 25.53
N LEU T 66 -34.87 1.30 25.52
CA LEU T 66 -35.28 1.98 26.74
C LEU T 66 -35.75 0.99 27.80
N ASN T 67 -36.50 -0.03 27.38
CA ASN T 67 -36.98 -1.02 28.33
C ASN T 67 -35.83 -1.71 29.06
N ARG T 68 -34.68 -1.84 28.39
CA ARG T 68 -33.50 -2.34 29.08
C ARG T 68 -33.07 -1.37 30.17
N GLN T 69 -33.12 -0.07 29.88
CA GLN T 69 -32.71 0.93 30.85
C GLN T 69 -33.76 1.12 31.94
N PHE T 70 -35.04 1.13 31.58
CA PHE T 70 -36.09 1.28 32.57
C PHE T 70 -36.08 0.11 33.55
N GLN T 71 -35.93 -1.11 33.04
CA GLN T 71 -35.89 -2.28 33.91
C GLN T 71 -34.67 -2.25 34.82
N LYS T 72 -33.53 -1.83 34.30
CA LYS T 72 -32.33 -1.71 35.12
C LYS T 72 -32.53 -0.67 36.23
N ASP T 73 -33.17 0.45 35.92
CA ASP T 73 -33.42 1.48 36.91
C ASP T 73 -34.59 1.16 37.81
N GLY T 74 -35.40 0.16 37.48
CA GLY T 74 -36.46 -0.28 38.36
C GLY T 74 -37.85 0.22 38.02
N PHE T 75 -38.01 1.01 36.95
CA PHE T 75 -39.35 1.49 36.59
C PHE T 75 -40.20 0.38 35.99
N LEU T 76 -39.59 -0.71 35.55
CA LEU T 76 -40.30 -1.90 35.12
C LEU T 76 -39.75 -3.09 35.89
N LYS T 77 -40.56 -4.15 35.98
CA LYS T 77 -40.20 -5.30 36.78
C LYS T 77 -39.85 -6.53 35.95
N THR T 78 -40.69 -6.89 34.97
CA THR T 78 -40.46 -8.12 34.22
C THR T 78 -40.70 -7.95 32.72
N VAL T 79 -40.62 -6.73 32.20
CA VAL T 79 -40.90 -6.51 30.79
C VAL T 79 -39.88 -7.21 29.92
N VAL T 80 -38.60 -7.06 30.24
CA VAL T 80 -37.51 -7.57 29.43
C VAL T 80 -37.01 -8.87 30.07
N PRO T 81 -36.89 -9.95 29.32
CA PRO T 81 -36.47 -11.23 29.92
C PRO T 81 -35.02 -11.18 30.38
N LYS T 82 -34.65 -12.19 31.17
CA LYS T 82 -33.32 -12.19 31.78
C LYS T 82 -32.21 -12.30 30.74
N ASN T 83 -32.42 -13.14 29.73
CA ASN T 83 -31.38 -13.38 28.73
C ASN T 83 -31.22 -12.24 27.75
N MET T 84 -32.05 -11.19 27.84
CA MET T 84 -31.95 -10.04 26.97
C MET T 84 -31.36 -8.83 27.65
N MET T 85 -30.93 -8.96 28.91
CA MET T 85 -30.32 -7.87 29.66
C MET T 85 -28.80 -7.99 29.61
N ILE T 86 -28.16 -6.96 29.09
CA ILE T 86 -26.70 -6.92 29.02
C ILE T 86 -26.21 -5.49 29.27
N ALA U 2 -1.72 -7.25 -5.46
CA ALA U 2 -0.45 -7.70 -4.91
C ALA U 2 0.06 -6.73 -3.86
N ARG U 3 -0.62 -6.68 -2.71
CA ARG U 3 -0.21 -5.79 -1.63
C ARG U 3 0.70 -6.48 -0.63
N GLY U 4 1.07 -7.73 -0.86
CA GLY U 4 1.84 -8.48 0.11
C GLY U 4 3.20 -7.87 0.38
N LEU U 5 3.81 -8.33 1.48
CA LEU U 5 5.09 -7.78 1.91
C LEU U 5 6.19 -8.08 0.90
N HIS U 6 6.22 -9.30 0.36
CA HIS U 6 7.25 -9.71 -0.58
C HIS U 6 6.89 -9.40 -2.03
N ALA U 7 5.78 -8.73 -2.28
CA ALA U 7 5.31 -8.51 -3.64
C ALA U 7 5.73 -7.12 -4.14
N ALA U 8 7.04 -6.91 -4.23
CA ALA U 8 7.56 -5.70 -4.83
C ALA U 8 7.95 -5.91 -6.29
N ARG U 9 8.06 -7.15 -6.75
CA ARG U 9 8.40 -7.40 -8.14
C ARG U 9 7.23 -7.05 -9.05
N LYS U 10 6.02 -7.50 -8.71
CA LYS U 10 4.85 -7.16 -9.51
C LYS U 10 4.46 -5.70 -9.32
N MET U 11 4.54 -5.20 -8.08
CA MET U 11 4.21 -3.81 -7.81
C MET U 11 5.05 -2.85 -8.65
N LEU U 12 6.25 -3.28 -9.03
CA LEU U 12 7.14 -2.46 -9.85
C LEU U 12 6.90 -2.68 -11.34
N ALA U 13 6.66 -3.92 -11.75
CA ALA U 13 6.38 -4.19 -13.15
C ALA U 13 5.04 -3.60 -13.58
N GLN U 14 4.07 -3.51 -12.67
CA GLN U 14 2.81 -2.89 -12.99
C GLN U 14 2.99 -1.42 -13.35
N ARG U 15 3.87 -0.72 -12.63
CA ARG U 15 4.06 0.70 -12.87
C ARG U 15 4.89 0.98 -14.12
N ARG U 16 5.84 0.10 -14.44
CA ARG U 16 6.60 0.29 -15.68
C ARG U 16 5.71 0.20 -16.89
N ALA U 17 4.81 -0.78 -16.92
CA ALA U 17 3.96 -0.98 -18.09
C ALA U 17 2.90 0.10 -18.19
N ASN U 18 2.26 0.43 -17.08
CA ASN U 18 1.15 1.38 -17.07
C ASN U 18 1.59 2.81 -17.32
N LYS U 19 2.88 3.12 -17.23
CA LYS U 19 3.33 4.47 -17.50
C LYS U 19 3.41 4.77 -18.98
N TRP U 20 3.40 3.74 -19.84
CA TRP U 20 3.45 3.97 -21.27
C TRP U 20 2.12 4.47 -21.82
N ALA U 21 1.04 4.30 -21.08
CA ALA U 21 -0.25 4.84 -21.48
C ALA U 21 -0.33 6.35 -21.26
N ASP U 22 0.64 6.94 -20.58
CA ASP U 22 0.65 8.38 -20.39
C ASP U 22 0.91 9.07 -21.72
N LYS U 23 -0.08 9.82 -22.21
CA LYS U 23 0.05 10.47 -23.49
C LYS U 23 1.19 11.48 -23.49
N GLU U 24 1.49 12.08 -22.34
CA GLU U 24 2.48 13.14 -22.23
C GLU U 24 3.86 12.64 -21.84
N TRP U 25 3.93 11.70 -20.89
CA TRP U 25 5.23 11.17 -20.47
C TRP U 25 5.87 10.36 -21.58
N LYS U 26 5.07 9.58 -22.31
CA LYS U 26 5.61 8.77 -23.41
C LYS U 26 6.17 9.66 -24.52
N LYS U 27 5.61 10.85 -24.71
CA LYS U 27 6.05 11.71 -25.81
C LYS U 27 7.50 12.14 -25.63
N GLY U 28 7.88 12.51 -24.42
CA GLY U 28 9.23 12.97 -24.17
C GLY U 28 10.24 11.88 -23.93
N LYS U 29 9.88 10.62 -24.19
CA LYS U 29 10.77 9.49 -23.96
C LYS U 29 11.03 8.66 -25.21
N LEU U 30 10.01 8.41 -26.02
CA LEU U 30 10.20 7.64 -27.23
C LEU U 30 10.89 8.48 -28.29
N VAL U 31 11.54 7.81 -29.24
CA VAL U 31 12.45 8.49 -30.18
C VAL U 31 11.60 8.90 -31.38
N THR U 32 10.95 10.06 -31.25
CA THR U 32 10.44 10.79 -32.39
C THR U 32 10.71 12.28 -32.30
N ARG U 33 11.10 12.79 -31.13
CA ARG U 33 11.38 14.22 -30.99
C ARG U 33 12.53 14.63 -31.89
N TYR U 34 13.43 13.71 -32.21
CA TYR U 34 14.56 14.01 -33.07
C TYR U 34 14.30 13.69 -34.54
N LYS U 35 13.17 13.07 -34.87
CA LYS U 35 12.84 12.77 -36.25
C LYS U 35 11.56 13.46 -36.71
N CYS U 36 10.46 13.28 -35.98
CA CYS U 36 9.19 13.85 -36.41
C CYS U 36 9.08 15.34 -36.11
N ASN U 37 9.68 15.80 -35.03
CA ASN U 37 9.55 17.20 -34.63
C ASN U 37 10.41 18.08 -35.53
N PRO U 38 9.83 19.05 -36.23
CA PRO U 38 10.65 19.92 -37.09
C PRO U 38 11.67 20.74 -36.33
N LEU U 39 11.50 20.91 -35.02
CA LEU U 39 12.42 21.69 -34.21
C LEU U 39 13.47 20.84 -33.51
N GLY U 40 13.15 19.59 -33.20
CA GLY U 40 14.00 18.79 -32.32
C GLY U 40 13.84 19.23 -30.88
N THR U 41 14.94 19.30 -30.13
CA THR U 41 14.93 19.87 -28.80
C THR U 41 15.25 21.36 -28.82
N ALA U 42 15.39 21.94 -30.00
CA ALA U 42 15.72 23.35 -30.12
C ALA U 42 14.60 24.23 -29.59
N SER U 43 14.98 25.34 -28.97
CA SER U 43 13.99 26.33 -28.57
C SER U 43 13.47 27.11 -29.78
N HIS U 44 14.38 27.49 -30.68
CA HIS U 44 14.03 28.24 -31.89
C HIS U 44 14.58 27.52 -33.11
N ALA U 45 14.51 28.15 -34.27
CA ALA U 45 15.06 27.58 -35.48
C ALA U 45 15.25 28.67 -36.52
N LYS U 46 16.26 28.50 -37.37
CA LYS U 46 16.56 29.42 -38.45
C LYS U 46 16.17 28.77 -39.77
N GLY U 47 15.46 29.53 -40.62
CA GLY U 47 14.93 29.01 -41.86
C GLY U 47 14.96 30.04 -42.96
N LEU U 48 14.44 29.63 -44.12
CA LEU U 48 14.37 30.47 -45.31
C LEU U 48 12.93 30.49 -45.81
N VAL U 49 12.48 31.67 -46.25
CA VAL U 49 11.12 31.86 -46.74
C VAL U 49 11.07 31.51 -48.22
N GLN U 50 10.01 30.80 -48.62
CA GLN U 50 9.82 30.48 -50.03
C GLN U 50 8.38 30.61 -50.50
N GLU U 51 7.45 31.06 -49.66
CA GLU U 51 6.07 31.28 -50.05
C GLU U 51 5.35 32.02 -48.93
N LYS U 52 4.44 32.91 -49.30
CA LYS U 52 3.63 33.66 -48.35
C LYS U 52 2.20 33.17 -48.47
N LEU U 53 1.63 32.72 -47.35
CA LEU U 53 0.34 32.04 -47.35
C LEU U 53 -0.68 32.83 -46.54
N GLY U 54 -1.94 32.72 -46.95
CA GLY U 54 -3.03 33.27 -46.19
C GLY U 54 -4.01 32.20 -45.78
N ILE U 55 -4.08 31.90 -44.49
CA ILE U 55 -4.87 30.80 -43.96
C ILE U 55 -6.22 31.35 -43.53
N GLU U 56 -7.30 30.79 -44.07
CA GLU U 56 -8.63 31.17 -43.62
C GLU U 56 -8.86 30.66 -42.21
N THR U 57 -9.57 31.44 -41.40
CA THR U 57 -9.77 31.09 -40.01
C THR U 57 -10.73 29.92 -39.87
N LYS U 58 -10.94 29.49 -38.62
CA LYS U 58 -11.81 28.37 -38.34
C LYS U 58 -13.27 28.82 -38.45
N GLN U 59 -14.19 27.92 -38.10
CA GLN U 59 -15.60 28.15 -38.36
C GLN U 59 -16.18 29.40 -37.69
N PRO U 60 -16.03 29.61 -36.37
CA PRO U 60 -16.68 30.76 -35.73
C PRO U 60 -16.00 32.09 -36.00
N ASN U 61 -15.03 32.15 -36.91
CA ASN U 61 -14.36 33.39 -37.27
C ASN U 61 -14.32 33.49 -38.79
N SER U 62 -14.17 34.71 -39.29
CA SER U 62 -13.98 34.95 -40.70
C SER U 62 -12.83 35.93 -40.89
N GLY U 63 -11.92 35.60 -41.79
CA GLY U 63 -10.73 36.41 -42.00
C GLY U 63 -9.63 35.55 -42.58
N ILE U 64 -8.49 36.20 -42.81
CA ILE U 64 -7.33 35.56 -43.42
C ILE U 64 -6.13 35.79 -42.52
N ARG U 65 -5.72 34.75 -41.80
CA ARG U 65 -4.50 34.81 -40.99
C ARG U 65 -3.30 34.62 -41.92
N LYS U 66 -2.52 35.68 -42.12
CA LYS U 66 -1.37 35.60 -42.99
C LYS U 66 -0.33 34.64 -42.44
N CYS U 67 0.42 34.02 -43.34
CA CYS U 67 1.43 33.04 -42.94
C CYS U 67 2.49 32.97 -44.02
N VAL U 68 3.55 32.20 -43.74
CA VAL U 68 4.63 31.97 -44.68
C VAL U 68 4.99 30.49 -44.67
N ARG U 69 5.66 30.05 -45.72
CA ARG U 69 6.22 28.71 -45.80
C ARG U 69 7.73 28.81 -45.66
N VAL U 70 8.27 28.15 -44.63
CA VAL U 70 9.67 28.29 -44.25
C VAL U 70 10.34 26.92 -44.28
N ARG U 71 11.50 26.85 -44.92
CA ARG U 71 12.35 25.68 -44.91
C ARG U 71 13.53 25.94 -43.99
N LEU U 72 13.78 25.02 -43.06
CA LEU U 72 14.82 25.22 -42.06
C LEU U 72 16.20 25.03 -42.68
N LEU U 73 17.24 25.05 -41.83
CA LEU U 73 18.60 24.80 -42.28
C LEU U 73 19.16 23.49 -41.75
N LYS U 74 18.59 22.93 -40.69
CA LYS U 74 19.08 21.68 -40.10
C LYS U 74 18.34 20.47 -40.68
N ASN U 75 17.03 20.41 -40.49
CA ASN U 75 16.24 19.30 -41.04
C ASN U 75 16.07 19.45 -42.54
N GLY U 76 15.82 20.66 -43.01
CA GLY U 76 15.43 20.88 -44.39
C GLY U 76 13.95 20.72 -44.66
N LYS U 77 13.15 20.46 -43.63
CA LYS U 77 11.71 20.29 -43.81
C LYS U 77 11.05 21.65 -44.02
N LYS U 78 9.80 21.60 -44.47
CA LYS U 78 9.00 22.80 -44.68
C LYS U 78 7.98 22.93 -43.56
N ILE U 79 7.82 24.14 -43.04
CA ILE U 79 6.88 24.42 -41.97
C ILE U 79 6.17 25.73 -42.26
N THR U 80 4.88 25.78 -41.96
CA THR U 80 4.08 26.99 -42.09
C THR U 80 4.21 27.79 -40.80
N ALA U 81 4.62 29.05 -40.92
CA ALA U 81 4.88 29.91 -39.78
C ALA U 81 3.93 31.10 -39.80
N PHE U 82 3.33 31.39 -38.66
CA PHE U 82 2.48 32.57 -38.52
C PHE U 82 3.34 33.83 -38.51
N VAL U 83 2.72 34.94 -38.87
CA VAL U 83 3.32 36.27 -38.75
C VAL U 83 2.79 36.90 -37.48
N PRO U 84 3.65 37.29 -36.53
CA PRO U 84 3.17 37.63 -35.18
C PRO U 84 2.12 38.73 -35.11
N ARG U 85 2.44 39.93 -35.60
CA ARG U 85 1.64 41.11 -35.32
C ARG U 85 0.89 41.58 -36.56
N ASP U 86 0.14 42.68 -36.38
CA ASP U 86 -0.69 43.21 -37.45
C ASP U 86 0.16 43.90 -38.51
N GLY U 87 -0.12 43.59 -39.77
CA GLY U 87 0.61 44.21 -40.87
C GLY U 87 2.06 43.81 -40.94
N SER U 88 2.45 42.71 -40.31
CA SER U 88 3.84 42.28 -40.29
C SER U 88 4.24 41.47 -41.51
N LEU U 89 3.30 41.20 -42.42
CA LEU U 89 3.65 40.51 -43.65
C LEU U 89 4.42 41.42 -44.60
N ASN U 90 4.21 42.74 -44.50
CA ASN U 90 4.93 43.66 -45.38
C ASN U 90 6.43 43.62 -45.12
N TYR U 91 6.83 43.55 -43.84
CA TYR U 91 8.25 43.56 -43.50
C TYR U 91 8.94 42.25 -43.85
N VAL U 92 8.20 41.20 -44.18
CA VAL U 92 8.82 39.93 -44.54
C VAL U 92 9.19 39.94 -46.01
N ASN U 93 10.21 39.16 -46.36
CA ASN U 93 10.70 39.08 -47.73
C ASN U 93 10.96 37.60 -48.03
N GLU U 94 11.65 37.34 -49.13
CA GLU U 94 12.00 35.99 -49.52
C GLU U 94 13.51 35.80 -49.44
N ASN U 95 13.91 34.55 -49.22
CA ASN U 95 15.33 34.18 -49.12
C ASN U 95 16.04 34.95 -48.02
N ASP U 96 15.40 35.06 -46.86
CA ASP U 96 15.97 35.74 -45.71
C ASP U 96 15.75 34.88 -44.47
N GLU U 97 16.63 35.10 -43.48
CA GLU U 97 16.59 34.30 -42.26
C GLU U 97 15.41 34.70 -41.39
N VAL U 98 14.65 33.71 -40.94
CA VAL U 98 13.51 33.94 -40.05
C VAL U 98 13.65 32.99 -38.86
N LEU U 99 13.54 33.53 -37.65
CA LEU U 99 13.57 32.71 -36.45
C LEU U 99 12.17 32.21 -36.14
N ILE U 100 12.08 30.93 -35.82
CA ILE U 100 10.81 30.24 -35.65
C ILE U 100 10.78 29.64 -34.25
N SER U 101 9.82 30.08 -33.41
CA SER U 101 9.76 29.64 -32.02
C SER U 101 8.34 29.26 -31.63
N GLY U 102 7.97 28.01 -31.92
CA GLY U 102 6.76 27.39 -31.40
C GLY U 102 5.52 28.27 -31.37
N PHE U 103 4.66 28.04 -30.38
CA PHE U 103 3.52 28.90 -30.10
C PHE U 103 3.24 28.82 -28.62
N GLY U 104 2.07 29.30 -28.21
CA GLY U 104 1.71 29.23 -26.80
C GLY U 104 1.60 27.80 -26.29
N ARG U 105 1.14 26.89 -27.13
CA ARG U 105 0.97 25.50 -26.74
C ARG U 105 2.18 24.68 -27.15
N ARG U 106 2.49 23.67 -26.33
CA ARG U 106 3.73 22.91 -26.45
C ARG U 106 3.67 22.00 -27.68
N GLY U 107 3.95 22.58 -28.83
CA GLY U 107 4.01 21.82 -30.07
C GLY U 107 2.70 21.20 -30.50
N THR V 12 51.15 46.28 18.93
CA THR V 12 49.73 46.50 18.76
C THR V 12 49.03 45.19 18.40
N ARG V 13 47.84 44.97 18.97
CA ARG V 13 47.07 43.74 18.80
C ARG V 13 47.96 42.58 19.23
N ASN V 14 48.28 41.63 18.36
CA ASN V 14 49.09 40.48 18.72
C ASN V 14 50.49 40.64 18.12
N LEU V 15 51.50 40.36 18.94
CA LEU V 15 52.89 40.41 18.53
C LEU V 15 53.51 39.04 18.66
N ILE V 16 54.18 38.57 17.61
CA ILE V 16 54.84 37.27 17.59
C ILE V 16 56.33 37.51 17.36
N VAL V 17 57.16 36.90 18.20
CA VAL V 17 58.61 37.04 18.10
C VAL V 17 59.14 35.89 17.27
N ASN V 18 59.78 36.21 16.14
CA ASN V 18 60.32 35.19 15.25
C ASN V 18 61.84 35.30 15.22
N PRO V 19 62.55 34.44 15.94
CA PRO V 19 64.02 34.49 15.89
C PRO V 19 64.57 33.87 14.63
N LEU V 20 63.93 32.79 14.17
CA LEU V 20 64.43 32.08 13.00
C LEU V 20 64.42 32.98 11.77
N LEU V 21 63.36 33.75 11.59
CA LEU V 21 63.29 34.72 10.51
C LEU V 21 63.78 36.10 10.94
N CYS V 22 64.30 36.21 12.16
CA CYS V 22 64.82 37.47 12.72
C CYS V 22 63.87 38.64 12.47
N ARG V 23 62.62 38.46 12.92
CA ARG V 23 61.60 39.47 12.70
C ARG V 23 60.54 39.36 13.79
N LYS V 24 59.68 40.37 13.85
CA LYS V 24 58.55 40.39 14.76
C LYS V 24 57.27 40.64 13.98
N GLN V 25 56.26 39.82 14.23
CA GLN V 25 54.99 39.90 13.53
C GLN V 25 53.98 40.57 14.46
N VAL V 26 53.64 41.82 14.15
CA VAL V 26 52.74 42.61 14.99
C VAL V 26 51.65 43.21 14.10
N VAL V 27 50.42 43.18 14.59
CA VAL V 27 49.27 43.69 13.86
C VAL V 27 49.08 45.15 14.27
N VAL V 28 49.53 46.05 13.40
CA VAL V 28 49.46 47.48 13.70
C VAL V 28 48.05 47.98 13.46
N ASP V 29 47.47 48.63 14.46
CA ASP V 29 46.17 49.25 14.36
C ASP V 29 46.36 50.77 14.30
N ILE V 30 45.82 51.39 13.26
CA ILE V 30 45.86 52.84 13.11
C ILE V 30 44.48 53.37 13.48
N TYR V 31 44.38 54.02 14.64
CA TYR V 31 43.10 54.48 15.16
C TYR V 31 42.80 55.92 14.76
N HIS V 32 42.86 56.20 13.46
CA HIS V 32 42.55 57.53 12.97
C HIS V 32 41.19 57.54 12.29
N GLN V 57 63.85 51.32 6.11
CA GLN V 57 64.44 50.35 5.20
C GLN V 57 64.70 49.03 5.92
N THR V 58 64.09 48.89 7.10
CA THR V 58 64.15 47.65 7.86
C THR V 58 62.77 47.17 8.28
N ILE V 59 61.71 47.72 7.69
CA ILE V 59 60.34 47.43 8.07
C ILE V 59 59.57 46.99 6.84
N VAL V 60 58.52 46.20 7.06
CA VAL V 60 57.65 45.74 6.01
C VAL V 60 56.24 46.26 6.30
N LEU V 61 55.68 46.99 5.35
CA LEU V 61 54.34 47.56 5.46
C LEU V 61 53.48 46.96 4.36
N ASN V 62 52.59 46.05 4.73
CA ASN V 62 51.72 45.39 3.77
C ASN V 62 50.52 44.83 4.52
N GLY V 63 49.50 44.45 3.74
CA GLY V 63 48.30 43.86 4.29
C GLY V 63 47.46 44.85 5.08
N PHE V 64 47.03 45.94 4.44
CA PHE V 64 46.24 46.98 5.09
C PHE V 64 44.88 47.09 4.44
N VAL V 65 43.84 47.09 5.26
CA VAL V 65 42.46 47.23 4.79
C VAL V 65 41.71 48.11 5.78
N THR V 66 41.17 49.23 5.30
CA THR V 66 40.50 50.19 6.17
C THR V 66 39.06 49.75 6.42
N LYS V 67 38.26 50.65 6.99
CA LYS V 67 36.84 50.43 7.15
C LYS V 67 36.06 51.27 6.14
N TYR V 68 34.74 51.21 6.23
CA TYR V 68 33.89 51.96 5.32
C TYR V 68 34.05 53.45 5.57
N GLY V 69 34.28 54.20 4.49
CA GLY V 69 34.38 55.65 4.58
C GLY V 69 35.62 56.15 5.30
N GLY V 70 36.68 55.35 5.31
CA GLY V 70 37.89 55.74 6.00
C GLY V 70 37.76 55.55 7.50
N GLY V 71 38.62 56.26 8.22
CA GLY V 71 38.67 56.16 9.67
C GLY V 71 39.73 55.16 10.13
N LYS V 72 39.33 54.23 10.98
CA LYS V 72 40.26 53.24 11.49
C LYS V 72 40.80 52.37 10.36
N THR V 73 42.08 52.02 10.46
CA THR V 73 42.72 51.13 9.50
C THR V 73 43.63 50.18 10.26
N SER V 74 43.61 48.90 9.86
CA SER V 74 44.44 47.88 10.45
C SER V 74 45.45 47.38 9.44
N GLY V 75 46.47 46.69 9.94
CA GLY V 75 47.49 46.14 9.07
C GLY V 75 48.50 45.35 9.88
N PHE V 76 49.42 44.71 9.15
CA PHE V 76 50.49 43.94 9.75
C PHE V 76 51.80 44.70 9.59
N ALA V 77 52.58 44.76 10.66
CA ALA V 77 53.89 45.39 10.65
C ALA V 77 54.96 44.33 10.87
N LEU V 78 55.92 44.26 9.96
CA LEU V 78 57.04 43.33 10.05
C LEU V 78 58.34 44.11 10.13
N ILE V 79 59.16 43.80 11.12
CA ILE V 79 60.43 44.48 11.33
C ILE V 79 61.55 43.46 11.22
N TYR V 80 62.52 43.73 10.34
CA TYR V 80 63.58 42.79 10.04
C TYR V 80 64.91 43.17 10.68
N ASP V 81 64.89 44.12 11.63
CA ASP V 81 66.09 44.71 12.22
C ASP V 81 67.23 44.88 11.23
N THR V 82 68.04 43.85 11.05
CA THR V 82 69.20 43.94 10.17
C THR V 82 68.77 44.23 8.73
N LEU V 83 69.50 45.12 8.06
CA LEU V 83 69.25 45.37 6.65
C LEU V 83 69.56 44.14 5.80
N SER V 84 70.45 43.26 6.28
CA SER V 84 70.73 42.03 5.55
C SER V 84 69.48 41.16 5.45
N ALA V 85 68.66 41.16 6.51
CA ALA V 85 67.40 40.42 6.46
C ALA V 85 66.52 40.94 5.32
N LEU V 86 66.28 42.25 5.27
CA LEU V 86 65.56 42.82 4.15
C LEU V 86 66.30 42.57 2.84
N LYS V 87 67.61 42.45 2.89
CA LYS V 87 68.39 42.15 1.70
C LYS V 87 68.25 40.69 1.26
N LYS V 88 67.83 39.79 2.14
CA LYS V 88 67.76 38.37 1.78
C LYS V 88 66.40 37.76 2.08
N PHE V 89 65.76 38.18 3.16
CA PHE V 89 64.50 37.57 3.58
C PHE V 89 63.30 38.30 2.99
N VAL V 90 63.29 38.45 1.66
CA VAL V 90 62.17 39.07 0.95
C VAL V 90 61.94 38.30 -0.34
N PRO V 91 60.71 37.81 -0.59
CA PRO V 91 60.38 37.09 -1.82
C PRO V 91 60.57 37.95 -3.08
#